data_6FCE
# 
_entry.id   6FCE 
# 
_audit_conform.dict_name       mmcif_pdbx.dic 
_audit_conform.dict_version    5.397 
_audit_conform.dict_location   http://mmcif.pdb.org/dictionaries/ascii/mmcif_pdbx.dic 
# 
loop_
_database_2.database_id 
_database_2.database_code 
_database_2.pdbx_database_accession 
_database_2.pdbx_DOI 
PDB   6FCE         pdb_00006fce 10.2210/pdb6fce/pdb 
WWPDB D_1200008071 ?            ?                   
BMRB  34222        ?            10.13018/BMR34222   
# 
loop_
_pdbx_audit_revision_history.ordinal 
_pdbx_audit_revision_history.data_content_type 
_pdbx_audit_revision_history.major_revision 
_pdbx_audit_revision_history.minor_revision 
_pdbx_audit_revision_history.revision_date 
1 'Structure model' 1 0 2018-04-25 
2 'Structure model' 2 0 2018-05-23 
3 'Structure model' 2 1 2024-10-16 
# 
_pdbx_audit_revision_details.ordinal             1 
_pdbx_audit_revision_details.revision_ordinal    1 
_pdbx_audit_revision_details.data_content_type   'Structure model' 
_pdbx_audit_revision_details.provider            repository 
_pdbx_audit_revision_details.type                'Initial release' 
_pdbx_audit_revision_details.description         ? 
_pdbx_audit_revision_details.details             ? 
# 
loop_
_pdbx_audit_revision_group.ordinal 
_pdbx_audit_revision_group.revision_ordinal 
_pdbx_audit_revision_group.data_content_type 
_pdbx_audit_revision_group.group 
1 2 'Structure model' 'Atomic model'         
2 2 'Structure model' 'Data collection'      
3 2 'Structure model' 'Database references'  
4 2 'Structure model' 'Source and taxonomy'  
5 3 'Structure model' 'Data collection'      
6 3 'Structure model' 'Database references'  
7 3 'Structure model' 'Derived calculations' 
8 3 'Structure model' 'Structure summary'    
# 
loop_
_pdbx_audit_revision_category.ordinal 
_pdbx_audit_revision_category.revision_ordinal 
_pdbx_audit_revision_category.data_content_type 
_pdbx_audit_revision_category.category 
1 2 'Structure model' atom_site                 
2 2 'Structure model' citation                  
3 2 'Structure model' pdbx_entity_src_syn       
4 3 'Structure model' chem_comp_atom            
5 3 'Structure model' chem_comp_bond            
6 3 'Structure model' database_2                
7 3 'Structure model' pdbx_entry_details        
8 3 'Structure model' pdbx_modification_feature 
9 3 'Structure model' struct_conn               
# 
loop_
_pdbx_audit_revision_item.ordinal 
_pdbx_audit_revision_item.revision_ordinal 
_pdbx_audit_revision_item.data_content_type 
_pdbx_audit_revision_item.item 
1  2 'Structure model' '_atom_site.auth_atom_id'               
2  2 'Structure model' '_atom_site.label_atom_id'              
3  2 'Structure model' '_citation.journal_volume'              
4  2 'Structure model' '_citation.page_first'                  
5  2 'Structure model' '_citation.page_last'                   
6  2 'Structure model' '_pdbx_entity_src_syn.ncbi_taxonomy_id' 
7  3 'Structure model' '_database_2.pdbx_DOI'                  
8  3 'Structure model' '_database_2.pdbx_database_accession'   
9  3 'Structure model' '_struct_conn.pdbx_dist_value'          
10 3 'Structure model' '_struct_conn.pdbx_leaving_atom_flag'   
11 3 'Structure model' '_struct_conn.ptnr1_label_atom_id'      
12 3 'Structure model' '_struct_conn.ptnr2_auth_comp_id'       
13 3 'Structure model' '_struct_conn.ptnr2_auth_seq_id'        
14 3 'Structure model' '_struct_conn.ptnr2_label_atom_id'      
15 3 'Structure model' '_struct_conn.ptnr2_label_comp_id'      
16 3 'Structure model' '_struct_conn.ptnr2_label_seq_id'       
# 
_pdbx_database_status.status_code                     REL 
_pdbx_database_status.status_code_sf                  ? 
_pdbx_database_status.status_code_mr                  REL 
_pdbx_database_status.entry_id                        6FCE 
_pdbx_database_status.recvd_initial_deposition_date   2017-12-20 
_pdbx_database_status.SG_entry                        N 
_pdbx_database_status.deposit_site                    PDBE 
_pdbx_database_status.process_site                    PDBE 
_pdbx_database_status.status_code_cs                  REL 
_pdbx_database_status.methods_development_category    ? 
_pdbx_database_status.pdb_format_compatible           Y 
_pdbx_database_status.status_code_nmr_data            ? 
# 
_pdbx_database_related.db_name        BMRB 
_pdbx_database_related.details        
;NMR ensemble of Macrocyclic Peptidomimetic Containing Constrained a,a-dialkylated Amino Acids with Potent and Selective Activity at Human Melanocortin Receptors
;
_pdbx_database_related.db_id          34222 
_pdbx_database_related.content_type   unspecified 
# 
loop_
_audit_author.name 
_audit_author.pdbx_ordinal 
_audit_author.identifier_ORCID 
'Brancaccio, D.' 1  ? 
'Carotenuto, A.' 2  ? 
'Grieco, P.'     3  ? 
'Merlino, F.'    4  ? 
'Zhou, Y.'       5  ? 
'Cai, M.'        6  ? 
'Yousif, A.M.'   7  ? 
'Di Maro, S.'    8  ? 
'Novellino, E.'  9  ? 
'Hruby, V.J.'    10 ? 
# 
_citation.abstract                  ? 
_citation.abstract_id_CAS           ? 
_citation.book_id_ISBN              ? 
_citation.book_publisher            ? 
_citation.book_publisher_city       ? 
_citation.book_title                ? 
_citation.coordinate_linkage        ? 
_citation.country                   US 
_citation.database_id_Medline       ? 
_citation.details                   ? 
_citation.id                        primary 
_citation.journal_abbrev            'J. Med. Chem.' 
_citation.journal_id_ASTM           JMCMAR 
_citation.journal_id_CSD            0151 
_citation.journal_id_ISSN           1520-4804 
_citation.journal_full              ? 
_citation.journal_issue             ? 
_citation.journal_volume            61 
_citation.language                  ? 
_citation.page_first                4263 
_citation.page_last                 4269 
_citation.title                     
;Development of Macrocyclic Peptidomimetics Containing Constrained alpha , alpha-Dialkylated Amino Acids with Potent and Selective Activity at Human Melanocortin Receptors.
;
_citation.year                      2018 
_citation.database_id_CSD           ? 
_citation.pdbx_database_id_DOI      10.1021/acs.jmedchem.8b00488 
_citation.pdbx_database_id_PubMed   29660981 
_citation.unpublished_flag          ? 
# 
loop_
_citation_author.citation_id 
_citation_author.name 
_citation_author.ordinal 
_citation_author.identifier_ORCID 
primary 'Merlino, F.'    1  ? 
primary 'Zhou, Y.'       2  ? 
primary 'Cai, M.'        3  ? 
primary 'Carotenuto, A.' 4  ? 
primary 'Yousif, A.M.'   5  ? 
primary 'Brancaccio, D.' 6  ? 
primary 'Di Maro, S.'    7  ? 
primary 'Zappavigna, S.' 8  ? 
primary 'Limatola, A.'   9  ? 
primary 'Novellino, E.'  10 ? 
primary 'Grieco, P.'     11 ? 
primary 'Hruby, V.J.'    12 ? 
# 
_entity.id                         1 
_entity.type                       polymer 
_entity.src_method                 syn 
_entity.pdbx_description           ACP-HIS-DPHE-ARG-TRP-ASP-NH2 
_entity.formula_weight             870.977 
_entity.pdbx_number_of_molecules   1 
_entity.pdbx_ec                    ? 
_entity.pdbx_mutation              ? 
_entity.pdbx_fragment              ? 
_entity.details                    ? 
# 
_entity_poly.entity_id                      1 
_entity_poly.type                           'polypeptide(L)' 
_entity_poly.nstd_linkage                   no 
_entity_poly.nstd_monomer                   yes 
_entity_poly.pdbx_seq_one_letter_code       '(AC5)H(DPN)RWD(NH2)' 
_entity_poly.pdbx_seq_one_letter_code_can   XHFRWDX 
_entity_poly.pdbx_strand_id                 A 
_entity_poly.pdbx_target_identifier         ? 
# 
loop_
_entity_poly_seq.entity_id 
_entity_poly_seq.num 
_entity_poly_seq.mon_id 
_entity_poly_seq.hetero 
1 1 AC5 n 
1 2 HIS n 
1 3 DPN n 
1 4 ARG n 
1 5 TRP n 
1 6 ASP n 
1 7 NH2 n 
# 
_pdbx_entity_src_syn.entity_id              1 
_pdbx_entity_src_syn.pdbx_src_id            1 
_pdbx_entity_src_syn.pdbx_alt_source_flag   sample 
_pdbx_entity_src_syn.pdbx_beg_seq_num       1 
_pdbx_entity_src_syn.pdbx_end_seq_num       7 
_pdbx_entity_src_syn.organism_scientific    'synthetic construct' 
_pdbx_entity_src_syn.organism_common_name   ? 
_pdbx_entity_src_syn.ncbi_taxonomy_id       32630 
_pdbx_entity_src_syn.details                ? 
# 
loop_
_chem_comp.id 
_chem_comp.type 
_chem_comp.mon_nstd_flag 
_chem_comp.name 
_chem_comp.pdbx_synonyms 
_chem_comp.formula 
_chem_comp.formula_weight 
AC5 'peptide linking'   . '1-AMINOCYCLOPENTANECARBOXYLIC ACID' CYCLO-LEUCINE 'C6 H11 N O2'    129.157 
ARG 'L-peptide linking' y ARGININE                             ?             'C6 H15 N4 O2 1' 175.209 
ASP 'L-peptide linking' y 'ASPARTIC ACID'                      ?             'C4 H7 N O4'     133.103 
DPN 'D-peptide linking' . D-PHENYLALANINE                      ?             'C9 H11 N O2'    165.189 
HIS 'L-peptide linking' y HISTIDINE                            ?             'C6 H10 N3 O2 1' 156.162 
NH2 non-polymer         . 'AMINO GROUP'                        ?             'H2 N'           16.023  
TRP 'L-peptide linking' y TRYPTOPHAN                           ?             'C11 H12 N2 O2'  204.225 
# 
loop_
_pdbx_poly_seq_scheme.asym_id 
_pdbx_poly_seq_scheme.entity_id 
_pdbx_poly_seq_scheme.seq_id 
_pdbx_poly_seq_scheme.mon_id 
_pdbx_poly_seq_scheme.ndb_seq_num 
_pdbx_poly_seq_scheme.pdb_seq_num 
_pdbx_poly_seq_scheme.auth_seq_num 
_pdbx_poly_seq_scheme.pdb_mon_id 
_pdbx_poly_seq_scheme.auth_mon_id 
_pdbx_poly_seq_scheme.pdb_strand_id 
_pdbx_poly_seq_scheme.pdb_ins_code 
_pdbx_poly_seq_scheme.hetero 
A 1 1 AC5 1 5  5  AC5 ACP A . n 
A 1 2 HIS 2 6  6  HIS HIS A . n 
A 1 3 DPN 3 7  7  DPN DPN A . n 
A 1 4 ARG 4 8  8  ARG ARG A . n 
A 1 5 TRP 5 9  9  TRP TRP A . n 
A 1 6 ASP 6 10 10 ASP ASP A . n 
A 1 7 NH2 7 11 11 NH2 NH2 A . n 
# 
_exptl.absorpt_coefficient_mu     ? 
_exptl.absorpt_correction_T_max   ? 
_exptl.absorpt_correction_T_min   ? 
_exptl.absorpt_correction_type    ? 
_exptl.absorpt_process_details    ? 
_exptl.entry_id                   6FCE 
_exptl.crystals_number            ? 
_exptl.details                    ? 
_exptl.method                     'SOLUTION NMR' 
_exptl.method_details             ? 
# 
_struct.entry_id                     6FCE 
_struct.title                        
;NMR ensemble of Macrocyclic Peptidomimetic Containing Constrained a,a-dialkylated Amino Acids with Potent and Selective Activity at Human Melanocortin Receptors
;
_struct.pdbx_model_details           ? 
_struct.pdbx_formula_weight          ? 
_struct.pdbx_formula_weight_method   ? 
_struct.pdbx_model_type_details      ? 
_struct.pdbx_CASP_flag               N 
# 
_struct_keywords.entry_id        6FCE 
_struct_keywords.text            'Melanocortin, Peptidomimetics, Amino acid, dialkylated, de novo protein' 
_struct_keywords.pdbx_keywords   'DE NOVO PROTEIN' 
# 
_struct_asym.id                            A 
_struct_asym.pdbx_blank_PDB_chainid_flag   N 
_struct_asym.pdbx_modified                 N 
_struct_asym.entity_id                     1 
_struct_asym.details                       ? 
# 
_struct_ref.id                         1 
_struct_ref.db_name                    PDB 
_struct_ref.db_code                    6FCE 
_struct_ref.pdbx_db_accession          6FCE 
_struct_ref.pdbx_db_isoform            ? 
_struct_ref.entity_id                  1 
_struct_ref.pdbx_seq_one_letter_code   ? 
_struct_ref.pdbx_align_begin           1 
# 
_struct_ref_seq.align_id                      1 
_struct_ref_seq.ref_id                        1 
_struct_ref_seq.pdbx_PDB_id_code              6FCE 
_struct_ref_seq.pdbx_strand_id                A 
_struct_ref_seq.seq_align_beg                 1 
_struct_ref_seq.pdbx_seq_align_beg_ins_code   ? 
_struct_ref_seq.seq_align_end                 7 
_struct_ref_seq.pdbx_seq_align_end_ins_code   ? 
_struct_ref_seq.pdbx_db_accession             6FCE 
_struct_ref_seq.db_align_beg                  5 
_struct_ref_seq.pdbx_db_align_beg_ins_code    ? 
_struct_ref_seq.db_align_end                  11 
_struct_ref_seq.pdbx_db_align_end_ins_code    ? 
_struct_ref_seq.pdbx_auth_seq_align_beg       5 
_struct_ref_seq.pdbx_auth_seq_align_end       11 
# 
_pdbx_struct_assembly.id                   1 
_pdbx_struct_assembly.details              author_and_software_defined_assembly 
_pdbx_struct_assembly.method_details       PISA 
_pdbx_struct_assembly.oligomeric_details   monomeric 
_pdbx_struct_assembly.oligomeric_count     1 
# 
loop_
_pdbx_struct_assembly_prop.biol_id 
_pdbx_struct_assembly_prop.type 
_pdbx_struct_assembly_prop.value 
_pdbx_struct_assembly_prop.details 
1 'ABSA (A^2)' 110 ? 
1 MORE         0   ? 
1 'SSA (A^2)'  970 ? 
# 
_pdbx_struct_assembly_gen.assembly_id       1 
_pdbx_struct_assembly_gen.oper_expression   1 
_pdbx_struct_assembly_gen.asym_id_list      A 
# 
_pdbx_struct_assembly_auth_evidence.id                     1 
_pdbx_struct_assembly_auth_evidence.assembly_id            1 
_pdbx_struct_assembly_auth_evidence.experimental_support   none 
_pdbx_struct_assembly_auth_evidence.details                ? 
# 
_pdbx_struct_oper_list.id                   1 
_pdbx_struct_oper_list.type                 'identity operation' 
_pdbx_struct_oper_list.name                 1_555 
_pdbx_struct_oper_list.symmetry_operation   ? 
_pdbx_struct_oper_list.matrix[1][1]         1.0000000000 
_pdbx_struct_oper_list.matrix[1][2]         0.0000000000 
_pdbx_struct_oper_list.matrix[1][3]         0.0000000000 
_pdbx_struct_oper_list.vector[1]            0.0000000000 
_pdbx_struct_oper_list.matrix[2][1]         0.0000000000 
_pdbx_struct_oper_list.matrix[2][2]         1.0000000000 
_pdbx_struct_oper_list.matrix[2][3]         0.0000000000 
_pdbx_struct_oper_list.vector[2]            0.0000000000 
_pdbx_struct_oper_list.matrix[3][1]         0.0000000000 
_pdbx_struct_oper_list.matrix[3][2]         0.0000000000 
_pdbx_struct_oper_list.matrix[3][3]         1.0000000000 
_pdbx_struct_oper_list.vector[3]            0.0000000000 
# 
loop_
_struct_conn.id 
_struct_conn.conn_type_id 
_struct_conn.pdbx_leaving_atom_flag 
_struct_conn.pdbx_PDB_id 
_struct_conn.ptnr1_label_asym_id 
_struct_conn.ptnr1_label_comp_id 
_struct_conn.ptnr1_label_seq_id 
_struct_conn.ptnr1_label_atom_id 
_struct_conn.pdbx_ptnr1_label_alt_id 
_struct_conn.pdbx_ptnr1_PDB_ins_code 
_struct_conn.pdbx_ptnr1_standard_comp_id 
_struct_conn.ptnr1_symmetry 
_struct_conn.ptnr2_label_asym_id 
_struct_conn.ptnr2_label_comp_id 
_struct_conn.ptnr2_label_seq_id 
_struct_conn.ptnr2_label_atom_id 
_struct_conn.pdbx_ptnr2_label_alt_id 
_struct_conn.pdbx_ptnr2_PDB_ins_code 
_struct_conn.ptnr1_auth_asym_id 
_struct_conn.ptnr1_auth_comp_id 
_struct_conn.ptnr1_auth_seq_id 
_struct_conn.ptnr2_auth_asym_id 
_struct_conn.ptnr2_auth_comp_id 
_struct_conn.ptnr2_auth_seq_id 
_struct_conn.ptnr2_symmetry 
_struct_conn.pdbx_ptnr3_label_atom_id 
_struct_conn.pdbx_ptnr3_label_seq_id 
_struct_conn.pdbx_ptnr3_label_comp_id 
_struct_conn.pdbx_ptnr3_label_asym_id 
_struct_conn.pdbx_ptnr3_label_alt_id 
_struct_conn.pdbx_ptnr3_PDB_ins_code 
_struct_conn.details 
_struct_conn.pdbx_dist_value 
_struct_conn.pdbx_value_order 
_struct_conn.pdbx_role 
covale1 covale both ? A AC5 1 C ? ? ? 1_555 A HIS 2 N  ? ? A AC5 5  A HIS 6  1_555 ? ? ? ? ? ? ? 1.332 ? ? 
covale2 covale one  ? A AC5 1 N ? ? ? 1_555 A ASP 6 CG ? ? A AC5 5  A ASP 10 1_555 ? ? ? ? ? ? ? 1.341 ? ? 
covale3 covale both ? A HIS 2 C ? ? ? 1_555 A DPN 3 N  ? ? A HIS 6  A DPN 7  1_555 ? ? ? ? ? ? ? 1.345 ? ? 
covale4 covale both ? A DPN 3 C ? ? ? 1_555 A ARG 4 N  ? ? A DPN 7  A ARG 8  1_555 ? ? ? ? ? ? ? 1.344 ? ? 
covale5 covale both ? A ASP 6 C ? ? ? 1_555 A NH2 7 N  ? ? A ASP 10 A NH2 11 1_555 ? ? ? ? ? ? ? 1.320 ? ? 
# 
_struct_conn_type.id          covale 
_struct_conn_type.criteria    ? 
_struct_conn_type.reference   ? 
# 
loop_
_pdbx_modification_feature.ordinal 
_pdbx_modification_feature.label_comp_id 
_pdbx_modification_feature.label_asym_id 
_pdbx_modification_feature.label_seq_id 
_pdbx_modification_feature.label_alt_id 
_pdbx_modification_feature.modified_residue_label_comp_id 
_pdbx_modification_feature.modified_residue_label_asym_id 
_pdbx_modification_feature.modified_residue_label_seq_id 
_pdbx_modification_feature.modified_residue_label_alt_id 
_pdbx_modification_feature.auth_comp_id 
_pdbx_modification_feature.auth_asym_id 
_pdbx_modification_feature.auth_seq_id 
_pdbx_modification_feature.PDB_ins_code 
_pdbx_modification_feature.symmetry 
_pdbx_modification_feature.modified_residue_auth_comp_id 
_pdbx_modification_feature.modified_residue_auth_asym_id 
_pdbx_modification_feature.modified_residue_auth_seq_id 
_pdbx_modification_feature.modified_residue_PDB_ins_code 
_pdbx_modification_feature.modified_residue_symmetry 
_pdbx_modification_feature.comp_id_linking_atom 
_pdbx_modification_feature.modified_residue_id_linking_atom 
_pdbx_modification_feature.modified_residue_id 
_pdbx_modification_feature.ref_pcm_id 
_pdbx_modification_feature.ref_comp_id 
_pdbx_modification_feature.type 
_pdbx_modification_feature.category 
1 AC5 A 1 ? .   . . . AC5 A 5  ? 1_555 .   . .  . .     . .  ?   1 AC5 None 'Non-standard residue' 
2 NH2 A 7 ? ASP A 6 ? NH2 A 11 ? 1_555 ASP A 10 ? 1_555 . .  ASP 9 NH2 None 'Terminal amidation'   
3 AC5 A 1 ? ASP A 6 ? AC5 A 5  ? 1_555 ASP A 10 ? 1_555 N CG .   . .   None 'Isopeptide bond'      
# 
_pdbx_entry_details.entry_id                   6FCE 
_pdbx_entry_details.compound_details           ? 
_pdbx_entry_details.source_details             ? 
_pdbx_entry_details.nonpolymer_details         ? 
_pdbx_entry_details.sequence_details           ? 
_pdbx_entry_details.has_ligand_of_interest     ? 
_pdbx_entry_details.has_protein_modification   Y 
# 
loop_
_pdbx_validate_rmsd_angle.id 
_pdbx_validate_rmsd_angle.PDB_model_num 
_pdbx_validate_rmsd_angle.auth_atom_id_1 
_pdbx_validate_rmsd_angle.auth_asym_id_1 
_pdbx_validate_rmsd_angle.auth_comp_id_1 
_pdbx_validate_rmsd_angle.auth_seq_id_1 
_pdbx_validate_rmsd_angle.PDB_ins_code_1 
_pdbx_validate_rmsd_angle.label_alt_id_1 
_pdbx_validate_rmsd_angle.auth_atom_id_2 
_pdbx_validate_rmsd_angle.auth_asym_id_2 
_pdbx_validate_rmsd_angle.auth_comp_id_2 
_pdbx_validate_rmsd_angle.auth_seq_id_2 
_pdbx_validate_rmsd_angle.PDB_ins_code_2 
_pdbx_validate_rmsd_angle.label_alt_id_2 
_pdbx_validate_rmsd_angle.auth_atom_id_3 
_pdbx_validate_rmsd_angle.auth_asym_id_3 
_pdbx_validate_rmsd_angle.auth_comp_id_3 
_pdbx_validate_rmsd_angle.auth_seq_id_3 
_pdbx_validate_rmsd_angle.PDB_ins_code_3 
_pdbx_validate_rmsd_angle.label_alt_id_3 
_pdbx_validate_rmsd_angle.angle_value 
_pdbx_validate_rmsd_angle.angle_target_value 
_pdbx_validate_rmsd_angle.angle_deviation 
_pdbx_validate_rmsd_angle.angle_standard_deviation 
_pdbx_validate_rmsd_angle.linker_flag 
1  1  ND1 A HIS 6 ? ? CE1 A HIS 6 ? ? NE2 A HIS 6 ? ? 119.98 111.50 8.48  1.30 N 
2  1  NE  A ARG 8 ? ? CZ  A ARG 8 ? ? NH1 A ARG 8 ? ? 123.67 120.30 3.37  0.50 N 
3  2  ND1 A HIS 6 ? ? CE1 A HIS 6 ? ? NE2 A HIS 6 ? ? 119.82 111.50 8.32  1.30 N 
4  2  NE  A ARG 8 ? ? CZ  A ARG 8 ? ? NH1 A ARG 8 ? ? 123.68 120.30 3.38  0.50 N 
5  2  CD1 A TRP 9 ? ? NE1 A TRP 9 ? ? CE2 A TRP 9 ? ? 103.45 109.00 -5.55 0.90 N 
6  3  ND1 A HIS 6 ? ? CE1 A HIS 6 ? ? NE2 A HIS 6 ? ? 120.09 111.50 8.59  1.30 N 
7  3  NE  A ARG 8 ? ? CZ  A ARG 8 ? ? NH2 A ARG 8 ? ? 123.67 120.30 3.37  0.50 N 
8  4  ND1 A HIS 6 ? ? CE1 A HIS 6 ? ? NE2 A HIS 6 ? ? 120.04 111.50 8.54  1.30 N 
9  4  NE  A ARG 8 ? ? CZ  A ARG 8 ? ? NH2 A ARG 8 ? ? 123.54 120.30 3.24  0.50 N 
10 5  ND1 A HIS 6 ? ? CE1 A HIS 6 ? ? NE2 A HIS 6 ? ? 119.91 111.50 8.41  1.30 N 
11 5  NE  A ARG 8 ? ? CZ  A ARG 8 ? ? NH1 A ARG 8 ? ? 123.68 120.30 3.38  0.50 N 
12 6  ND1 A HIS 6 ? ? CE1 A HIS 6 ? ? NE2 A HIS 6 ? ? 120.01 111.50 8.51  1.30 N 
13 6  NE  A ARG 8 ? ? CZ  A ARG 8 ? ? NH2 A ARG 8 ? ? 123.64 120.30 3.34  0.50 N 
14 7  ND1 A HIS 6 ? ? CE1 A HIS 6 ? ? NE2 A HIS 6 ? ? 119.91 111.50 8.41  1.30 N 
15 7  NE  A ARG 8 ? ? CZ  A ARG 8 ? ? NH2 A ARG 8 ? ? 123.64 120.30 3.34  0.50 N 
16 8  ND1 A HIS 6 ? ? CE1 A HIS 6 ? ? NE2 A HIS 6 ? ? 120.05 111.50 8.55  1.30 N 
17 8  NE  A ARG 8 ? ? CZ  A ARG 8 ? ? NH2 A ARG 8 ? ? 123.86 120.30 3.56  0.50 N 
18 9  ND1 A HIS 6 ? ? CE1 A HIS 6 ? ? NE2 A HIS 6 ? ? 120.00 111.50 8.50  1.30 N 
19 9  NE  A ARG 8 ? ? CZ  A ARG 8 ? ? NH1 A ARG 8 ? ? 123.52 120.30 3.22  0.50 N 
20 10 ND1 A HIS 6 ? ? CE1 A HIS 6 ? ? NE2 A HIS 6 ? ? 120.10 111.50 8.60  1.30 N 
21 10 NE  A ARG 8 ? ? CZ  A ARG 8 ? ? NH2 A ARG 8 ? ? 123.56 120.30 3.26  0.50 N 
# 
_pdbx_nmr_ensemble.entry_id                                      6FCE 
_pdbx_nmr_ensemble.conformers_calculated_total_number            100 
_pdbx_nmr_ensemble.conformers_submitted_total_number             10 
_pdbx_nmr_ensemble.conformer_selection_criteria                  'structures with the lowest energy' 
_pdbx_nmr_ensemble.representative_conformer                      ? 
_pdbx_nmr_ensemble.average_constraints_per_residue               ? 
_pdbx_nmr_ensemble.average_constraint_violations_per_residue     ? 
_pdbx_nmr_ensemble.maximum_distance_constraint_violation         ? 
_pdbx_nmr_ensemble.average_distance_constraint_violation         ? 
_pdbx_nmr_ensemble.maximum_upper_distance_constraint_violation   ? 
_pdbx_nmr_ensemble.maximum_lower_distance_constraint_violation   ? 
_pdbx_nmr_ensemble.distance_constraint_violation_method          ? 
_pdbx_nmr_ensemble.maximum_torsion_angle_constraint_violation    ? 
_pdbx_nmr_ensemble.average_torsion_angle_constraint_violation    ? 
_pdbx_nmr_ensemble.torsion_angle_constraint_violation_method     ? 
# 
_pdbx_nmr_representative.entry_id             6FCE 
_pdbx_nmr_representative.conformer_id         1 
_pdbx_nmr_representative.selection_criteria   'lowest energy' 
# 
_pdbx_nmr_sample_details.solution_id      1 
_pdbx_nmr_sample_details.contents         
'2.0 mM Peptide, 10 % v/v [U-99% 2H] D2O, 0.1 mM TSP, 200 mM [U-100% 2H] DPC, 90% H2O/10% D2O' 
_pdbx_nmr_sample_details.solvent_system   '90% H2O/10% D2O' 
_pdbx_nmr_sample_details.label            1H_sample 
_pdbx_nmr_sample_details.type             micelle 
_pdbx_nmr_sample_details.details          ? 
# 
loop_
_pdbx_nmr_exptl_sample.solution_id 
_pdbx_nmr_exptl_sample.component 
_pdbx_nmr_exptl_sample.concentration 
_pdbx_nmr_exptl_sample.concentration_range 
_pdbx_nmr_exptl_sample.concentration_units 
_pdbx_nmr_exptl_sample.isotopic_labeling 
1 Peptide 2.0 ? mM      'natural abundance' 
1 D2O     10  ? '% v/v' '[U-99% 2H]'        
1 TSP     0.1 ? mM      'natural abundance' 
1 DPC     200 ? mM      '[U-100% 2H]'       
# 
_pdbx_nmr_exptl_sample_conditions.conditions_id          1 
_pdbx_nmr_exptl_sample_conditions.temperature            298 
_pdbx_nmr_exptl_sample_conditions.pressure_units         atm 
_pdbx_nmr_exptl_sample_conditions.pressure               1 
_pdbx_nmr_exptl_sample_conditions.pH                     5.5 
_pdbx_nmr_exptl_sample_conditions.ionic_strength         0 
_pdbx_nmr_exptl_sample_conditions.details                ? 
_pdbx_nmr_exptl_sample_conditions.ionic_strength_err     ? 
_pdbx_nmr_exptl_sample_conditions.ionic_strength_units   mM 
_pdbx_nmr_exptl_sample_conditions.label                  conditions_1 
_pdbx_nmr_exptl_sample_conditions.pH_err                 ? 
_pdbx_nmr_exptl_sample_conditions.pH_units               pH 
_pdbx_nmr_exptl_sample_conditions.pressure_err           ? 
_pdbx_nmr_exptl_sample_conditions.temperature_err        ? 
_pdbx_nmr_exptl_sample_conditions.temperature_units      K 
# 
loop_
_pdbx_nmr_exptl.experiment_id 
_pdbx_nmr_exptl.conditions_id 
_pdbx_nmr_exptl.solution_id 
_pdbx_nmr_exptl.type 
_pdbx_nmr_exptl.spectrometer_id 
_pdbx_nmr_exptl.sample_state 
1 1 1 '1D 1H'          1 isotropic 
2 1 1 '2D 1H-1H TOCSY' 1 isotropic 
3 1 1 '2D 1H-1H NOESY' 1 isotropic 
4 1 1 '2D DQF-COSY'    1 isotropic 
# 
_pdbx_nmr_refine.entry_id           6FCE 
_pdbx_nmr_refine.method             'simulated annealing' 
_pdbx_nmr_refine.details            ? 
_pdbx_nmr_refine.software_ordinal   2 
# 
loop_
_pdbx_nmr_software.ordinal 
_pdbx_nmr_software.classification 
_pdbx_nmr_software.name 
_pdbx_nmr_software.version 
_pdbx_nmr_software.authors 
1 'chemical shift assignment' XEASY   ? 'Bartels et al.'                                    
2 'structure calculation'     CYANA   ? 'Guntert, Mumenthaler and Wuthrich'                 
3 processing                  NMRDraw ? 'Delaglio, Grzesiek, Vuister, Zhu, Pfeifer and Bax' 
# 
loop_
_chem_comp_atom.comp_id 
_chem_comp_atom.atom_id 
_chem_comp_atom.type_symbol 
_chem_comp_atom.pdbx_aromatic_flag 
_chem_comp_atom.pdbx_stereo_config 
_chem_comp_atom.pdbx_ordinal 
AC5 N    N N N 1   
AC5 O    O N N 2   
AC5 CA   C N N 3   
AC5 C    C N N 4   
AC5 CB1  C N N 5   
AC5 CB2  C N N 6   
AC5 OXT  O N N 7   
AC5 CG1  C N N 8   
AC5 CG2  C N N 9   
AC5 H    H N N 10  
AC5 H2   H N N 11  
AC5 HB11 H N N 12  
AC5 HB12 H N N 13  
AC5 HB21 H N N 14  
AC5 HB22 H N N 15  
AC5 HXT  H N N 16  
AC5 HG11 H N N 17  
AC5 HG12 H N N 18  
AC5 HG21 H N N 19  
AC5 HG22 H N N 20  
ARG N    N N N 21  
ARG CA   C N S 22  
ARG C    C N N 23  
ARG O    O N N 24  
ARG CB   C N N 25  
ARG CG   C N N 26  
ARG CD   C N N 27  
ARG NE   N N N 28  
ARG CZ   C N N 29  
ARG NH1  N N N 30  
ARG NH2  N N N 31  
ARG OXT  O N N 32  
ARG H    H N N 33  
ARG H2   H N N 34  
ARG HA   H N N 35  
ARG HB2  H N N 36  
ARG HB3  H N N 37  
ARG HG2  H N N 38  
ARG HG3  H N N 39  
ARG HD2  H N N 40  
ARG HD3  H N N 41  
ARG HE   H N N 42  
ARG HH11 H N N 43  
ARG HH12 H N N 44  
ARG HH21 H N N 45  
ARG HH22 H N N 46  
ARG HXT  H N N 47  
ASP N    N N N 48  
ASP CA   C N S 49  
ASP C    C N N 50  
ASP O    O N N 51  
ASP CB   C N N 52  
ASP CG   C N N 53  
ASP OD1  O N N 54  
ASP OD2  O N N 55  
ASP OXT  O N N 56  
ASP H    H N N 57  
ASP H2   H N N 58  
ASP HA   H N N 59  
ASP HB2  H N N 60  
ASP HB3  H N N 61  
ASP HD2  H N N 62  
ASP HXT  H N N 63  
DPN N    N N N 64  
DPN CA   C N R 65  
DPN C    C N N 66  
DPN O    O N N 67  
DPN OXT  O N N 68  
DPN CB   C N N 69  
DPN CG   C Y N 70  
DPN CD1  C Y N 71  
DPN CD2  C Y N 72  
DPN CE1  C Y N 73  
DPN CE2  C Y N 74  
DPN CZ   C Y N 75  
DPN H    H N N 76  
DPN H2   H N N 77  
DPN HA   H N N 78  
DPN HXT  H N N 79  
DPN HB2  H N N 80  
DPN HB3  H N N 81  
DPN HD1  H N N 82  
DPN HD2  H N N 83  
DPN HE1  H N N 84  
DPN HE2  H N N 85  
DPN HZ   H N N 86  
HIS N    N N N 87  
HIS CA   C N S 88  
HIS C    C N N 89  
HIS O    O N N 90  
HIS CB   C N N 91  
HIS CG   C Y N 92  
HIS ND1  N Y N 93  
HIS CD2  C Y N 94  
HIS CE1  C Y N 95  
HIS NE2  N Y N 96  
HIS OXT  O N N 97  
HIS H    H N N 98  
HIS H2   H N N 99  
HIS HA   H N N 100 
HIS HB2  H N N 101 
HIS HB3  H N N 102 
HIS HD1  H N N 103 
HIS HD2  H N N 104 
HIS HE1  H N N 105 
HIS HE2  H N N 106 
HIS HXT  H N N 107 
NH2 N    N N N 108 
NH2 HN1  H N N 109 
NH2 HN2  H N N 110 
TRP N    N N N 111 
TRP CA   C N S 112 
TRP C    C N N 113 
TRP O    O N N 114 
TRP CB   C N N 115 
TRP CG   C Y N 116 
TRP CD1  C Y N 117 
TRP CD2  C Y N 118 
TRP NE1  N Y N 119 
TRP CE2  C Y N 120 
TRP CE3  C Y N 121 
TRP CZ2  C Y N 122 
TRP CZ3  C Y N 123 
TRP CH2  C Y N 124 
TRP OXT  O N N 125 
TRP H    H N N 126 
TRP H2   H N N 127 
TRP HA   H N N 128 
TRP HB2  H N N 129 
TRP HB3  H N N 130 
TRP HD1  H N N 131 
TRP HE1  H N N 132 
TRP HE3  H N N 133 
TRP HZ2  H N N 134 
TRP HZ3  H N N 135 
TRP HH2  H N N 136 
TRP HXT  H N N 137 
# 
loop_
_chem_comp_bond.comp_id 
_chem_comp_bond.atom_id_1 
_chem_comp_bond.atom_id_2 
_chem_comp_bond.value_order 
_chem_comp_bond.pdbx_aromatic_flag 
_chem_comp_bond.pdbx_stereo_config 
_chem_comp_bond.pdbx_ordinal 
AC5 N   CA   sing N N 1   
AC5 N   H    sing N N 2   
AC5 N   H2   sing N N 3   
AC5 O   C    doub N N 4   
AC5 CA  C    sing N N 5   
AC5 CA  CB1  sing N N 6   
AC5 CA  CB2  sing N N 7   
AC5 C   OXT  sing N N 8   
AC5 CB1 CG1  sing N N 9   
AC5 CB1 HB11 sing N N 10  
AC5 CB1 HB12 sing N N 11  
AC5 CB2 CG2  sing N N 12  
AC5 CB2 HB21 sing N N 13  
AC5 CB2 HB22 sing N N 14  
AC5 OXT HXT  sing N N 15  
AC5 CG1 CG2  sing N N 16  
AC5 CG1 HG11 sing N N 17  
AC5 CG1 HG12 sing N N 18  
AC5 CG2 HG21 sing N N 19  
AC5 CG2 HG22 sing N N 20  
ARG N   CA   sing N N 21  
ARG N   H    sing N N 22  
ARG N   H2   sing N N 23  
ARG CA  C    sing N N 24  
ARG CA  CB   sing N N 25  
ARG CA  HA   sing N N 26  
ARG C   O    doub N N 27  
ARG C   OXT  sing N N 28  
ARG CB  CG   sing N N 29  
ARG CB  HB2  sing N N 30  
ARG CB  HB3  sing N N 31  
ARG CG  CD   sing N N 32  
ARG CG  HG2  sing N N 33  
ARG CG  HG3  sing N N 34  
ARG CD  NE   sing N N 35  
ARG CD  HD2  sing N N 36  
ARG CD  HD3  sing N N 37  
ARG NE  CZ   sing N N 38  
ARG NE  HE   sing N N 39  
ARG CZ  NH1  sing N N 40  
ARG CZ  NH2  doub N N 41  
ARG NH1 HH11 sing N N 42  
ARG NH1 HH12 sing N N 43  
ARG NH2 HH21 sing N N 44  
ARG NH2 HH22 sing N N 45  
ARG OXT HXT  sing N N 46  
ASP N   CA   sing N N 47  
ASP N   H    sing N N 48  
ASP N   H2   sing N N 49  
ASP CA  C    sing N N 50  
ASP CA  CB   sing N N 51  
ASP CA  HA   sing N N 52  
ASP C   O    doub N N 53  
ASP C   OXT  sing N N 54  
ASP CB  CG   sing N N 55  
ASP CB  HB2  sing N N 56  
ASP CB  HB3  sing N N 57  
ASP CG  OD1  doub N N 58  
ASP CG  OD2  sing N N 59  
ASP OD2 HD2  sing N N 60  
ASP OXT HXT  sing N N 61  
DPN N   CA   sing N N 62  
DPN N   H    sing N N 63  
DPN N   H2   sing N N 64  
DPN CA  C    sing N N 65  
DPN CA  CB   sing N N 66  
DPN CA  HA   sing N N 67  
DPN C   O    doub N N 68  
DPN C   OXT  sing N N 69  
DPN OXT HXT  sing N N 70  
DPN CB  CG   sing N N 71  
DPN CB  HB2  sing N N 72  
DPN CB  HB3  sing N N 73  
DPN CG  CD1  doub Y N 74  
DPN CG  CD2  sing Y N 75  
DPN CD1 CE1  sing Y N 76  
DPN CD1 HD1  sing N N 77  
DPN CD2 CE2  doub Y N 78  
DPN CD2 HD2  sing N N 79  
DPN CE1 CZ   doub Y N 80  
DPN CE1 HE1  sing N N 81  
DPN CE2 CZ   sing Y N 82  
DPN CE2 HE2  sing N N 83  
DPN CZ  HZ   sing N N 84  
HIS N   CA   sing N N 85  
HIS N   H    sing N N 86  
HIS N   H2   sing N N 87  
HIS CA  C    sing N N 88  
HIS CA  CB   sing N N 89  
HIS CA  HA   sing N N 90  
HIS C   O    doub N N 91  
HIS C   OXT  sing N N 92  
HIS CB  CG   sing N N 93  
HIS CB  HB2  sing N N 94  
HIS CB  HB3  sing N N 95  
HIS CG  ND1  sing Y N 96  
HIS CG  CD2  doub Y N 97  
HIS ND1 CE1  doub Y N 98  
HIS ND1 HD1  sing N N 99  
HIS CD2 NE2  sing Y N 100 
HIS CD2 HD2  sing N N 101 
HIS CE1 NE2  sing Y N 102 
HIS CE1 HE1  sing N N 103 
HIS NE2 HE2  sing N N 104 
HIS OXT HXT  sing N N 105 
NH2 N   HN1  sing N N 106 
NH2 N   HN2  sing N N 107 
TRP N   CA   sing N N 108 
TRP N   H    sing N N 109 
TRP N   H2   sing N N 110 
TRP CA  C    sing N N 111 
TRP CA  CB   sing N N 112 
TRP CA  HA   sing N N 113 
TRP C   O    doub N N 114 
TRP C   OXT  sing N N 115 
TRP CB  CG   sing N N 116 
TRP CB  HB2  sing N N 117 
TRP CB  HB3  sing N N 118 
TRP CG  CD1  doub Y N 119 
TRP CG  CD2  sing Y N 120 
TRP CD1 NE1  sing Y N 121 
TRP CD1 HD1  sing N N 122 
TRP CD2 CE2  doub Y N 123 
TRP CD2 CE3  sing Y N 124 
TRP NE1 CE2  sing Y N 125 
TRP NE1 HE1  sing N N 126 
TRP CE2 CZ2  sing Y N 127 
TRP CE3 CZ3  doub Y N 128 
TRP CE3 HE3  sing N N 129 
TRP CZ2 CH2  doub Y N 130 
TRP CZ2 HZ2  sing N N 131 
TRP CZ3 CH2  sing Y N 132 
TRP CZ3 HZ3  sing N N 133 
TRP CH2 HH2  sing N N 134 
TRP OXT HXT  sing N N 135 
# 
_pdbx_nmr_spectrometer.spectrometer_id   1 
_pdbx_nmr_spectrometer.model             INOVA 
_pdbx_nmr_spectrometer.type              ? 
_pdbx_nmr_spectrometer.manufacturer      Varian 
_pdbx_nmr_spectrometer.field_strength    700 
_pdbx_nmr_spectrometer.details           ? 
# 
_atom_sites.entry_id                    6FCE 
_atom_sites.fract_transf_matrix[1][1]   1.000000 
_atom_sites.fract_transf_matrix[1][2]   0.000000 
_atom_sites.fract_transf_matrix[1][3]   0.000000 
_atom_sites.fract_transf_matrix[2][1]   0.000000 
_atom_sites.fract_transf_matrix[2][2]   1.000000 
_atom_sites.fract_transf_matrix[2][3]   0.000000 
_atom_sites.fract_transf_matrix[3][1]   0.000000 
_atom_sites.fract_transf_matrix[3][2]   0.000000 
_atom_sites.fract_transf_matrix[3][3]   1.000000 
_atom_sites.fract_transf_vector[1]      0.00000 
_atom_sites.fract_transf_vector[2]      0.00000 
_atom_sites.fract_transf_vector[3]      0.00000 
# 
loop_
_atom_type.symbol 
C 
H 
N 
O 
# 
loop_
_atom_site.group_PDB 
_atom_site.id 
_atom_site.type_symbol 
_atom_site.label_atom_id 
_atom_site.label_alt_id 
_atom_site.label_comp_id 
_atom_site.label_asym_id 
_atom_site.label_entity_id 
_atom_site.label_seq_id 
_atom_site.pdbx_PDB_ins_code 
_atom_site.Cartn_x 
_atom_site.Cartn_y 
_atom_site.Cartn_z 
_atom_site.occupancy 
_atom_site.B_iso_or_equiv 
_atom_site.pdbx_formal_charge 
_atom_site.auth_seq_id 
_atom_site.auth_comp_id 
_atom_site.auth_asym_id 
_atom_site.auth_atom_id 
_atom_site.pdbx_PDB_model_num 
HETATM 1    N N    . AC5 A 1 1 ? -2.663 1.602  1.566  1.00 0.00 ? 5  AC5 A N    1  
HETATM 2    O O    . AC5 A 1 1 ? -4.914 -0.326 -0.757 1.00 0.00 ? 5  AC5 A O    1  
HETATM 3    C CA   . AC5 A 1 1 ? -3.960 1.312  0.848  1.00 0.00 ? 5  AC5 A CA   1  
HETATM 4    C C    . AC5 A 1 1 ? -3.935 0.346  -0.418 1.00 0.00 ? 5  AC5 A C    1  
HETATM 5    C CB1  . AC5 A 1 1 ? -4.995 0.888  1.912  1.00 0.00 ? 5  AC5 A CB1  1  
HETATM 6    C CB2  . AC5 A 1 1 ? -4.559 2.682  0.437  1.00 0.00 ? 5  AC5 A CB2  1  
HETATM 7    C CG1  . AC5 A 1 1 ? -5.591 2.137  2.583  1.00 0.00 ? 5  AC5 A CG1  1  
HETATM 8    C CG2  . AC5 A 1 1 ? -5.260 3.309  1.653  1.00 0.00 ? 5  AC5 A CG2  1  
HETATM 9    H H    . AC5 A 1 1 ? -2.552 2.504  2.025  1.00 0.00 ? 5  AC5 A H    1  
HETATM 10   H HB11 . AC5 A 1 1 ? -4.545 0.182  2.633  1.00 0.00 ? 5  AC5 A HB11 1  
HETATM 11   H HB12 . AC5 A 1 1 ? -5.803 0.330  1.417  1.00 0.00 ? 5  AC5 A HB12 1  
HETATM 12   H HB21 . AC5 A 1 1 ? -5.321 2.539  -0.357 1.00 0.00 ? 5  AC5 A HB21 1  
HETATM 13   H HB22 . AC5 A 1 1 ? -3.804 3.357  -0.013 1.00 0.00 ? 5  AC5 A HB22 1  
HETATM 14   H HG11 . AC5 A 1 1 ? -6.682 2.029  2.740  1.00 0.00 ? 5  AC5 A HG11 1  
HETATM 15   H HG12 . AC5 A 1 1 ? -5.145 2.297  3.583  1.00 0.00 ? 5  AC5 A HG12 1  
HETATM 16   H HG21 . AC5 A 1 1 ? -4.588 4.026  2.163  1.00 0.00 ? 5  AC5 A HG21 1  
HETATM 17   H HG22 . AC5 A 1 1 ? -6.163 3.881  1.362  1.00 0.00 ? 5  AC5 A HG22 1  
ATOM   18   N N    . HIS A 1 2 ? -2.805 0.331  -1.124 1.00 0.00 ? 6  HIS A N    1  
ATOM   19   C CA   . HIS A 1 2 ? -2.548 -0.573 -2.288 1.00 0.00 ? 6  HIS A CA   1  
ATOM   20   C C    . HIS A 1 2 ? -1.586 -1.796 -2.038 1.00 0.00 ? 6  HIS A C    1  
ATOM   21   O O    . HIS A 1 2 ? -1.352 -2.584 -2.958 1.00 0.00 ? 6  HIS A O    1  
ATOM   22   C CB   . HIS A 1 2 ? -2.063 0.374  -3.427 1.00 0.00 ? 6  HIS A CB   1  
ATOM   23   C CG   . HIS A 1 2 ? -2.266 -0.137 -4.845 1.00 0.00 ? 6  HIS A CG   1  
ATOM   24   N ND1  . HIS A 1 2 ? -1.324 -0.808 -5.596 1.00 0.00 ? 6  HIS A ND1  1  
ATOM   25   C CD2  . HIS A 1 2 ? -3.422 0.073  -5.601 1.00 0.00 ? 6  HIS A CD2  1  
ATOM   26   C CE1  . HIS A 1 2 ? -2.027 -0.977 -6.759 1.00 0.00 ? 6  HIS A CE1  1  
ATOM   27   N NE2  . HIS A 1 2 ? -3.300 -0.474 -6.871 1.00 0.00 ? 6  HIS A NE2  1  
ATOM   28   H H    . HIS A 1 2 ? -2.100 0.803  -0.551 1.00 0.00 ? 6  HIS A H    1  
ATOM   29   H HA   . HIS A 1 2 ? -3.500 -1.037 -2.608 1.00 0.00 ? 6  HIS A HA   1  
ATOM   30   H HB2  . HIS A 1 2 ? -2.573 1.355  -3.371 1.00 0.00 ? 6  HIS A HB2  1  
ATOM   31   H HB3  . HIS A 1 2 ? -1.000 0.625  -3.288 1.00 0.00 ? 6  HIS A HB3  1  
ATOM   32   H HD1  . HIS A 1 2 ? -0.418 -1.190 -5.307 1.00 0.00 ? 6  HIS A HD1  1  
ATOM   33   H HD2  . HIS A 1 2 ? -4.279 0.610  -5.225 1.00 0.00 ? 6  HIS A HD2  1  
ATOM   34   H HE1  . HIS A 1 2 ? -1.594 -1.520 -7.588 1.00 0.00 ? 6  HIS A HE1  1  
HETATM 35   N N    . DPN A 1 3 ? -1.015 -1.961 -0.832 1.00 0.00 ? 7  DPN A N    1  
HETATM 36   C CA   . DPN A 1 3 ? 0.036  -2.972 -0.533 1.00 0.00 ? 7  DPN A CA   1  
HETATM 37   C C    . DPN A 1 3 ? 1.205  -2.280 0.244  1.00 0.00 ? 7  DPN A C    1  
HETATM 38   O O    . DPN A 1 3 ? 0.997  -1.532 1.205  1.00 0.00 ? 7  DPN A O    1  
HETATM 39   C CB   . DPN A 1 3 ? -0.603 -4.152 0.242  1.00 0.00 ? 7  DPN A CB   1  
HETATM 40   C CG   . DPN A 1 3 ? 0.304  -5.385 0.391  1.00 0.00 ? 7  DPN A CG   1  
HETATM 41   C CD1  . DPN A 1 3 ? 0.406  -6.313 -0.651 1.00 0.00 ? 7  DPN A CD1  1  
HETATM 42   C CD2  . DPN A 1 3 ? 1.055  -5.574 1.556  1.00 0.00 ? 7  DPN A CD2  1  
HETATM 43   C CE1  . DPN A 1 3 ? 1.251  -7.415 -0.530 1.00 0.00 ? 7  DPN A CE1  1  
HETATM 44   C CE2  . DPN A 1 3 ? 1.901  -6.677 1.675  1.00 0.00 ? 7  DPN A CE2  1  
HETATM 45   C CZ   . DPN A 1 3 ? 1.997  -7.593 0.631  1.00 0.00 ? 7  DPN A CZ   1  
HETATM 46   H H    . DPN A 1 3 ? -1.398 -1.328 -0.115 1.00 0.00 ? 7  DPN A H    1  
HETATM 47   H HA   . DPN A 1 3 ? 0.434  -3.378 -1.486 1.00 0.00 ? 7  DPN A HA   1  
HETATM 48   H HB2  . DPN A 1 3 ? -0.935 -3.791 1.231  1.00 0.00 ? 7  DPN A HB2  1  
HETATM 49   H HB3  . DPN A 1 3 ? -1.542 -4.465 -0.259 1.00 0.00 ? 7  DPN A HB3  1  
HETATM 50   H HD1  . DPN A 1 3 ? -0.166 -6.183 -1.559 1.00 0.00 ? 7  DPN A HD1  1  
HETATM 51   H HD2  . DPN A 1 3 ? 0.992  -4.864 2.368  1.00 0.00 ? 7  DPN A HD2  1  
HETATM 52   H HE1  . DPN A 1 3 ? 1.327  -8.130 -1.336 1.00 0.00 ? 7  DPN A HE1  1  
HETATM 53   H HE2  . DPN A 1 3 ? 2.480  -6.818 2.576  1.00 0.00 ? 7  DPN A HE2  1  
HETATM 54   H HZ   . DPN A 1 3 ? 2.651  -8.450 0.727  1.00 0.00 ? 7  DPN A HZ   1  
ATOM   55   N N    . ARG A 1 4 ? 2.448  -2.484 -0.226 1.00 0.00 ? 8  ARG A N    1  
ATOM   56   C CA   . ARG A 1 4 ? 3.652  -1.723 0.258  1.00 0.00 ? 8  ARG A CA   1  
ATOM   57   C C    . ARG A 1 4 ? 3.586  -0.153 0.276  1.00 0.00 ? 8  ARG A C    1  
ATOM   58   O O    . ARG A 1 4 ? 4.091  0.502  1.190  1.00 0.00 ? 8  ARG A O    1  
ATOM   59   C CB   . ARG A 1 4 ? 4.909  -2.258 -0.488 1.00 0.00 ? 8  ARG A CB   1  
ATOM   60   C CG   . ARG A 1 4 ? 4.967  -2.013 -2.018 1.00 0.00 ? 8  ARG A CG   1  
ATOM   61   C CD   . ARG A 1 4 ? 6.325  -2.370 -2.652 1.00 0.00 ? 8  ARG A CD   1  
ATOM   62   N NE   . ARG A 1 4 ? 6.319  -2.122 -4.124 1.00 0.00 ? 8  ARG A NE   1  
ATOM   63   C CZ   . ARG A 1 4 ? 6.518  -0.942 -4.719 1.00 0.00 ? 8  ARG A CZ   1  
ATOM   64   N NH1  . ARG A 1 4 ? 6.692  0.179  -4.065 1.00 0.00 ? 8  ARG A NH1  1  
ATOM   65   N NH2  . ARG A 1 4 ? 6.537  -0.903 -6.020 1.00 0.00 ? 8  ARG A NH2  1  
ATOM   66   H H    . ARG A 1 4 ? 2.511  -3.241 -0.913 1.00 0.00 ? 8  ARG A H    1  
ATOM   67   H HA   . ARG A 1 4 ? 3.775  -1.991 1.316  1.00 0.00 ? 8  ARG A HA   1  
ATOM   68   H HB2  . ARG A 1 4 ? 5.803  -1.814 -0.010 1.00 0.00 ? 8  ARG A HB2  1  
ATOM   69   H HB3  . ARG A 1 4 ? 5.003  -3.342 -0.295 1.00 0.00 ? 8  ARG A HB3  1  
ATOM   70   H HG2  . ARG A 1 4 ? 4.162  -2.590 -2.511 1.00 0.00 ? 8  ARG A HG2  1  
ATOM   71   H HG3  . ARG A 1 4 ? 4.730  -0.954 -2.232 1.00 0.00 ? 8  ARG A HG3  1  
ATOM   72   H HD2  . ARG A 1 4 ? 7.159  -1.832 -2.151 1.00 0.00 ? 8  ARG A HD2  1  
ATOM   73   H HD3  . ARG A 1 4 ? 6.544  -3.441 -2.467 1.00 0.00 ? 8  ARG A HD3  1  
ATOM   74   H HE   . ARG A 1 4 ? 6.181  -2.897 -4.780 1.00 0.00 ? 8  ARG A HE   1  
ATOM   75   H HH11 . ARG A 1 4 ? 6.816  1.044  -4.596 1.00 0.00 ? 8  ARG A HH11 1  
ATOM   76   H HH12 . ARG A 1 4 ? 6.651  0.077  -3.051 1.00 0.00 ? 8  ARG A HH12 1  
ATOM   77   H HH21 . ARG A 1 4 ? 6.410  -1.789 -6.514 1.00 0.00 ? 8  ARG A HH21 1  
ATOM   78   H HH22 . ARG A 1 4 ? 6.698  0.008  -6.454 1.00 0.00 ? 8  ARG A HH22 1  
ATOM   79   N N    . TRP A 1 5 ? 2.909  0.409  -0.730 1.00 0.00 ? 9  TRP A N    1  
ATOM   80   C CA   . TRP A 1 5 ? 2.493  1.834  -0.834 1.00 0.00 ? 9  TRP A CA   1  
ATOM   81   C C    . TRP A 1 5 ? 1.776  2.482  0.403  1.00 0.00 ? 9  TRP A C    1  
ATOM   82   O O    . TRP A 1 5 ? 1.934  3.682  0.631  1.00 0.00 ? 9  TRP A O    1  
ATOM   83   C CB   . TRP A 1 5 ? 1.565  1.927  -2.077 1.00 0.00 ? 9  TRP A CB   1  
ATOM   84   C CG   . TRP A 1 5 ? 2.158  1.527  -3.441 1.00 0.00 ? 9  TRP A CG   1  
ATOM   85   C CD1  . TRP A 1 5 ? 2.863  2.317  -4.366 1.00 0.00 ? 9  TRP A CD1  1  
ATOM   86   C CD2  . TRP A 1 5 ? 2.120  0.270  -3.985 1.00 0.00 ? 9  TRP A CD2  1  
ATOM   87   N NE1  . TRP A 1 5 ? 3.257  1.564  -5.499 1.00 0.00 ? 9  TRP A NE1  1  
ATOM   88   C CE2  . TRP A 1 5 ? 2.776  0.289  -5.234 1.00 0.00 ? 9  TRP A CE2  1  
ATOM   89   C CE3  . TRP A 1 5 ? 1.586  -0.922 -3.467 1.00 0.00 ? 9  TRP A CE3  1  
ATOM   90   C CZ2  . TRP A 1 5 ? 2.885  -0.909 -5.989 1.00 0.00 ? 9  TRP A CZ2  1  
ATOM   91   C CZ3  . TRP A 1 5 ? 1.715  -2.092 -4.206 1.00 0.00 ? 9  TRP A CZ3  1  
ATOM   92   C CH2  . TRP A 1 5 ? 2.351  -2.089 -5.456 1.00 0.00 ? 9  TRP A CH2  1  
ATOM   93   H H    . TRP A 1 5 ? 2.522  -0.303 -1.354 1.00 0.00 ? 9  TRP A H    1  
ATOM   94   H HA   . TRP A 1 5 ? 3.391  2.436  -1.056 1.00 0.00 ? 9  TRP A HA   1  
ATOM   95   H HB2  . TRP A 1 5 ? 0.652  1.332  -1.887 1.00 0.00 ? 9  TRP A HB2  1  
ATOM   96   H HB3  . TRP A 1 5 ? 1.167  2.936  -2.177 1.00 0.00 ? 9  TRP A HB3  1  
ATOM   97   H HD1  . TRP A 1 5 ? 3.083  3.366  -4.210 1.00 0.00 ? 9  TRP A HD1  1  
ATOM   98   H HE1  . TRP A 1 5 ? 3.673  1.910  -6.372 1.00 0.00 ? 9  TRP A HE1  1  
ATOM   99   H HE3  . TRP A 1 5 ? 1.102  -0.900 -2.504 1.00 0.00 ? 9  TRP A HE3  1  
ATOM   100  H HZ2  . TRP A 1 5 ? 3.376  -0.909 -6.950 1.00 0.00 ? 9  TRP A HZ2  1  
ATOM   101  H HZ3  . TRP A 1 5 ? 1.302  -2.991 -3.778 1.00 0.00 ? 9  TRP A HZ3  1  
ATOM   102  H HH2  . TRP A 1 5 ? 2.425  -3.012 -6.013 1.00 0.00 ? 9  TRP A HH2  1  
ATOM   103  N N    . ASP A 1 6 ? 0.995  1.708  1.184  1.00 0.00 ? 10 ASP A N    1  
ATOM   104  C CA   . ASP A 1 6 ? 0.347  2.194  2.439  1.00 0.00 ? 10 ASP A CA   1  
ATOM   105  C C    . ASP A 1 6 ? 1.303  2.602  3.611  1.00 0.00 ? 10 ASP A C    1  
ATOM   106  O O    . ASP A 1 6 ? 0.992  3.501  4.387  1.00 0.00 ? 10 ASP A O    1  
ATOM   107  C CB   . ASP A 1 6 ? -0.674 1.124  2.933  1.00 0.00 ? 10 ASP A CB   1  
ATOM   108  C CG   . ASP A 1 6 ? -1.800 0.667  1.990  1.00 0.00 ? 10 ASP A CG   1  
ATOM   109  O OD1  . ASP A 1 6 ? -1.885 -0.514 1.667  1.00 0.00 ? 10 ASP A OD1  1  
ATOM   110  H H    . ASP A 1 6 ? 0.989  0.714  0.924  1.00 0.00 ? 10 ASP A H    1  
ATOM   111  H HA   . ASP A 1 6 ? -0.215 3.116  2.195  1.00 0.00 ? 10 ASP A HA   1  
ATOM   112  H HB2  . ASP A 1 6 ? -0.119 0.215  3.240  1.00 0.00 ? 10 ASP A HB2  1  
ATOM   113  H HB3  . ASP A 1 6 ? -1.154 1.473  3.866  1.00 0.00 ? 10 ASP A HB3  1  
HETATM 114  N N    . NH2 A 1 7 ? 2.453  1.991  3.827  1.00 0.00 ? 11 NH2 A N    1  
HETATM 115  H HN1  . NH2 A 1 7 ? 3.003  2.444  4.561  1.00 0.00 ? 11 NH2 A HN1  1  
HETATM 116  H HN2  . NH2 A 1 7 ? 2.793  1.391  3.067  1.00 0.00 ? 11 NH2 A HN2  1  
HETATM 117  N N    . AC5 A 1 1 ? -2.612 1.709  1.501  1.00 0.00 ? 5  AC5 A N    2  
HETATM 118  O O    . AC5 A 1 1 ? -4.918 0.086  -1.061 1.00 0.00 ? 5  AC5 A O    2  
HETATM 119  C CA   . AC5 A 1 1 ? -3.901 1.424  0.764  1.00 0.00 ? 5  AC5 A CA   2  
HETATM 120  C C    . AC5 A 1 1 ? -3.885 0.556  -0.579 1.00 0.00 ? 5  AC5 A C    2  
HETATM 121  C CB1  . AC5 A 1 1 ? -4.923 0.873  1.801  1.00 0.00 ? 5  AC5 A CB1  2  
HETATM 122  C CB2  . AC5 A 1 1 ? -4.493 2.827  0.440  1.00 0.00 ? 5  AC5 A CB2  2  
HETATM 123  C CG1  . AC5 A 1 1 ? -6.105 1.846  1.889  1.00 0.00 ? 5  AC5 A CG1  2  
HETATM 124  C CG2  . AC5 A 1 1 ? -5.477 3.194  1.559  1.00 0.00 ? 5  AC5 A CG2  2  
HETATM 125  H H    . AC5 A 1 1 ? -2.506 2.595  1.997  1.00 0.00 ? 5  AC5 A H    2  
HETATM 126  H HB11 . AC5 A 1 1 ? -4.462 0.756  2.800  1.00 0.00 ? 5  AC5 A HB11 2  
HETATM 127  H HB12 . AC5 A 1 1 ? -5.252 -0.148 1.533  1.00 0.00 ? 5  AC5 A HB12 2  
HETATM 128  H HB21 . AC5 A 1 1 ? -5.063 2.799  -0.512 1.00 0.00 ? 5  AC5 A HB21 2  
HETATM 129  H HB22 . AC5 A 1 1 ? -3.725 3.607  0.267  1.00 0.00 ? 5  AC5 A HB22 2  
HETATM 130  H HG11 . AC5 A 1 1 ? -6.879 1.581  1.139  1.00 0.00 ? 5  AC5 A HG11 2  
HETATM 131  H HG12 . AC5 A 1 1 ? -6.601 1.833  2.880  1.00 0.00 ? 5  AC5 A HG12 2  
HETATM 132  H HG21 . AC5 A 1 1 ? -4.947 3.611  2.439  1.00 0.00 ? 5  AC5 A HG21 2  
HETATM 133  H HG22 . AC5 A 1 1 ? -6.226 3.948  1.244  1.00 0.00 ? 5  AC5 A HG22 2  
ATOM   134  N N    . HIS A 1 2 ? -2.709 0.396  -1.183 1.00 0.00 ? 6  HIS A N    2  
ATOM   135  C CA   . HIS A 1 2 ? -2.493 -0.461 -2.396 1.00 0.00 ? 6  HIS A CA   2  
ATOM   136  C C    . HIS A 1 2 ? -1.539 -1.710 -2.217 1.00 0.00 ? 6  HIS A C    2  
ATOM   137  O O    . HIS A 1 2 ? -1.259 -2.423 -3.183 1.00 0.00 ? 6  HIS A O    2  
ATOM   138  C CB   . HIS A 1 2 ? -2.015 0.538  -3.495 1.00 0.00 ? 6  HIS A CB   2  
ATOM   139  C CG   . HIS A 1 2 ? -2.305 0.150  -4.937 1.00 0.00 ? 6  HIS A CG   2  
ATOM   140  N ND1  . HIS A 1 2 ? -1.603 -0.787 -5.659 1.00 0.00 ? 6  HIS A ND1  2  
ATOM   141  C CD2  . HIS A 1 2 ? -3.280 0.746  -5.744 1.00 0.00 ? 6  HIS A CD2  2  
ATOM   142  C CE1  . HIS A 1 2 ? -2.266 -0.715 -6.854 1.00 0.00 ? 6  HIS A CE1  2  
ATOM   143  N NE2  . HIS A 1 2 ? -3.279 0.195  -7.018 1.00 0.00 ? 6  HIS A NE2  2  
ATOM   144  H H    . HIS A 1 2 ? -1.999 0.684  -0.503 1.00 0.00 ? 6  HIS A H    2  
ATOM   145  H HA   . HIS A 1 2 ? -3.455 -0.903 -2.718 1.00 0.00 ? 6  HIS A HA   2  
ATOM   146  H HB2  . HIS A 1 2 ? -2.471 1.539  -3.343 1.00 0.00 ? 6  HIS A HB2  2  
ATOM   147  H HB3  . HIS A 1 2 ? -0.937 0.730  -3.395 1.00 0.00 ? 6  HIS A HB3  2  
ATOM   148  H HD1  . HIS A 1 2 ? -1.022 -1.545 -5.284 1.00 0.00 ? 6  HIS A HD1  2  
ATOM   149  H HD2  . HIS A 1 2 ? -3.941 1.530  -5.400 1.00 0.00 ? 6  HIS A HD2  2  
ATOM   150  H HE1  . HIS A 1 2 ? -2.033 -1.401 -7.658 1.00 0.00 ? 6  HIS A HE1  2  
HETATM 151  N N    . DPN A 1 3 ? -1.010 -1.976 -1.012 1.00 0.00 ? 7  DPN A N    2  
HETATM 152  C CA   . DPN A 1 3 ? 0.047  -2.992 -0.761 1.00 0.00 ? 7  DPN A CA   2  
HETATM 153  C C    . DPN A 1 3 ? 1.231  -2.333 0.030  1.00 0.00 ? 7  DPN A C    2  
HETATM 154  O O    . DPN A 1 3 ? 1.041  -1.583 0.994  1.00 0.00 ? 7  DPN A O    2  
HETATM 155  C CB   . DPN A 1 3 ? -0.592 -4.202 -0.034 1.00 0.00 ? 7  DPN A CB   2  
HETATM 156  C CG   . DPN A 1 3 ? 0.317  -5.439 0.061  1.00 0.00 ? 7  DPN A CG   2  
HETATM 157  C CD1  . DPN A 1 3 ? 1.079  -5.670 1.210  1.00 0.00 ? 7  DPN A CD1  2  
HETATM 158  C CD2  . DPN A 1 3 ? 0.410  -6.329 -1.015 1.00 0.00 ? 7  DPN A CD2  2  
HETATM 159  C CE1  . DPN A 1 3 ? 1.928  -6.775 1.281  1.00 0.00 ? 7  DPN A CE1  2  
HETATM 160  C CE2  . DPN A 1 3 ? 1.255  -7.434 -0.942 1.00 0.00 ? 7  DPN A CE2  2  
HETATM 161  C CZ   . DPN A 1 3 ? 2.014  -7.654 0.205  1.00 0.00 ? 7  DPN A CZ   2  
HETATM 162  H H    . DPN A 1 3 ? -1.400 -1.381 -0.268 1.00 0.00 ? 7  DPN A H    2  
HETATM 163  H HA   . DPN A 1 3 ? 0.440  -3.363 -1.732 1.00 0.00 ? 7  DPN A HA   2  
HETATM 164  H HB2  . DPN A 1 3 ? -0.922 -3.885 0.971  1.00 0.00 ? 7  DPN A HB2  2  
HETATM 165  H HB3  . DPN A 1 3 ? -1.531 -4.496 -0.544 1.00 0.00 ? 7  DPN A HB3  2  
HETATM 166  H HD1  . DPN A 1 3 ? 1.018  -4.995 2.053  1.00 0.00 ? 7  DPN A HD1  2  
HETATM 167  H HD2  . DPN A 1 3 ? -0.182 -6.171 -1.908 1.00 0.00 ? 7  DPN A HD2  2  
HETATM 168  H HE1  . DPN A 1 3 ? 2.507  -6.955 2.175  1.00 0.00 ? 7  DPN A HE1  2  
HETATM 169  H HE2  . DPN A 1 3 ? 1.315  -8.126 -1.770 1.00 0.00 ? 7  DPN A HE2  2  
HETATM 170  H HZ   . DPN A 1 3 ? 2.661  -8.519 0.266  1.00 0.00 ? 7  DPN A HZ   2  
ATOM   171  N N    . ARG A 1 4 ? 2.470  -2.544 -0.442 1.00 0.00 ? 8  ARG A N    2  
ATOM   172  C CA   . ARG A 1 4 ? 3.680  -1.794 0.047  1.00 0.00 ? 8  ARG A CA   2  
ATOM   173  C C    . ARG A 1 4 ? 3.673  -0.215 0.064  1.00 0.00 ? 8  ARG A C    2  
ATOM   174  O O    . ARG A 1 4 ? 4.398  0.429  0.819  1.00 0.00 ? 8  ARG A O    2  
ATOM   175  C CB   . ARG A 1 4 ? 4.913  -2.338 -0.728 1.00 0.00 ? 8  ARG A CB   2  
ATOM   176  C CG   . ARG A 1 4 ? 4.940  -2.074 -2.260 1.00 0.00 ? 8  ARG A CG   2  
ATOM   177  C CD   . ARG A 1 4 ? 6.357  -2.053 -2.864 1.00 0.00 ? 8  ARG A CD   2  
ATOM   178  N NE   . ARG A 1 4 ? 6.328  -1.625 -4.295 1.00 0.00 ? 8  ARG A NE   2  
ATOM   179  C CZ   . ARG A 1 4 ? 6.228  -0.370 -4.731 1.00 0.00 ? 8  ARG A CZ   2  
ATOM   180  N NH1  . ARG A 1 4 ? 6.097  0.661  -3.944 1.00 0.00 ? 8  ARG A NH1  2  
ATOM   181  N NH2  . ARG A 1 4 ? 6.258  -0.161 -6.007 1.00 0.00 ? 8  ARG A NH2  2  
ATOM   182  H H    . ARG A 1 4 ? 2.520  -3.339 -1.085 1.00 0.00 ? 8  ARG A H    2  
ATOM   183  H HA   . ARG A 1 4 ? 3.809  -2.063 1.106  1.00 0.00 ? 8  ARG A HA   2  
ATOM   184  H HB2  . ARG A 1 4 ? 5.813  -1.904 -0.251 1.00 0.00 ? 8  ARG A HB2  2  
ATOM   185  H HB3  . ARG A 1 4 ? 5.007  -3.424 -0.543 1.00 0.00 ? 8  ARG A HB3  2  
ATOM   186  H HG2  . ARG A 1 4 ? 4.310  -2.827 -2.773 1.00 0.00 ? 8  ARG A HG2  2  
ATOM   187  H HG3  . ARG A 1 4 ? 4.436  -1.114 -2.472 1.00 0.00 ? 8  ARG A HG3  2  
ATOM   188  H HD2  . ARG A 1 4 ? 7.040  -1.412 -2.265 1.00 0.00 ? 8  ARG A HD2  2  
ATOM   189  H HD3  . ARG A 1 4 ? 6.801  -3.068 -2.784 1.00 0.00 ? 8  ARG A HD3  2  
ATOM   190  H HE   . ARG A 1 4 ? 6.407  -2.316 -5.049 1.00 0.00 ? 8  ARG A HE   2  
ATOM   191  H HH11 . ARG A 1 4 ? 5.950  1.580  -4.366 1.00 0.00 ? 8  ARG A HH11 2  
ATOM   192  H HH12 . ARG A 1 4 ? 6.050  0.423  -2.951 1.00 0.00 ? 8  ARG A HH12 2  
ATOM   193  H HH21 . ARG A 1 4 ? 6.158  0.809  -6.314 1.00 0.00 ? 8  ARG A HH21 2  
ATOM   194  H HH22 . ARG A 1 4 ? 6.361  -0.978 -6.608 1.00 0.00 ? 8  ARG A HH22 2  
ATOM   195  N N    . TRP A 1 5 ? 2.852  0.370  -0.803 1.00 0.00 ? 9  TRP A N    2  
ATOM   196  C CA   . TRP A 1 5 ? 2.523  1.821  -0.863 1.00 0.00 ? 9  TRP A CA   2  
ATOM   197  C C    . TRP A 1 5 ? 1.877  2.478  0.411  1.00 0.00 ? 9  TRP A C    2  
ATOM   198  O O    . TRP A 1 5 ? 2.054  3.679  0.617  1.00 0.00 ? 9  TRP A O    2  
ATOM   199  C CB   . TRP A 1 5 ? 1.560  1.971  -2.075 1.00 0.00 ? 9  TRP A CB   2  
ATOM   200  C CG   . TRP A 1 5 ? 2.122  1.653  -3.471 1.00 0.00 ? 9  TRP A CG   2  
ATOM   201  C CD1  . TRP A 1 5 ? 2.718  2.525  -4.400 1.00 0.00 ? 9  TRP A CD1  2  
ATOM   202  C CD2  . TRP A 1 5 ? 2.091  0.428  -4.084 1.00 0.00 ? 9  TRP A CD2  2  
ATOM   203  N NE1  . TRP A 1 5 ? 3.064  1.855  -5.602 1.00 0.00 ? 9  TRP A NE1  2  
ATOM   204  C CE2  . TRP A 1 5 ? 2.641  0.548  -5.377 1.00 0.00 ? 9  TRP A CE2  2  
ATOM   205  C CE3  . TRP A 1 5 ? 1.615  -0.806 -3.613 1.00 0.00 ? 9  TRP A CE3  2  
ATOM   206  C CZ2  . TRP A 1 5 ? 2.698  -0.589 -6.225 1.00 0.00 ? 9  TRP A CZ2  2  
ATOM   207  C CZ3  . TRP A 1 5 ? 1.706  -1.919 -4.436 1.00 0.00 ? 9  TRP A CZ3  2  
ATOM   208  C CH2  . TRP A 1 5 ? 2.232  -1.818 -5.731 1.00 0.00 ? 9  TRP A CH2  2  
ATOM   209  H H    . TRP A 1 5 ? 2.276  -0.333 -1.269 1.00 0.00 ? 9  TRP A H    2  
ATOM   210  H HA   . TRP A 1 5 ? 3.439  2.390  -1.101 1.00 0.00 ? 9  TRP A HA   2  
ATOM   211  H HB2  . TRP A 1 5 ? 0.648  1.367  -1.893 1.00 0.00 ? 9  TRP A HB2  2  
ATOM   212  H HB3  . TRP A 1 5 ? 1.154  2.984  -2.108 1.00 0.00 ? 9  TRP A HB3  2  
ATOM   213  H HD1  . TRP A 1 5 ? 2.853  3.581  -4.212 1.00 0.00 ? 9  TRP A HD1  2  
ATOM   214  H HE1  . TRP A 1 5 ? 3.202  2.291  -6.522 1.00 0.00 ? 9  TRP A HE1  2  
ATOM   215  H HE3  . TRP A 1 5 ? 1.178  -0.855 -2.627 1.00 0.00 ? 9  TRP A HE3  2  
ATOM   216  H HZ2  . TRP A 1 5 ? 3.086  -0.511 -7.229 1.00 0.00 ? 9  TRP A HZ2  2  
ATOM   217  H HZ3  . TRP A 1 5 ? 1.329  -2.849 -4.041 1.00 0.00 ? 9  TRP A HZ3  2  
ATOM   218  H HH2  . TRP A 1 5 ? 2.257  -2.697 -6.358 1.00 0.00 ? 9  TRP A HH2  2  
ATOM   219  N N    . ASP A 1 6 ? 1.114  1.729  1.229  1.00 0.00 ? 10 ASP A N    2  
ATOM   220  C CA   . ASP A 1 6 ? 0.396  2.277  2.421  1.00 0.00 ? 10 ASP A CA   2  
ATOM   221  C C    . ASP A 1 6 ? 1.266  2.760  3.633  1.00 0.00 ? 10 ASP A C    2  
ATOM   222  O O    . ASP A 1 6 ? 0.885  3.678  4.353  1.00 0.00 ? 10 ASP A O    2  
ATOM   223  C CB   . ASP A 1 6 ? -0.652 1.224  2.887  1.00 0.00 ? 10 ASP A CB   2  
ATOM   224  C CG   . ASP A 1 6 ? -1.741 0.779  1.903  1.00 0.00 ? 10 ASP A CG   2  
ATOM   225  O OD1  . ASP A 1 6 ? -1.787 -0.386 1.521  1.00 0.00 ? 10 ASP A OD1  2  
ATOM   226  H H    . ASP A 1 6 ? 1.056  0.737  0.971  1.00 0.00 ? 10 ASP A H    2  
ATOM   227  H HA   . ASP A 1 6 ? -0.152 3.187  2.102  1.00 0.00 ? 10 ASP A HA   2  
ATOM   228  H HB2  . ASP A 1 6 ? -0.125 0.314  3.230  1.00 0.00 ? 10 ASP A HB2  2  
ATOM   229  H HB3  . ASP A 1 6 ? -1.167 1.590  3.796  1.00 0.00 ? 10 ASP A HB3  2  
HETATM 230  N N    . NH2 A 1 7 ? 2.412  2.195  3.951  1.00 0.00 ? 11 NH2 A N    2  
HETATM 231  H HN1  . NH2 A 1 7 ? 2.899  2.707  4.692  1.00 0.00 ? 11 NH2 A HN1  2  
HETATM 232  H HN2  . NH2 A 1 7 ? 2.817  1.579  3.239  1.00 0.00 ? 11 NH2 A HN2  2  
HETATM 233  N N    . AC5 A 1 1 ? -2.644 1.522  1.592  1.00 0.00 ? 5  AC5 A N    3  
HETATM 234  O O    . AC5 A 1 1 ? -4.859 -0.620 -0.528 1.00 0.00 ? 5  AC5 A O    3  
HETATM 235  C CA   . AC5 A 1 1 ? -3.959 1.199  0.924  1.00 0.00 ? 5  AC5 A CA   3  
HETATM 236  C C    . AC5 A 1 1 ? -3.946 0.180  -0.305 1.00 0.00 ? 5  AC5 A C    3  
HETATM 237  C CB1  . AC5 A 1 1 ? -4.957 0.773  2.019  1.00 0.00 ? 5  AC5 A CB1  3  
HETATM 238  C CB2  . AC5 A 1 1 ? -4.606 2.547  0.510  1.00 0.00 ? 5  AC5 A CB2  3  
HETATM 239  C CG1  . AC5 A 1 1 ? -6.357 1.282  1.636  1.00 0.00 ? 5  AC5 A CG1  3  
HETATM 240  C CG2  . AC5 A 1 1 ? -6.129 2.349  0.561  1.00 0.00 ? 5  AC5 A CG2  3  
HETATM 241  H H    . AC5 A 1 1 ? -2.461 2.454  1.969  1.00 0.00 ? 5  AC5 A H    3  
HETATM 242  H HB11 . AC5 A 1 1 ? -4.664 1.215  2.986  1.00 0.00 ? 5  AC5 A HB11 3  
HETATM 243  H HB12 . AC5 A 1 1 ? -4.914 -0.322 2.157  1.00 0.00 ? 5  AC5 A HB12 3  
HETATM 244  H HB21 . AC5 A 1 1 ? -4.268 2.892  -0.487 1.00 0.00 ? 5  AC5 A HB21 3  
HETATM 245  H HB22 . AC5 A 1 1 ? -4.347 3.365  1.212  1.00 0.00 ? 5  AC5 A HB22 3  
HETATM 246  H HG11 . AC5 A 1 1 ? -6.982 0.458  1.239  1.00 0.00 ? 5  AC5 A HG11 3  
HETATM 247  H HG12 . AC5 A 1 1 ? -6.892 1.691  2.516  1.00 0.00 ? 5  AC5 A HG12 3  
HETATM 248  H HG21 . AC5 A 1 1 ? -6.670 3.291  0.774  1.00 0.00 ? 5  AC5 A HG21 3  
HETATM 249  H HG22 . AC5 A 1 1 ? -6.501 1.986  -0.418 1.00 0.00 ? 5  AC5 A HG22 3  
ATOM   250  N N    . HIS A 1 2 ? -2.872 0.246  -1.090 1.00 0.00 ? 6  HIS A N    3  
ATOM   251  C CA   . HIS A 1 2 ? -2.600 -0.687 -2.222 1.00 0.00 ? 6  HIS A CA   3  
ATOM   252  C C    . HIS A 1 2 ? -1.628 -1.892 -1.946 1.00 0.00 ? 6  HIS A C    3  
ATOM   253  O O    . HIS A 1 2 ? -1.412 -2.704 -2.849 1.00 0.00 ? 6  HIS A O    3  
ATOM   254  C CB   . HIS A 1 2 ? -2.069 0.199  -3.384 1.00 0.00 ? 6  HIS A CB   3  
ATOM   255  C CG   . HIS A 1 2 ? -3.098 1.088  -4.078 1.00 0.00 ? 6  HIS A CG   3  
ATOM   256  N ND1  . HIS A 1 2 ? -4.091 0.635  -4.924 1.00 0.00 ? 6  HIS A ND1  3  
ATOM   257  C CD2  . HIS A 1 2 ? -3.176 2.479  -3.949 1.00 0.00 ? 6  HIS A CD2  3  
ATOM   258  C CE1  . HIS A 1 2 ? -4.703 1.824  -5.226 1.00 0.00 ? 6  HIS A CE1  3  
ATOM   259  N NE2  . HIS A 1 2 ? -4.228 2.997  -4.694 1.00 0.00 ? 6  HIS A NE2  3  
ATOM   260  H H    . HIS A 1 2 ? -2.184 0.847  -0.632 1.00 0.00 ? 6  HIS A H    3  
ATOM   261  H HA   . HIS A 1 2 ? -3.538 -1.167 -2.550 1.00 0.00 ? 6  HIS A HA   3  
ATOM   262  H HB2  . HIS A 1 2 ? -1.212 0.808  -3.043 1.00 0.00 ? 6  HIS A HB2  3  
ATOM   263  H HB3  . HIS A 1 2 ? -1.626 -0.438 -4.158 1.00 0.00 ? 6  HIS A HB3  3  
ATOM   264  H HD1  . HIS A 1 2 ? -4.321 -0.320 -5.213 1.00 0.00 ? 6  HIS A HD1  3  
ATOM   265  H HD2  . HIS A 1 2 ? -2.499 3.062  -3.347 1.00 0.00 ? 6  HIS A HD2  3  
ATOM   266  H HE1  . HIS A 1 2 ? -5.564 1.845  -5.882 1.00 0.00 ? 6  HIS A HE1  3  
HETATM 267  N N    . DPN A 1 3 ? -1.023 -2.011 -0.751 1.00 0.00 ? 7  DPN A N    3  
HETATM 268  C CA   . DPN A 1 3 ? 0.048  -3.000 -0.452 1.00 0.00 ? 7  DPN A CA   3  
HETATM 269  C C    . DPN A 1 3 ? 1.228  -2.272 0.272  1.00 0.00 ? 7  DPN A C    3  
HETATM 270  O O    . DPN A 1 3 ? 1.036  -1.519 1.234  1.00 0.00 ? 7  DPN A O    3  
HETATM 271  C CB   . DPN A 1 3 ? -0.556 -4.163 0.375  1.00 0.00 ? 7  DPN A CB   3  
HETATM 272  C CG   . DPN A 1 3 ? 0.372  -5.377 0.546  1.00 0.00 ? 7  DPN A CG   3  
HETATM 273  C CD1  . DPN A 1 3 ? 1.151  -5.515 1.701  1.00 0.00 ? 7  DPN A CD1  3  
HETATM 274  C CD2  . DPN A 1 3 ? 0.464  -6.341 -0.464 1.00 0.00 ? 7  DPN A CD2  3  
HETATM 275  C CE1  . DPN A 1 3 ? 2.014  -6.599 1.839  1.00 0.00 ? 7  DPN A CE1  3  
HETATM 276  C CE2  . DPN A 1 3 ? 1.327  -7.425 -0.322 1.00 0.00 ? 7  DPN A CE2  3  
HETATM 277  C CZ   . DPN A 1 3 ? 2.102  -7.553 0.828  1.00 0.00 ? 7  DPN A CZ   3  
HETATM 278  H H    . DPN A 1 3 ? -1.410 -1.378 -0.037 1.00 0.00 ? 7  DPN A H    3  
HETATM 279  H HA   . DPN A 1 3 ? 0.425  -3.430 -1.405 1.00 0.00 ? 7  DPN A HA   3  
HETATM 280  H HB2  . DPN A 1 3 ? -0.870 -3.772 1.360  1.00 0.00 ? 7  DPN A HB2  3  
HETATM 281  H HB3  . DPN A 1 3 ? -1.501 -4.506 -0.094 1.00 0.00 ? 7  DPN A HB3  3  
HETATM 282  H HD1  . DPN A 1 3 ? 1.097  -4.778 2.489  1.00 0.00 ? 7  DPN A HD1  3  
HETATM 283  H HD2  . DPN A 1 3 ? -0.131 -6.250 -1.362 1.00 0.00 ? 7  DPN A HD2  3  
HETATM 284  H HE1  . DPN A 1 3 ? 2.615  -6.702 2.731  1.00 0.00 ? 7  DPN A HE1  3  
HETATM 285  H HE2  . DPN A 1 3 ? 1.396  -8.168 -1.106 1.00 0.00 ? 7  DPN A HE2  3  
HETATM 286  H HZ   . DPN A 1 3 ? 2.769  -8.397 0.936  1.00 0.00 ? 7  DPN A HZ   3  
ATOM   287  N N    . ARG A 1 4 ? 2.458  -2.461 -0.236 1.00 0.00 ? 8  ARG A N    3  
ATOM   288  C CA   . ARG A 1 4 ? 3.668  -1.697 0.222  1.00 0.00 ? 8  ARG A CA   3  
ATOM   289  C C    . ARG A 1 4 ? 3.596  -0.126 0.256  1.00 0.00 ? 8  ARG A C    3  
ATOM   290  O O    . ARG A 1 4 ? 4.126  0.523  1.160  1.00 0.00 ? 8  ARG A O    3  
ATOM   291  C CB   . ARG A 1 4 ? 4.909  -2.224 -0.555 1.00 0.00 ? 8  ARG A CB   3  
ATOM   292  C CG   . ARG A 1 4 ? 4.942  -1.947 -2.081 1.00 0.00 ? 8  ARG A CG   3  
ATOM   293  C CD   . ARG A 1 4 ? 6.272  -2.346 -2.749 1.00 0.00 ? 8  ARG A CD   3  
ATOM   294  N NE   . ARG A 1 4 ? 6.252  -2.063 -4.213 1.00 0.00 ? 8  ARG A NE   3  
ATOM   295  C CZ   . ARG A 1 4 ? 6.509  -0.882 -4.784 1.00 0.00 ? 8  ARG A CZ   3  
ATOM   296  N NH1  . ARG A 1 4 ? 6.514  -0.811 -6.083 1.00 0.00 ? 8  ARG A NH1  3  
ATOM   297  N NH2  . ARG A 1 4 ? 6.755  0.213  -4.108 1.00 0.00 ? 8  ARG A NH2  3  
ATOM   298  H H    . ARG A 1 4 ? 2.509  -3.219 -0.921 1.00 0.00 ? 8  ARG A H    3  
ATOM   299  H HA   . ARG A 1 4 ? 3.820  -1.972 1.276  1.00 0.00 ? 8  ARG A HA   3  
ATOM   300  H HB2  . ARG A 1 4 ? 5.815  -1.794 -0.084 1.00 0.00 ? 8  ARG A HB2  3  
ATOM   301  H HB3  . ARG A 1 4 ? 5.000  -3.312 -0.384 1.00 0.00 ? 8  ARG A HB3  3  
ATOM   302  H HG2  . ARG A 1 4 ? 4.104  -2.481 -2.567 1.00 0.00 ? 8  ARG A HG2  3  
ATOM   303  H HG3  . ARG A 1 4 ? 4.744  -0.875 -2.266 1.00 0.00 ? 8  ARG A HG3  3  
ATOM   304  H HD2  . ARG A 1 4 ? 7.137  -1.861 -2.249 1.00 0.00 ? 8  ARG A HD2  3  
ATOM   305  H HD3  . ARG A 1 4 ? 6.444  -3.430 -2.595 1.00 0.00 ? 8  ARG A HD3  3  
ATOM   306  H HE   . ARG A 1 4 ? 6.059  -2.812 -4.884 1.00 0.00 ? 8  ARG A HE   3  
ATOM   307  H HH11 . ARG A 1 4 ? 6.722  0.100  -6.497 1.00 0.00 ? 8  ARG A HH11 3  
ATOM   308  H HH12 . ARG A 1 4 ? 6.333  -1.677 -6.595 1.00 0.00 ? 8  ARG A HH12 3  
ATOM   309  H HH21 . ARG A 1 4 ? 6.922  1.082  -4.618 1.00 0.00 ? 8  ARG A HH21 3  
ATOM   310  H HH22 . ARG A 1 4 ? 6.718  0.088  -3.094 1.00 0.00 ? 8  ARG A HH22 3  
ATOM   311  N N    . TRP A 1 5 ? 2.891  0.442  -0.725 1.00 0.00 ? 9  TRP A N    3  
ATOM   312  C CA   . TRP A 1 5 ? 2.481  1.871  -0.806 1.00 0.00 ? 9  TRP A CA   3  
ATOM   313  C C    . TRP A 1 5 ? 1.765  2.497  0.442  1.00 0.00 ? 9  TRP A C    3  
ATOM   314  O O    . TRP A 1 5 ? 1.910  3.697  0.681  1.00 0.00 ? 9  TRP A O    3  
ATOM   315  C CB   . TRP A 1 5 ? 1.551  1.994  -2.045 1.00 0.00 ? 9  TRP A CB   3  
ATOM   316  C CG   . TRP A 1 5 ? 2.128  1.589  -3.413 1.00 0.00 ? 9  TRP A CG   3  
ATOM   317  C CD1  . TRP A 1 5 ? 2.876  2.356  -4.324 1.00 0.00 ? 9  TRP A CD1  3  
ATOM   318  C CD2  . TRP A 1 5 ? 2.057  0.333  -3.958 1.00 0.00 ? 9  TRP A CD2  3  
ATOM   319  N NE1  . TRP A 1 5 ? 3.266  1.590  -5.449 1.00 0.00 ? 9  TRP A NE1  3  
ATOM   320  C CE2  . TRP A 1 5 ? 2.743  0.330  -5.191 1.00 0.00 ? 9  TRP A CE2  3  
ATOM   321  C CE3  . TRP A 1 5 ? 1.489  -0.844 -3.440 1.00 0.00 ? 9  TRP A CE3  3  
ATOM   322  C CZ2  . TRP A 1 5 ? 2.850  -0.876 -5.931 1.00 0.00 ? 9  TRP A CZ2  3  
ATOM   323  C CZ3  . TRP A 1 5 ? 1.615  -2.021 -4.165 1.00 0.00 ? 9  TRP A CZ3  3  
ATOM   324  C CH2  . TRP A 1 5 ? 2.281  -2.044 -5.400 1.00 0.00 ? 9  TRP A CH2  3  
ATOM   325  H H    . TRP A 1 5 ? 2.494  -0.262 -1.351 1.00 0.00 ? 9  TRP A H    3  
ATOM   326  H HA   . TRP A 1 5 ? 3.382  2.472  -1.017 1.00 0.00 ? 9  TRP A HA   3  
ATOM   327  H HB2  . TRP A 1 5 ? 0.625  1.421  -1.855 1.00 0.00 ? 9  TRP A HB2  3  
ATOM   328  H HB3  . TRP A 1 5 ? 1.177  3.016  -2.133 1.00 0.00 ? 9  TRP A HB3  3  
ATOM   329  H HD1  . TRP A 1 5 ? 3.138  3.393  -4.160 1.00 0.00 ? 9  TRP A HD1  3  
ATOM   330  H HE1  . TRP A 1 5 ? 3.719  1.918  -6.309 1.00 0.00 ? 9  TRP A HE1  3  
ATOM   331  H HE3  . TRP A 1 5 ? 0.993  -0.806 -2.483 1.00 0.00 ? 9  TRP A HE3  3  
ATOM   332  H HZ2  . TRP A 1 5 ? 3.367  -0.896 -6.879 1.00 0.00 ? 9  TRP A HZ2  3  
ATOM   333  H HZ3  . TRP A 1 5 ? 1.185  -2.912 -3.734 1.00 0.00 ? 9  TRP A HZ3  3  
ATOM   334  H HH2  . TRP A 1 5 ? 2.354  -2.972 -5.944 1.00 0.00 ? 9  TRP A HH2  3  
ATOM   335  N N    . ASP A 1 6 ? 0.998  1.706  1.219  1.00 0.00 ? 10 ASP A N    3  
ATOM   336  C CA   . ASP A 1 6 ? 0.345  2.168  2.477  1.00 0.00 ? 10 ASP A CA   3  
ATOM   337  C C    . ASP A 1 6 ? 1.300  2.587  3.649  1.00 0.00 ? 10 ASP A C    3  
ATOM   338  O O    . ASP A 1 6 ? 0.982  3.486  4.423  1.00 0.00 ? 10 ASP A O    3  
ATOM   339  C CB   . ASP A 1 6 ? -0.650 1.077  2.970  1.00 0.00 ? 10 ASP A CB   3  
ATOM   340  C CG   . ASP A 1 6 ? -1.780 0.599  2.042  1.00 0.00 ? 10 ASP A CG   3  
ATOM   341  O OD1  . ASP A 1 6 ? -1.878 -0.596 1.765  1.00 0.00 ? 10 ASP A OD1  3  
ATOM   342  H H    . ASP A 1 6 ? 1.018  0.713  0.948  1.00 0.00 ? 10 ASP A H    3  
ATOM   343  H HA   . ASP A 1 6 ? -0.234 3.082  2.244  1.00 0.00 ? 10 ASP A HA   3  
ATOM   344  H HB2  . ASP A 1 6 ? -0.074 0.176  3.267  1.00 0.00 ? 10 ASP A HB2  3  
ATOM   345  H HB3  . ASP A 1 6 ? -1.129 1.408  3.910  1.00 0.00 ? 10 ASP A HB3  3  
HETATM 346  N N    . NH2 A 1 7 ? 2.455  1.986  3.863  1.00 0.00 ? 11 NH2 A N    3  
HETATM 347  H HN1  . NH2 A 1 7 ? 3.003  2.444  4.594  1.00 0.00 ? 11 NH2 A HN1  3  
HETATM 348  H HN2  . NH2 A 1 7 ? 2.799  1.386  3.104  1.00 0.00 ? 11 NH2 A HN2  3  
HETATM 349  N N    . AC5 A 1 1 ? -2.666 1.600  1.538  1.00 0.00 ? 5  AC5 A N    4  
HETATM 350  O O    . AC5 A 1 1 ? -4.934 -0.305 -0.808 1.00 0.00 ? 5  AC5 A O    4  
HETATM 351  C CA   . AC5 A 1 1 ? -3.964 1.282  0.833  1.00 0.00 ? 5  AC5 A CA   4  
HETATM 352  C C    . AC5 A 1 1 ? -3.936 0.324  -0.441 1.00 0.00 ? 5  AC5 A C    4  
HETATM 353  C CB1  . AC5 A 1 1 ? -4.961 0.763  1.905  1.00 0.00 ? 5  AC5 A CB1  4  
HETATM 354  C CB2  . AC5 A 1 1 ? -4.590 2.654  0.433  1.00 0.00 ? 5  AC5 A CB2  4  
HETATM 355  C CG1  . AC5 A 1 1 ? -6.240 1.601  1.808  1.00 0.00 ? 5  AC5 A CG1  4  
HETATM 356  C CG2  . AC5 A 1 1 ? -5.705 2.980  1.438  1.00 0.00 ? 5  AC5 A CG2  4  
HETATM 357  H H    . AC5 A 1 1 ? -2.516 2.524  1.947  1.00 0.00 ? 5  AC5 A H    4  
HETATM 358  H HB11 . AC5 A 1 1 ? -4.539 0.861  2.922  1.00 0.00 ? 5  AC5 A HB11 4  
HETATM 359  H HB12 . AC5 A 1 1 ? -5.149 -0.319 1.783  1.00 0.00 ? 5  AC5 A HB12 4  
HETATM 360  H HB21 . AC5 A 1 1 ? -5.049 2.605  -0.575 1.00 0.00 ? 5  AC5 A HB21 4  
HETATM 361  H HB22 . AC5 A 1 1 ? -3.856 3.480  0.351  1.00 0.00 ? 5  AC5 A HB22 4  
HETATM 362  H HG11 . AC5 A 1 1 ? -6.903 1.209  1.011  1.00 0.00 ? 5  AC5 A HG11 4  
HETATM 363  H HG12 . AC5 A 1 1 ? -6.825 1.604  2.747  1.00 0.00 ? 5  AC5 A HG12 4  
HETATM 364  H HG21 . AC5 A 1 1 ? -5.290 3.492  2.331  1.00 0.00 ? 5  AC5 A HG21 4  
HETATM 365  H HG22 . AC5 A 1 1 ? -6.484 3.641  1.015  1.00 0.00 ? 5  AC5 A HG22 4  
ATOM   366  N N    . HIS A 1 2 ? -2.786 0.250  -1.107 1.00 0.00 ? 6  HIS A N    4  
ATOM   367  C CA   . HIS A 1 2 ? -2.519 -0.693 -2.231 1.00 0.00 ? 6  HIS A CA   4  
ATOM   368  C C    . HIS A 1 2 ? -1.584 -1.919 -1.925 1.00 0.00 ? 6  HIS A C    4  
ATOM   369  O O    . HIS A 1 2 ? -1.342 -2.725 -2.827 1.00 0.00 ? 6  HIS A O    4  
ATOM   370  C CB   . HIS A 1 2 ? -1.940 0.175  -3.384 1.00 0.00 ? 6  HIS A CB   4  
ATOM   371  C CG   . HIS A 1 2 ? -2.934 1.076  -4.112 1.00 0.00 ? 6  HIS A CG   4  
ATOM   372  N ND1  . HIS A 1 2 ? -3.903 0.636  -4.990 1.00 0.00 ? 6  HIS A ND1  4  
ATOM   373  C CD2  . HIS A 1 2 ? -3.000 2.469  -3.983 1.00 0.00 ? 6  HIS A CD2  4  
ATOM   374  C CE1  . HIS A 1 2 ? -4.492 1.832  -5.309 1.00 0.00 ? 6  HIS A CE1  4  
ATOM   375  N NE2  . HIS A 1 2 ? -4.022 2.999  -4.760 1.00 0.00 ? 6  HIS A NE2  4  
ATOM   376  H H    . HIS A 1 2 ? -2.067 0.736  -0.568 1.00 0.00 ? 6  HIS A H    4  
ATOM   377  H HA   . HIS A 1 2 ? -3.460 -1.154 -2.578 1.00 0.00 ? 6  HIS A HA   4  
ATOM   378  H HB2  . HIS A 1 2 ? -1.083 0.773  -3.020 1.00 0.00 ? 6  HIS A HB2  4  
ATOM   379  H HB3  . HIS A 1 2 ? -1.485 -0.475 -4.139 1.00 0.00 ? 6  HIS A HB3  4  
ATOM   380  H HD1  . HIS A 1 2 ? -4.138 -0.317 -5.284 1.00 0.00 ? 6  HIS A HD1  4  
ATOM   381  H HD2  . HIS A 1 2 ? -2.341 3.044  -3.355 1.00 0.00 ? 6  HIS A HD2  4  
ATOM   382  H HE1  . HIS A 1 2 ? -5.332 1.863  -5.991 1.00 0.00 ? 6  HIS A HE1  4  
HETATM 383  N N    . DPN A 1 3 ? -1.040 -2.065 -0.704 1.00 0.00 ? 7  DPN A N    4  
HETATM 384  C CA   . DPN A 1 3 ? -0.007 -3.084 -0.367 1.00 0.00 ? 7  DPN A CA   4  
HETATM 385  C C    . DPN A 1 3 ? 1.193  -2.375 0.336  1.00 0.00 ? 7  DPN A C    4  
HETATM 386  O O    . DPN A 1 3 ? 1.040  -1.701 1.361  1.00 0.00 ? 7  DPN A O    4  
HETATM 387  C CB   . DPN A 1 3 ? -0.652 -4.194 0.499  1.00 0.00 ? 7  DPN A CB   4  
HETATM 388  C CG   . DPN A 1 3 ? 0.232  -5.437 0.702  1.00 0.00 ? 7  DPN A CG   4  
HETATM 389  C CD1  . DPN A 1 3 ? 0.266  -6.442 -0.270 1.00 0.00 ? 7  DPN A CD1  4  
HETATM 390  C CD2  . DPN A 1 3 ? 1.030  -5.560 1.845  1.00 0.00 ? 7  DPN A CD2  4  
HETATM 391  C CE1  . DPN A 1 3 ? 1.090  -7.554 -0.103 1.00 0.00 ? 7  DPN A CE1  4  
HETATM 392  C CE2  . DPN A 1 3 ? 1.855  -6.670 2.010  1.00 0.00 ? 7  DPN A CE2  4  
HETATM 393  C CZ   . DPN A 1 3 ? 1.884  -7.666 1.036  1.00 0.00 ? 7  DPN A CZ   4  
HETATM 394  H H    . DPN A 1 3 ? -1.427 -1.413 -0.007 1.00 0.00 ? 7  DPN A H    4  
HETATM 395  H HA   . DPN A 1 3 ? 0.353  -3.569 -1.298 1.00 0.00 ? 7  DPN A HA   4  
HETATM 396  H HB2  . DPN A 1 3 ? -0.939 -3.760 1.473  1.00 0.00 ? 7  DPN A HB2  4  
HETATM 397  H HB3  . DPN A 1 3 ? -1.615 -4.514 0.051  1.00 0.00 ? 7  DPN A HB3  4  
HETATM 398  H HD1  . DPN A 1 3 ? -0.343 -6.366 -1.159 1.00 0.00 ? 7  DPN A HD1  4  
HETATM 399  H HD2  . DPN A 1 3 ? 1.022  -4.789 2.602  1.00 0.00 ? 7  DPN A HD2  4  
HETATM 400  H HE1  . DPN A 1 3 ? 1.113  -8.328 -0.856 1.00 0.00 ? 7  DPN A HE1  4  
HETATM 401  H HE2  . DPN A 1 3 ? 2.470  -6.758 2.893  1.00 0.00 ? 7  DPN A HE2  4  
HETATM 402  H HZ   . DPN A 1 3 ? 2.522  -8.528 1.167  1.00 0.00 ? 7  DPN A HZ   4  
ATOM   403  N N    . ARG A 1 4 ? 2.393  -2.503 -0.254 1.00 0.00 ? 8  ARG A N    4  
ATOM   404  C CA   . ARG A 1 4 ? 3.633  -1.778 0.196  1.00 0.00 ? 8  ARG A CA   4  
ATOM   405  C C    . ARG A 1 4 ? 3.508  -0.221 0.379  1.00 0.00 ? 8  ARG A C    4  
ATOM   406  O O    . ARG A 1 4 ? 3.932  0.369  1.374  1.00 0.00 ? 8  ARG A O    4  
ATOM   407  C CB   . ARG A 1 4 ? 4.831  -2.066 -0.769 1.00 0.00 ? 8  ARG A CB   4  
ATOM   408  C CG   . ARG A 1 4 ? 4.997  -3.464 -1.429 1.00 0.00 ? 8  ARG A CG   4  
ATOM   409  C CD   . ARG A 1 4 ? 6.258  -3.609 -2.305 1.00 0.00 ? 8  ARG A CD   4  
ATOM   410  N NE   . ARG A 1 4 ? 6.196  -2.717 -3.500 1.00 0.00 ? 8  ARG A NE   4  
ATOM   411  C CZ   . ARG A 1 4 ? 7.202  -2.483 -4.343 1.00 0.00 ? 8  ARG A CZ   4  
ATOM   412  N NH1  . ARG A 1 4 ? 7.035  -1.579 -5.263 1.00 0.00 ? 8  ARG A NH1  4  
ATOM   413  N NH2  . ARG A 1 4 ? 8.348  -3.115 -4.295 1.00 0.00 ? 8  ARG A NH2  4  
ATOM   414  H H    . ARG A 1 4 ? 2.400  -3.189 -1.011 1.00 0.00 ? 8  ARG A H    4  
ATOM   415  H HA   . ARG A 1 4 ? 3.880  -2.165 1.199  1.00 0.00 ? 8  ARG A HA   4  
ATOM   416  H HB2  . ARG A 1 4 ? 4.800  -1.332 -1.597 1.00 0.00 ? 8  ARG A HB2  4  
ATOM   417  H HB3  . ARG A 1 4 ? 5.765  -1.816 -0.229 1.00 0.00 ? 8  ARG A HB3  4  
ATOM   418  H HG2  . ARG A 1 4 ? 5.015  -4.239 -0.639 1.00 0.00 ? 8  ARG A HG2  4  
ATOM   419  H HG3  . ARG A 1 4 ? 4.110  -3.707 -2.047 1.00 0.00 ? 8  ARG A HG3  4  
ATOM   420  H HD2  . ARG A 1 4 ? 7.151  -3.392 -1.686 1.00 0.00 ? 8  ARG A HD2  4  
ATOM   421  H HD3  . ARG A 1 4 ? 6.349  -4.666 -2.626 1.00 0.00 ? 8  ARG A HD3  4  
ATOM   422  H HE   . ARG A 1 4 ? 5.355  -2.163 -3.686 1.00 0.00 ? 8  ARG A HE   4  
ATOM   423  H HH11 . ARG A 1 4 ? 7.817  -1.408 -5.895 1.00 0.00 ? 8  ARG A HH11 4  
ATOM   424  H HH12 . ARG A 1 4 ? 6.147  -1.074 -5.252 1.00 0.00 ? 8  ARG A HH12 4  
ATOM   425  H HH21 . ARG A 1 4 ? 9.067  -2.878 -4.982 1.00 0.00 ? 8  ARG A HH21 4  
ATOM   426  H HH22 . ARG A 1 4 ? 8.407  -3.821 -3.558 1.00 0.00 ? 8  ARG A HH22 4  
ATOM   427  N N    . TRP A 1 5 ? 2.886  0.394  -0.630 1.00 0.00 ? 9  TRP A N    4  
ATOM   428  C CA   . TRP A 1 5 ? 2.573  1.840  -0.754 1.00 0.00 ? 9  TRP A CA   4  
ATOM   429  C C    . TRP A 1 5 ? 1.777  2.518  0.413  1.00 0.00 ? 9  TRP A C    4  
ATOM   430  O O    . TRP A 1 5 ? 1.897  3.731  0.605  1.00 0.00 ? 9  TRP A O    4  
ATOM   431  C CB   . TRP A 1 5 ? 1.795  1.980  -2.098 1.00 0.00 ? 9  TRP A CB   4  
ATOM   432  C CG   . TRP A 1 5 ? 2.475  1.453  -3.381 1.00 0.00 ? 9  TRP A CG   4  
ATOM   433  C CD1  . TRP A 1 5 ? 3.446  2.077  -4.187 1.00 0.00 ? 9  TRP A CD1  4  
ATOM   434  C CD2  . TRP A 1 5 ? 2.369  0.170  -3.862 1.00 0.00 ? 9  TRP A CD2  4  
ATOM   435  N NE1  . TRP A 1 5 ? 3.946  1.196  -5.177 1.00 0.00 ? 9  TRP A NE1  4  
ATOM   436  C CE2  . TRP A 1 5 ? 3.261  0.009  -4.944 1.00 0.00 ? 9  TRP A CE2  4  
ATOM   437  C CE3  . TRP A 1 5 ? 1.643  -0.925 -3.356 1.00 0.00 ? 9  TRP A CE3  4  
ATOM   438  C CZ2  . TRP A 1 5 ? 3.425  -1.272 -5.535 1.00 0.00 ? 9  TRP A CZ2  4  
ATOM   439  C CZ3  . TRP A 1 5 ? 1.810  -2.170 -3.949 1.00 0.00 ? 9  TRP A CZ3  4  
ATOM   440  C CH2  . TRP A 1 5 ? 2.687  -2.346 -5.028 1.00 0.00 ? 9  TRP A CH2  4  
ATOM   441  H H    . TRP A 1 5 ? 2.581  -0.269 -1.347 1.00 0.00 ? 9  TRP A H    4  
ATOM   442  H HA   . TRP A 1 5 ? 3.527  2.383  -0.873 1.00 0.00 ? 9  TRP A HA   4  
ATOM   443  H HB2  . TRP A 1 5 ? 0.806  1.498  -1.988 1.00 0.00 ? 9  TRP A HB2  4  
ATOM   444  H HB3  . TRP A 1 5 ? 1.527  3.024  -2.260 1.00 0.00 ? 9  TRP A HB3  4  
ATOM   445  H HD1  . TRP A 1 5 ? 3.807  3.082  -4.019 1.00 0.00 ? 9  TRP A HD1  4  
ATOM   446  H HE1  . TRP A 1 5 ? 4.597  1.416  -5.941 1.00 0.00 ? 9  TRP A HE1  4  
ATOM   447  H HE3  . TRP A 1 5 ? 1.022  -0.784 -2.485 1.00 0.00 ? 9  TRP A HE3  4  
ATOM   448  H HZ2  . TRP A 1 5 ? 4.116  -1.425 -6.348 1.00 0.00 ? 9  TRP A HZ2  4  
ATOM   449  H HZ3  . TRP A 1 5 ? 1.249  -2.995 -3.537 1.00 0.00 ? 9  TRP A HZ3  4  
ATOM   450  H HH2  . TRP A 1 5 ? 2.795  -3.327 -5.469 1.00 0.00 ? 9  TRP A HH2  4  
ATOM   451  N N    . ASP A 1 6 ? 0.983  1.753  1.185  1.00 0.00 ? 10 ASP A N    4  
ATOM   452  C CA   . ASP A 1 6 ? 0.322  2.238  2.431  1.00 0.00 ? 10 ASP A CA   4  
ATOM   453  C C    . ASP A 1 6 ? 1.272  2.662  3.605  1.00 0.00 ? 10 ASP A C    4  
ATOM   454  O O    . ASP A 1 6 ? 0.970  3.587  4.351  1.00 0.00 ? 10 ASP A O    4  
ATOM   455  C CB   . ASP A 1 6 ? -0.683 1.158  2.928  1.00 0.00 ? 10 ASP A CB   4  
ATOM   456  C CG   . ASP A 1 6 ? -1.801 0.678  1.989  1.00 0.00 ? 10 ASP A CG   4  
ATOM   457  O OD1  . ASP A 1 6 ? -1.885 -0.515 1.698  1.00 0.00 ? 10 ASP A OD1  4  
ATOM   458  H H    . ASP A 1 6 ? 1.048  0.752  0.953  1.00 0.00 ? 10 ASP A H    4  
ATOM   459  H HA   . ASP A 1 6 ? -0.248 3.152  2.180  1.00 0.00 ? 10 ASP A HA   4  
ATOM   460  H HB2  . ASP A 1 6 ? -0.118 0.259  3.243  1.00 0.00 ? 10 ASP A HB2  4  
ATOM   461  H HB3  . ASP A 1 6 ? -1.171 1.506  3.858  1.00 0.00 ? 10 ASP A HB3  4  
HETATM 462  N N    . NH2 A 1 7 ? 2.409  2.035  3.850  1.00 0.00 ? 11 NH2 A N    4  
HETATM 463  H HN1  . NH2 A 1 7 ? 2.958  2.495  4.579  1.00 0.00 ? 11 NH2 A HN1  4  
HETATM 464  H HN2  . NH2 A 1 7 ? 2.746  1.400  3.115  1.00 0.00 ? 11 NH2 A HN2  4  
HETATM 465  N N    . AC5 A 1 1 ? -2.682 1.649  1.547  1.00 0.00 ? 5  AC5 A N    5  
HETATM 466  O O    . AC5 A 1 1 ? -4.969 -0.088 -0.924 1.00 0.00 ? 5  AC5 A O    5  
HETATM 467  C CA   . AC5 A 1 1 ? -3.975 1.374  0.812  1.00 0.00 ? 5  AC5 A CA   5  
HETATM 468  C C    . AC5 A 1 1 ? -3.950 0.461  -0.493 1.00 0.00 ? 5  AC5 A C    5  
HETATM 469  C CB1  . AC5 A 1 1 ? -5.006 0.860  1.856  1.00 0.00 ? 5  AC5 A CB1  5  
HETATM 470  C CB2  . AC5 A 1 1 ? -4.554 2.768  0.428  1.00 0.00 ? 5  AC5 A CB2  5  
HETATM 471  C CG1  . AC5 A 1 1 ? -6.211 1.808  1.849  1.00 0.00 ? 5  AC5 A CG1  5  
HETATM 472  C CG2  . AC5 A 1 1 ? -5.587 3.154  1.495  1.00 0.00 ? 5  AC5 A CG2  5  
HETATM 473  H H    . AC5 A 1 1 ? -2.531 2.558  1.988  1.00 0.00 ? 5  AC5 A H    5  
HETATM 474  H HB11 . AC5 A 1 1 ? -4.569 0.832  2.871  1.00 0.00 ? 5  AC5 A HB11 5  
HETATM 475  H HB12 . AC5 A 1 1 ? -5.297 -0.186 1.651  1.00 0.00 ? 5  AC5 A HB12 5  
HETATM 476  H HB21 . AC5 A 1 1 ? -5.079 2.725  -0.549 1.00 0.00 ? 5  AC5 A HB21 5  
HETATM 477  H HB22 . AC5 A 1 1 ? -3.781 3.548  0.281  1.00 0.00 ? 5  AC5 A HB22 5  
HETATM 478  H HG11 . AC5 A 1 1 ? -6.941 1.500  1.076  1.00 0.00 ? 5  AC5 A HG11 5  
HETATM 479  H HG12 . AC5 A 1 1 ? -6.750 1.826  2.815  1.00 0.00 ? 5  AC5 A HG12 5  
HETATM 480  H HG21 . AC5 A 1 1 ? -5.094 3.606  2.379  1.00 0.00 ? 5  AC5 A HG21 5  
HETATM 481  H HG22 . AC5 A 1 1 ? -6.331 3.886  1.126  1.00 0.00 ? 5  AC5 A HG22 5  
ATOM   482  N N    . HIS A 1 2 ? -2.779 0.353  -1.123 1.00 0.00 ? 6  HIS A N    5  
ATOM   483  C CA   . HIS A 1 2 ? -2.533 -0.535 -2.301 1.00 0.00 ? 6  HIS A CA   5  
ATOM   484  C C    . HIS A 1 2 ? -1.579 -1.767 -2.066 1.00 0.00 ? 6  HIS A C    5  
ATOM   485  O O    . HIS A 1 2 ? -1.333 -2.536 -2.999 1.00 0.00 ? 6  HIS A O    5  
ATOM   486  C CB   . HIS A 1 2 ? -2.038 0.423  -3.426 1.00 0.00 ? 6  HIS A CB   5  
ATOM   487  C CG   . HIS A 1 2 ? -2.269 -0.056 -4.850 1.00 0.00 ? 6  HIS A CG   5  
ATOM   488  N ND1  . HIS A 1 2 ? -1.367 -0.764 -5.613 1.00 0.00 ? 6  HIS A ND1  5  
ATOM   489  C CD2  . HIS A 1 2 ? -3.414 0.229  -5.601 1.00 0.00 ? 6  HIS A CD2  5  
ATOM   490  C CE1  . HIS A 1 2 ? -2.081 -0.880 -6.777 1.00 0.00 ? 6  HIS A CE1  5  
ATOM   491  N NE2  . HIS A 1 2 ? -3.325 -0.306 -6.878 1.00 0.00 ? 6  HIS A NE2  5  
ATOM   492  H H    . HIS A 1 2 ? -2.071 0.733  -0.486 1.00 0.00 ? 6  HIS A H    5  
ATOM   493  H HA   . HIS A 1 2 ? -3.487 -0.992 -2.624 1.00 0.00 ? 6  HIS A HA   5  
ATOM   494  H HB2  . HIS A 1 2 ? -2.525 1.414  -3.345 1.00 0.00 ? 6  HIS A HB2  5  
ATOM   495  H HB3  . HIS A 1 2 ? -0.970 0.649  -3.297 1.00 0.00 ? 6  HIS A HB3  5  
ATOM   496  H HD1  . HIS A 1 2 ? -0.487 -1.206 -5.327 1.00 0.00 ? 6  HIS A HD1  5  
ATOM   497  H HD2  . HIS A 1 2 ? -4.241 0.806  -5.214 1.00 0.00 ? 6  HIS A HD2  5  
ATOM   498  H HE1  . HIS A 1 2 ? -1.677 -1.434 -7.614 1.00 0.00 ? 6  HIS A HE1  5  
HETATM 499  N N    . DPN A 1 3 ? -1.026 -1.963 -0.855 1.00 0.00 ? 7  DPN A N    5  
HETATM 500  C CA   . DPN A 1 3 ? 0.031  -2.970 -0.567 1.00 0.00 ? 7  DPN A CA   5  
HETATM 501  C C    . DPN A 1 3 ? 1.193  -2.279 0.219  1.00 0.00 ? 7  DPN A C    5  
HETATM 502  O O    . DPN A 1 3 ? 0.978  -1.540 1.185  1.00 0.00 ? 7  DPN A O    5  
HETATM 503  C CB   . DPN A 1 3 ? -0.601 -4.165 0.189  1.00 0.00 ? 7  DPN A CB   5  
HETATM 504  C CG   . DPN A 1 3 ? 0.315  -5.393 0.323  1.00 0.00 ? 7  DPN A CG   5  
HETATM 505  C CD1  . DPN A 1 3 ? 1.065  -5.594 1.488  1.00 0.00 ? 7  DPN A CD1  5  
HETATM 506  C CD2  . DPN A 1 3 ? 0.426  -6.306 -0.732 1.00 0.00 ? 7  DPN A CD2  5  
HETATM 507  C CE1  . DPN A 1 3 ? 1.919  -6.690 1.593  1.00 0.00 ? 7  DPN A CE1  5  
HETATM 508  C CE2  . DPN A 1 3 ? 1.280  -7.403 -0.624 1.00 0.00 ? 7  DPN A CE2  5  
HETATM 509  C CZ   . DPN A 1 3 ? 2.026  -7.593 0.537  1.00 0.00 ? 7  DPN A CZ   5  
HETATM 510  H H    . DPN A 1 3 ? -1.409 -1.338 -0.131 1.00 0.00 ? 7  DPN A H    5  
HETATM 511  H HA   . DPN A 1 3 ? 0.433  -3.361 -1.527 1.00 0.00 ? 7  DPN A HA   5  
HETATM 512  H HB2  . DPN A 1 3 ? -0.937 -3.821 1.184  1.00 0.00 ? 7  DPN A HB2  5  
HETATM 513  H HB3  . DPN A 1 3 ? -1.537 -4.477 -0.318 1.00 0.00 ? 7  DPN A HB3  5  
HETATM 514  H HD1  . DPN A 1 3 ? 0.996  -4.895 2.309  1.00 0.00 ? 7  DPN A HD1  5  
HETATM 515  H HD2  . DPN A 1 3 ? -0.147 -6.168 -1.638 1.00 0.00 ? 7  DPN A HD2  5  
HETATM 516  H HE1  . DPN A 1 3 ? 2.497  -6.839 2.492  1.00 0.00 ? 7  DPN A HE1  5  
HETATM 517  H HE2  . DPN A 1 3 ? 1.362  -8.107 -1.440 1.00 0.00 ? 7  DPN A HE2  5  
HETATM 518  H HZ   . DPN A 1 3 ? 2.686  -8.444 0.622  1.00 0.00 ? 7  DPN A HZ   5  
ATOM   519  N N    . ARG A 1 4 ? 2.439  -2.477 -0.246 1.00 0.00 ? 8  ARG A N    5  
ATOM   520  C CA   . ARG A 1 4 ? 3.639  -1.719 0.250  1.00 0.00 ? 8  ARG A CA   5  
ATOM   521  C C    . ARG A 1 4 ? 3.574  -0.148 0.282  1.00 0.00 ? 8  ARG A C    5  
ATOM   522  O O    . ARG A 1 4 ? 4.074  0.499  1.203  1.00 0.00 ? 8  ARG A O    5  
ATOM   523  C CB   . ARG A 1 4 ? 4.900  -2.247 -0.492 1.00 0.00 ? 8  ARG A CB   5  
ATOM   524  C CG   . ARG A 1 4 ? 4.967  -1.987 -2.021 1.00 0.00 ? 8  ARG A CG   5  
ATOM   525  C CD   . ARG A 1 4 ? 6.327  -2.341 -2.651 1.00 0.00 ? 8  ARG A CD   5  
ATOM   526  N NE   . ARG A 1 4 ? 6.329  -2.081 -4.120 1.00 0.00 ? 8  ARG A NE   5  
ATOM   527  C CZ   . ARG A 1 4 ? 6.533  -0.897 -4.704 1.00 0.00 ? 8  ARG A CZ   5  
ATOM   528  N NH1  . ARG A 1 4 ? 6.707  0.219  -4.041 1.00 0.00 ? 8  ARG A NH1  5  
ATOM   529  N NH2  . ARG A 1 4 ? 6.558  -0.844 -6.005 1.00 0.00 ? 8  ARG A NH2  5  
ATOM   530  H H    . ARG A 1 4 ? 2.507  -3.230 -0.936 1.00 0.00 ? 8  ARG A H    5  
ATOM   531  H HA   . ARG A 1 4 ? 3.757  -1.995 1.308  1.00 0.00 ? 8  ARG A HA   5  
ATOM   532  H HB2  . ARG A 1 4 ? 5.792  -1.806 -0.006 1.00 0.00 ? 8  ARG A HB2  5  
ATOM   533  H HB3  . ARG A 1 4 ? 4.995  -3.333 -0.309 1.00 0.00 ? 8  ARG A HB3  5  
ATOM   534  H HG2  . ARG A 1 4 ? 4.161  -2.558 -2.522 1.00 0.00 ? 8  ARG A HG2  5  
ATOM   535  H HG3  . ARG A 1 4 ? 4.733  -0.927 -2.225 1.00 0.00 ? 8  ARG A HG3  5  
ATOM   536  H HD2  . ARG A 1 4 ? 7.159  -1.811 -2.140 1.00 0.00 ? 8  ARG A HD2  5  
ATOM   537  H HD3  . ARG A 1 4 ? 6.542  -3.414 -2.475 1.00 0.00 ? 8  ARG A HD3  5  
ATOM   538  H HE   . ARG A 1 4 ? 6.192  -2.850 -4.784 1.00 0.00 ? 8  ARG A HE   5  
ATOM   539  H HH11 . ARG A 1 4 ? 6.660  0.108  -3.026 1.00 0.00 ? 8  ARG A HH11 5  
ATOM   540  H HH12 . ARG A 1 4 ? 6.835  1.088  -4.561 1.00 0.00 ? 8  ARG A HH12 5  
ATOM   541  H HH21 . ARG A 1 4 ? 6.432  -1.725 -6.506 1.00 0.00 ? 8  ARG A HH21 5  
ATOM   542  H HH22 . ARG A 1 4 ? 6.723  0.069  -6.428 1.00 0.00 ? 8  ARG A HH22 5  
ATOM   543  N N    . TRP A 1 5 ? 2.901  0.421  -0.721 1.00 0.00 ? 9  TRP A N    5  
ATOM   544  C CA   . TRP A 1 5 ? 2.494  1.850  -0.820 1.00 0.00 ? 9  TRP A CA   5  
ATOM   545  C C    . TRP A 1 5 ? 1.774  2.492  0.416  1.00 0.00 ? 9  TRP A C    5  
ATOM   546  O O    . TRP A 1 5 ? 1.935  3.692  0.652  1.00 0.00 ? 9  TRP A O    5  
ATOM   547  C CB   . TRP A 1 5 ? 1.572  1.953  -2.069 1.00 0.00 ? 9  TRP A CB   5  
ATOM   548  C CG   . TRP A 1 5 ? 2.174  1.563  -3.432 1.00 0.00 ? 9  TRP A CG   5  
ATOM   549  C CD1  . TRP A 1 5 ? 2.886  2.359  -4.346 1.00 0.00 ? 9  TRP A CD1  5  
ATOM   550  C CD2  . TRP A 1 5 ? 2.133  0.309  -3.986 1.00 0.00 ? 9  TRP A CD2  5  
ATOM   551  N NE1  . TRP A 1 5 ? 3.283  1.614  -5.483 1.00 0.00 ? 9  TRP A NE1  5  
ATOM   552  C CE2  . TRP A 1 5 ? 2.797  0.339  -5.230 1.00 0.00 ? 9  TRP A CE2  5  
ATOM   553  C CE3  . TRP A 1 5 ? 1.594  -0.885 -3.480 1.00 0.00 ? 9  TRP A CE3  5  
ATOM   554  C CZ2  . TRP A 1 5 ? 2.907  -0.853 -5.994 1.00 0.00 ? 9  TRP A CZ2  5  
ATOM   555  C CZ3  . TRP A 1 5 ? 1.724  -2.048 -4.228 1.00 0.00 ? 9  TRP A CZ3  5  
ATOM   556  C CH2  . TRP A 1 5 ? 2.367  -2.037 -5.474 1.00 0.00 ? 9  TRP A CH2  5  
ATOM   557  H H    . TRP A 1 5 ? 2.518  -0.284 -1.355 1.00 0.00 ? 9  TRP A H    5  
ATOM   558  H HA   . TRP A 1 5 ? 3.397  2.448  -1.034 1.00 0.00 ? 9  TRP A HA   5  
ATOM   559  H HB2  . TRP A 1 5 ? 0.656  1.361  -1.887 1.00 0.00 ? 9  TRP A HB2  5  
ATOM   560  H HB3  . TRP A 1 5 ? 1.179  2.967  -2.162 1.00 0.00 ? 9  TRP A HB3  5  
ATOM   561  H HD1  . TRP A 1 5 ? 3.107  3.404  -4.180 1.00 0.00 ? 9  TRP A HD1  5  
ATOM   562  H HE1  . TRP A 1 5 ? 3.703  1.966  -6.351 1.00 0.00 ? 9  TRP A HE1  5  
ATOM   563  H HE3  . TRP A 1 5 ? 1.104  -0.869 -2.519 1.00 0.00 ? 9  TRP A HE3  5  
ATOM   564  H HZ2  . TRP A 1 5 ? 3.404  -0.846 -6.953 1.00 0.00 ? 9  TRP A HZ2  5  
ATOM   565  H HZ3  . TRP A 1 5 ? 1.308  -2.950 -3.809 1.00 0.00 ? 9  TRP A HZ3  5  
ATOM   566  H HH2  . TRP A 1 5 ? 2.442  -2.954 -6.038 1.00 0.00 ? 9  TRP A HH2  5  
ATOM   567  N N    . ASP A 1 6 ? 0.984  1.720  1.189  1.00 0.00 ? 10 ASP A N    5  
ATOM   568  C CA   . ASP A 1 6 ? 0.331  2.201  2.441  1.00 0.00 ? 10 ASP A CA   5  
ATOM   569  C C    . ASP A 1 6 ? 1.282  2.591  3.625  1.00 0.00 ? 10 ASP A C    5  
ATOM   570  O O    . ASP A 1 6 ? 0.974  3.485  4.407  1.00 0.00 ? 10 ASP A O    5  
ATOM   571  C CB   . ASP A 1 6 ? -0.704 1.140  2.921  1.00 0.00 ? 10 ASP A CB   5  
ATOM   572  C CG   . ASP A 1 6 ? -1.829 0.703  1.968  1.00 0.00 ? 10 ASP A CG   5  
ATOM   573  O OD1  . ASP A 1 6 ? -1.923 -0.476 1.634  1.00 0.00 ? 10 ASP A OD1  5  
ATOM   574  H H    . ASP A 1 6 ? 0.982  0.726  0.925  1.00 0.00 ? 10 ASP A H    5  
ATOM   575  H HA   . ASP A 1 6 ? -0.219 3.133  2.203  1.00 0.00 ? 10 ASP A HA   5  
ATOM   576  H HB2  . ASP A 1 6 ? -0.161 0.223  3.226  1.00 0.00 ? 10 ASP A HB2  5  
ATOM   577  H HB3  . ASP A 1 6 ? -1.187 1.487  3.855  1.00 0.00 ? 10 ASP A HB3  5  
HETATM 578  N N    . NH2 A 1 7 ? 2.428  1.969  3.841  1.00 0.00 ? 11 NH2 A N    5  
HETATM 579  H HN1  . NH2 A 1 7 ? 2.977  2.412  4.582  1.00 0.00 ? 11 NH2 A HN1  5  
HETATM 580  H HN2  . NH2 A 1 7 ? 2.769  1.376  3.078  1.00 0.00 ? 11 NH2 A HN2  5  
HETATM 581  N N    . AC5 A 1 1 ? -2.648 1.613  1.549  1.00 0.00 ? 5  AC5 A N    6  
HETATM 582  O O    . AC5 A 1 1 ? -4.967 -0.253 -0.783 1.00 0.00 ? 5  AC5 A O    6  
HETATM 583  C CA   . AC5 A 1 1 ? -3.958 1.309  0.858  1.00 0.00 ? 5  AC5 A CA   6  
HETATM 584  C C    . AC5 A 1 1 ? -3.957 0.362  -0.423 1.00 0.00 ? 5  AC5 A C    6  
HETATM 585  C CB1  . AC5 A 1 1 ? -4.944 0.791  1.940  1.00 0.00 ? 5  AC5 A CB1  6  
HETATM 586  C CB2  . AC5 A 1 1 ? -4.577 2.691  0.478  1.00 0.00 ? 5  AC5 A CB2  6  
HETATM 587  C CG1  . AC5 A 1 1 ? -6.215 1.643  1.870  1.00 0.00 ? 5  AC5 A CG1  6  
HETATM 588  C CG2  . AC5 A 1 1 ? -5.671 3.019  1.504  1.00 0.00 ? 5  AC5 A CG2  6  
HETATM 589  H H    . AC5 A 1 1 ? -2.497 2.529  1.976  1.00 0.00 ? 5  AC5 A H    6  
HETATM 590  H HB11 . AC5 A 1 1 ? -4.504 0.872  2.951  1.00 0.00 ? 5  AC5 A HB11 6  
HETATM 591  H HB12 . AC5 A 1 1 ? -5.147 -0.287 1.810  1.00 0.00 ? 5  AC5 A HB12 6  
HETATM 592  H HB21 . AC5 A 1 1 ? -5.054 2.650  -0.523 1.00 0.00 ? 5  AC5 A HB21 6  
HETATM 593  H HB22 . AC5 A 1 1 ? -3.837 3.509  0.389  1.00 0.00 ? 5  AC5 A HB22 6  
HETATM 594  H HG11 . AC5 A 1 1 ? -6.894 1.266  1.081  1.00 0.00 ? 5  AC5 A HG11 6  
HETATM 595  H HG12 . AC5 A 1 1 ? -6.784 1.645  2.821  1.00 0.00 ? 5  AC5 A HG12 6  
HETATM 596  H HG21 . AC5 A 1 1 ? -5.237 3.519  2.393  1.00 0.00 ? 5  AC5 A HG21 6  
HETATM 597  H HG22 . AC5 A 1 1 ? -6.451 3.692  1.099  1.00 0.00 ? 5  AC5 A HG22 6  
ATOM   598  N N    . HIS A 1 2 ? -2.816 0.282  -1.106 1.00 0.00 ? 6  HIS A N    6  
ATOM   599  C CA   . HIS A 1 2 ? -2.578 -0.652 -2.246 1.00 0.00 ? 6  HIS A CA   6  
ATOM   600  C C    . HIS A 1 2 ? -1.625 -1.874 -1.976 1.00 0.00 ? 6  HIS A C    6  
ATOM   601  O O    . HIS A 1 2 ? -1.406 -2.674 -2.890 1.00 0.00 ? 6  HIS A O    6  
ATOM   602  C CB   . HIS A 1 2 ? -2.038 0.228  -3.408 1.00 0.00 ? 6  HIS A CB   6  
ATOM   603  C CG   . HIS A 1 2 ? -3.058 1.131  -4.096 1.00 0.00 ? 6  HIS A CG   6  
ATOM   604  N ND1  . HIS A 1 2 ? -4.053 0.693  -4.947 1.00 0.00 ? 6  HIS A ND1  6  
ATOM   605  C CD2  . HIS A 1 2 ? -3.127 2.522  -3.955 1.00 0.00 ? 6  HIS A CD2  6  
ATOM   606  C CE1  . HIS A 1 2 ? -4.659 1.889  -5.237 1.00 0.00 ? 6  HIS A CE1  6  
ATOM   607  N NE2  . HIS A 1 2 ? -4.176 3.054  -4.695 1.00 0.00 ? 6  HIS A NE2  6  
ATOM   608  H H    . HIS A 1 2 ? -2.084 0.755  -0.575 1.00 0.00 ? 6  HIS A H    6  
ATOM   609  H HA   . HIS A 1 2 ? -3.525 -1.118 -2.570 1.00 0.00 ? 6  HIS A HA   6  
ATOM   610  H HB2  . HIS A 1 2 ? -1.172 0.827  -3.068 1.00 0.00 ? 6  HIS A HB2  6  
ATOM   611  H HB3  . HIS A 1 2 ? -1.604 -0.414 -4.182 1.00 0.00 ? 6  HIS A HB3  6  
ATOM   612  H HD1  . HIS A 1 2 ? -4.293 -0.257 -5.241 1.00 0.00 ? 6  HIS A HD1  6  
ATOM   613  H HD2  . HIS A 1 2 ? -2.448 3.093  -3.344 1.00 0.00 ? 6  HIS A HD2  6  
ATOM   614  H HE1  . HIS A 1 2 ? -5.520 1.922  -5.891 1.00 0.00 ? 6  HIS A HE1  6  
HETATM 615  N N    . DPN A 1 3 ? -1.041 -2.022 -0.775 1.00 0.00 ? 7  DPN A N    6  
HETATM 616  C CA   . DPN A 1 3 ? 0.026  -3.018 -0.482 1.00 0.00 ? 7  DPN A CA   6  
HETATM 617  C C    . DPN A 1 3 ? 1.208  -2.298 0.246  1.00 0.00 ? 7  DPN A C    6  
HETATM 618  O O    . DPN A 1 3 ? 1.019  -1.560 1.220  1.00 0.00 ? 7  DPN A O    6  
HETATM 619  C CB   . DPN A 1 3 ? -0.583 -4.182 0.339  1.00 0.00 ? 7  DPN A CB   6  
HETATM 620  C CG   . DPN A 1 3 ? 0.340  -5.401 0.503  1.00 0.00 ? 7  DPN A CG   6  
HETATM 621  C CD1  . DPN A 1 3 ? 1.118  -5.549 1.656  1.00 0.00 ? 7  DPN A CD1  6  
HETATM 622  C CD2  . DPN A 1 3 ? 0.427  -6.360 -0.513 1.00 0.00 ? 7  DPN A CD2  6  
HETATM 623  C CE1  . DPN A 1 3 ? 1.975  -6.640 1.788  1.00 0.00 ? 7  DPN A CE1  6  
HETATM 624  C CE2  . DPN A 1 3 ? 1.285  -7.451 -0.378 1.00 0.00 ? 7  DPN A CE2  6  
HETATM 625  C CZ   . DPN A 1 3 ? 2.059  -7.589 0.772  1.00 0.00 ? 7  DPN A CZ   6  
HETATM 626  H H    . DPN A 1 3 ? -1.414 -1.381 -0.060 1.00 0.00 ? 7  DPN A H    6  
HETATM 627  H HA   . DPN A 1 3 ? 0.401  -3.446 -1.435 1.00 0.00 ? 7  DPN A HA   6  
HETATM 628  H HB2  . DPN A 1 3 ? -0.895 -3.796 1.325  1.00 0.00 ? 7  DPN A HB2  6  
HETATM 629  H HB3  . DPN A 1 3 ? -1.530 -4.519 -0.130 1.00 0.00 ? 7  DPN A HB3  6  
HETATM 630  H HD1  . DPN A 1 3 ? 1.068  -4.816 2.448  1.00 0.00 ? 7  DPN A HD1  6  
HETATM 631  H HD2  . DPN A 1 3 ? -0.167 -6.262 -1.410 1.00 0.00 ? 7  DPN A HD2  6  
HETATM 632  H HE1  . DPN A 1 3 ? 2.576  -6.750 2.680  1.00 0.00 ? 7  DPN A HE1  6  
HETATM 633  H HE2  . DPN A 1 3 ? 1.349  -8.189 -1.163 1.00 0.00 ? 7  DPN A HE2  6  
HETATM 634  H HZ   . DPN A 1 3 ? 2.722  -8.435 0.877  1.00 0.00 ? 7  DPN A HZ   6  
ATOM   635  N N    . ARG A 1 4 ? 2.437  -2.481 -0.265 1.00 0.00 ? 8  ARG A N    6  
ATOM   636  C CA   . ARG A 1 4 ? 3.651  -1.734 0.212  1.00 0.00 ? 8  ARG A CA   6  
ATOM   637  C C    . ARG A 1 4 ? 3.602  -0.164 0.249  1.00 0.00 ? 8  ARG A C    6  
ATOM   638  O O    . ARG A 1 4 ? 4.162  0.476  1.141  1.00 0.00 ? 8  ARG A O    6  
ATOM   639  C CB   . ARG A 1 4 ? 4.896  -2.274 -0.542 1.00 0.00 ? 8  ARG A CB   6  
ATOM   640  C CG   . ARG A 1 4 ? 4.982  -1.980 -2.066 1.00 0.00 ? 8  ARG A CG   6  
ATOM   641  C CD   . ARG A 1 4 ? 6.278  -2.452 -2.754 1.00 0.00 ? 8  ARG A CD   6  
ATOM   642  N NE   . ARG A 1 4 ? 7.418  -1.561 -2.395 1.00 0.00 ? 8  ARG A NE   6  
ATOM   643  C CZ   . ARG A 1 4 ? 8.670  -1.697 -2.828 1.00 0.00 ? 8  ARG A CZ   6  
ATOM   644  N NH1  . ARG A 1 4 ? 9.558  -0.833 -2.428 1.00 0.00 ? 8  ARG A NH1  6  
ATOM   645  N NH2  . ARG A 1 4 ? 9.059  -2.654 -3.637 1.00 0.00 ? 8  ARG A NH2  6  
ATOM   646  H H    . ARG A 1 4 ? 2.486  -3.223 -0.968 1.00 0.00 ? 8  ARG A H    6  
ATOM   647  H HA   . ARG A 1 4 ? 3.778  -2.009 1.268  1.00 0.00 ? 8  ARG A HA   6  
ATOM   648  H HB2  . ARG A 1 4 ? 5.798  -1.869 -0.043 1.00 0.00 ? 8  ARG A HB2  6  
ATOM   649  H HB3  . ARG A 1 4 ? 4.964  -3.366 -0.382 1.00 0.00 ? 8  ARG A HB3  6  
ATOM   650  H HG2  . ARG A 1 4 ? 4.125  -2.478 -2.560 1.00 0.00 ? 8  ARG A HG2  6  
ATOM   651  H HG3  . ARG A 1 4 ? 4.822  -0.902 -2.266 1.00 0.00 ? 8  ARG A HG3  6  
ATOM   652  H HD2  . ARG A 1 4 ? 6.486  -3.508 -2.484 1.00 0.00 ? 8  ARG A HD2  6  
ATOM   653  H HD3  . ARG A 1 4 ? 6.118  -2.439 -3.853 1.00 0.00 ? 8  ARG A HD3  6  
ATOM   654  H HE   . ARG A 1 4 ? 7.269  -0.763 -1.771 1.00 0.00 ? 8  ARG A HE   6  
ATOM   655  H HH11 . ARG A 1 4 ? 10.514 -0.951 -2.770 1.00 0.00 ? 8  ARG A HH11 6  
ATOM   656  H HH12 . ARG A 1 4 ? 9.235  -0.094 -1.798 1.00 0.00 ? 8  ARG A HH12 6  
ATOM   657  H HH21 . ARG A 1 4 ? 10.039 -2.685 -3.921 1.00 0.00 ? 8  ARG A HH21 6  
ATOM   658  H HH22 . ARG A 1 4 ? 8.315  -3.294 -3.912 1.00 0.00 ? 8  ARG A HH22 6  
ATOM   659  N N    . TRP A 1 5 ? 2.887  0.415  -0.715 1.00 0.00 ? 9  TRP A N    6  
ATOM   660  C CA   . TRP A 1 5 ? 2.531  1.860  -0.804 1.00 0.00 ? 9  TRP A CA   6  
ATOM   661  C C    . TRP A 1 5 ? 1.813  2.506  0.430  1.00 0.00 ? 9  TRP A C    6  
ATOM   662  O O    . TRP A 1 5 ? 1.979  3.704  0.667  1.00 0.00 ? 9  TRP A O    6  
ATOM   663  C CB   . TRP A 1 5 ? 1.641  2.023  -2.069 1.00 0.00 ? 9  TRP A CB   6  
ATOM   664  C CG   . TRP A 1 5 ? 2.246  1.594  -3.416 1.00 0.00 ? 9  TRP A CG   6  
ATOM   665  C CD1  . TRP A 1 5 ? 3.114  2.309  -4.264 1.00 0.00 ? 9  TRP A CD1  6  
ATOM   666  C CD2  . TRP A 1 5 ? 2.153  0.338  -3.960 1.00 0.00 ? 9  TRP A CD2  6  
ATOM   667  N NE1  . TRP A 1 5 ? 3.559  1.510  -5.342 1.00 0.00 ? 9  TRP A NE1  6  
ATOM   668  C CE2  . TRP A 1 5 ? 2.952  0.279  -5.121 1.00 0.00 ? 9  TRP A CE2  6  
ATOM   669  C CE3  . TRP A 1 5 ? 1.512  -0.814 -3.465 1.00 0.00 ? 9  TRP A CE3  6  
ATOM   670  C CZ2  . TRP A 1 5 ? 3.110  -0.952 -5.807 1.00 0.00 ? 9  TRP A CZ2  6  
ATOM   671  C CZ3  . TRP A 1 5 ? 1.675  -2.014 -4.146 1.00 0.00 ? 9  TRP A CZ3  6  
ATOM   672  C CH2  . TRP A 1 5 ? 2.458  -2.086 -5.306 1.00 0.00 ? 9  TRP A CH2  6  
ATOM   673  H H    . TRP A 1 5 ? 2.485  -0.276 -1.353 1.00 0.00 ? 9  TRP A H    6  
ATOM   674  H HA   . TRP A 1 5 ? 3.461  2.427  -0.986 1.00 0.00 ? 9  TRP A HA   6  
ATOM   675  H HB2  . TRP A 1 5 ? 0.685  1.485  -1.906 1.00 0.00 ? 9  TRP A HB2  6  
ATOM   676  H HB3  . TRP A 1 5 ? 1.312  3.057  -2.166 1.00 0.00 ? 9  TRP A HB3  6  
ATOM   677  H HD1  . TRP A 1 5 ? 3.450  3.318  -4.066 1.00 0.00 ? 9  TRP A HD1  6  
ATOM   678  H HE1  . TRP A 1 5 ? 4.210  1.761  -6.096 1.00 0.00 ? 9  TRP A HE1  6  
ATOM   679  H HE3  . TRP A 1 5 ? 0.957  -0.744 -2.543 1.00 0.00 ? 9  TRP A HE3  6  
ATOM   680  H HZ2  . TRP A 1 5 ? 3.733  -1.016 -6.687 1.00 0.00 ? 9  TRP A HZ2  6  
ATOM   681  H HZ3  . TRP A 1 5 ? 1.190  -2.883 -3.731 1.00 0.00 ? 9  TRP A HZ3  6  
ATOM   682  H HH2  . TRP A 1 5 ? 2.569  -3.035 -5.813 1.00 0.00 ? 9  TRP A HH2  6  
ATOM   683  N N    . ASP A 1 6 ? 1.021  1.734  1.201  1.00 0.00 ? 10 ASP A N    6  
ATOM   684  C CA   . ASP A 1 6 ? 0.354  2.218  2.447  1.00 0.00 ? 10 ASP A CA   6  
ATOM   685  C C    . ASP A 1 6 ? 1.293  2.636  3.630  1.00 0.00 ? 10 ASP A C    6  
ATOM   686  O O    . ASP A 1 6 ? 0.978  3.551  4.385  1.00 0.00 ? 10 ASP A O    6  
ATOM   687  C CB   . ASP A 1 6 ? -0.663 1.143  2.928  1.00 0.00 ? 10 ASP A CB   6  
ATOM   688  C CG   . ASP A 1 6 ? -1.783 0.682  1.981  1.00 0.00 ? 10 ASP A CG   6  
ATOM   689  O OD1  . ASP A 1 6 ? -1.873 -0.504 1.670  1.00 0.00 ? 10 ASP A OD1  6  
ATOM   690  H H    . ASP A 1 6 ? 1.015  0.744  0.928  1.00 0.00 ? 10 ASP A H    6  
ATOM   691  H HA   . ASP A 1 6 ? -0.211 3.137  2.195  1.00 0.00 ? 10 ASP A HA   6  
ATOM   692  H HB2  . ASP A 1 6 ? -0.107 0.235  3.237  1.00 0.00 ? 10 ASP A HB2  6  
ATOM   693  H HB3  . ASP A 1 6 ? -1.151 1.485  3.860  1.00 0.00 ? 10 ASP A HB3  6  
HETATM 694  N N    . NH2 A 1 7 ? 2.432  2.015  3.875  1.00 0.00 ? 11 NH2 A N    6  
HETATM 695  H HN1  . NH2 A 1 7 ? 2.975  2.475  4.611  1.00 0.00 ? 11 NH2 A HN1  6  
HETATM 696  H HN2  . NH2 A 1 7 ? 2.774  1.395  3.133  1.00 0.00 ? 11 NH2 A HN2  6  
HETATM 697  N N    . AC5 A 1 1 ? -2.538 1.725  1.682  1.00 0.00 ? 5  AC5 A N    7  
HETATM 698  O O    . AC5 A 1 1 ? -4.937 -0.521 0.067  1.00 0.00 ? 5  AC5 A O    7  
HETATM 699  C CA   . AC5 A 1 1 ? -3.812 1.546  0.899  1.00 0.00 ? 5  AC5 A CA   7  
HETATM 700  C C    . AC5 A 1 1 ? -3.962 0.233  0.017  1.00 0.00 ? 5  AC5 A C    7  
HETATM 701  C CB1  . AC5 A 1 1 ? -4.995 1.753  1.856  1.00 0.00 ? 5  AC5 A CB1  7  
HETATM 702  C CB2  . AC5 A 1 1 ? -3.970 2.831  0.033  1.00 0.00 ? 5  AC5 A CB2  7  
HETATM 703  C CG1  . AC5 A 1 1 ? -5.177 3.255  2.124  1.00 0.00 ? 5  AC5 A CG1  7  
HETATM 704  C CG2  . AC5 A 1 1 ? -4.640 3.942  0.866  1.00 0.00 ? 5  AC5 A CG2  7  
HETATM 705  H H    . AC5 A 1 1 ? -2.265 2.671  1.944  1.00 0.00 ? 5  AC5 A H    7  
HETATM 706  H HB11 . AC5 A 1 1 ? -4.841 1.153  2.767  1.00 0.00 ? 5  AC5 A HB11 7  
HETATM 707  H HB12 . AC5 A 1 1 ? -5.904 1.369  1.368  1.00 0.00 ? 5  AC5 A HB12 7  
HETATM 708  H HB21 . AC5 A 1 1 ? -4.621 2.618  -0.837 1.00 0.00 ? 5  AC5 A HB21 7  
HETATM 709  H HB22 . AC5 A 1 1 ? -3.013 3.166  -0.418 1.00 0.00 ? 5  AC5 A HB22 7  
HETATM 710  H HG11 . AC5 A 1 1 ? -6.233 3.518  2.336  1.00 0.00 ? 5  AC5 A HG11 7  
HETATM 711  H HG12 . AC5 A 1 1 ? -4.591 3.561  3.012  1.00 0.00 ? 5  AC5 A HG12 7  
HETATM 712  H HG21 . AC5 A 1 1 ? -3.918 4.737  1.132  1.00 0.00 ? 5  AC5 A HG21 7  
HETATM 713  H HG22 . AC5 A 1 1 ? -5.452 4.435  0.296  1.00 0.00 ? 5  AC5 A HG22 7  
ATOM   714  N N    . HIS A 1 2 ? -2.952 0.031  -0.823 1.00 0.00 ? 6  HIS A N    7  
ATOM   715  C CA   . HIS A 1 2 ? -2.938 -0.991 -1.904 1.00 0.00 ? 6  HIS A CA   7  
ATOM   716  C C    . HIS A 1 2 ? -1.646 -1.874 -1.979 1.00 0.00 ? 6  HIS A C    7  
ATOM   717  O O    . HIS A 1 2 ? -1.187 -2.241 -3.065 1.00 0.00 ? 6  HIS A O    7  
ATOM   718  C CB   . HIS A 1 2 ? -3.315 -0.254 -3.218 1.00 0.00 ? 6  HIS A CB   7  
ATOM   719  C CG   . HIS A 1 2 ? -2.519 0.972  -3.674 1.00 0.00 ? 6  HIS A CG   7  
ATOM   720  N ND1  . HIS A 1 2 ? -2.907 2.283  -3.484 1.00 0.00 ? 6  HIS A ND1  7  
ATOM   721  C CD2  . HIS A 1 2 ? -1.336 0.928  -4.403 1.00 0.00 ? 6  HIS A CD2  7  
ATOM   722  C CE1  . HIS A 1 2 ? -1.892 2.927  -4.142 1.00 0.00 ? 6  HIS A CE1  7  
ATOM   723  N NE2  . HIS A 1 2 ? -0.887 2.201  -4.728 1.00 0.00 ? 6  HIS A NE2  7  
ATOM   724  H H    . HIS A 1 2 ? -2.350 0.850  -0.788 1.00 0.00 ? 6  HIS A H    7  
ATOM   725  H HA   . HIS A 1 2 ? -3.742 -1.733 -1.727 1.00 0.00 ? 6  HIS A HA   7  
ATOM   726  H HB2  . HIS A 1 2 ? -3.282 -1.005 -4.017 1.00 0.00 ? 6  HIS A HB2  7  
ATOM   727  H HB3  . HIS A 1 2 ? -4.370 0.037  -3.145 1.00 0.00 ? 6  HIS A HB3  7  
ATOM   728  H HD1  . HIS A 1 2 ? -3.786 2.655  -3.112 1.00 0.00 ? 6  HIS A HD1  7  
ATOM   729  H HD2  . HIS A 1 2 ? -0.864 0.002  -4.673 1.00 0.00 ? 6  HIS A HD2  7  
ATOM   730  H HE1  . HIS A 1 2 ? -1.892 4.007  -4.230 1.00 0.00 ? 6  HIS A HE1  7  
HETATM 731  N N    . DPN A 1 3 ? -1.104 -2.267 -0.817 1.00 0.00 ? 7  DPN A N    7  
HETATM 732  C CA   . DPN A 1 3 ? 0.122  -3.102 -0.698 1.00 0.00 ? 7  DPN A CA   7  
HETATM 733  C C    . DPN A 1 3 ? 1.208  -2.358 0.148  1.00 0.00 ? 7  DPN A C    7  
HETATM 734  O O    . DPN A 1 3 ? 0.919  -1.686 1.144  1.00 0.00 ? 7  DPN A O    7  
HETATM 735  C CB   . DPN A 1 3 ? -0.284 -4.482 -0.113 1.00 0.00 ? 7  DPN A CB   7  
HETATM 736  C CG   . DPN A 1 3 ? 0.816  -5.556 -0.184 1.00 0.00 ? 7  DPN A CG   7  
HETATM 737  C CD1  . DPN A 1 3 ? 1.046  -6.248 -1.377 1.00 0.00 ? 7  DPN A CD1  7  
HETATM 738  C CD2  . DPN A 1 3 ? 1.617  -5.822 0.931  1.00 0.00 ? 7  DPN A CD2  7  
HETATM 739  C CE1  . DPN A 1 3 ? 2.068  -7.192 -1.455 1.00 0.00 ? 7  DPN A CE1  7  
HETATM 740  C CE2  . DPN A 1 3 ? 2.639  -6.766 0.851  1.00 0.00 ? 7  DPN A CE2  7  
HETATM 741  C CZ   . DPN A 1 3 ? 2.864  -7.450 -0.341 1.00 0.00 ? 7  DPN A CZ   7  
HETATM 742  H H    . DPN A 1 3 ? -1.519 -1.760 -0.028 1.00 0.00 ? 7  DPN A H    7  
HETATM 743  H HA   . DPN A 1 3 ? 0.536  -3.288 -1.710 1.00 0.00 ? 7  DPN A HA   7  
HETATM 744  H HB2  . DPN A 1 3 ? -0.632 -4.347 0.929  1.00 0.00 ? 7  DPN A HB2  7  
HETATM 745  H HB3  . DPN A 1 3 ? -1.177 -4.865 -0.644 1.00 0.00 ? 7  DPN A HB3  7  
HETATM 746  H HD1  . DPN A 1 3 ? 0.438  -6.055 -2.250 1.00 0.00 ? 7  DPN A HD1  7  
HETATM 747  H HD2  . DPN A 1 3 ? 1.459  -5.291 1.860  1.00 0.00 ? 7  DPN A HD2  7  
HETATM 748  H HE1  . DPN A 1 3 ? 2.242  -7.728 -2.378 1.00 0.00 ? 7  DPN A HE1  7  
HETATM 749  H HE2  . DPN A 1 3 ? 3.256  -6.968 1.715  1.00 0.00 ? 7  DPN A HE2  7  
HETATM 750  H HZ   . DPN A 1 3 ? 3.654  -8.184 -0.402 1.00 0.00 ? 7  DPN A HZ   7  
ATOM   751  N N    . ARG A 1 4 ? 2.475  -2.452 -0.295 1.00 0.00 ? 8  ARG A N    7  
ATOM   752  C CA   . ARG A 1 4 ? 3.621  -1.681 0.297  1.00 0.00 ? 8  ARG A CA   7  
ATOM   753  C C    . ARG A 1 4 ? 3.485  -0.120 0.423  1.00 0.00 ? 8  ARG A C    7  
ATOM   754  O O    . ARG A 1 4 ? 3.956  0.495  1.383  1.00 0.00 ? 8  ARG A O    7  
ATOM   755  C CB   . ARG A 1 4 ? 4.920  -2.113 -0.442 1.00 0.00 ? 8  ARG A CB   7  
ATOM   756  C CG   . ARG A 1 4 ? 5.072  -1.629 -1.908 1.00 0.00 ? 8  ARG A CG   7  
ATOM   757  C CD   . ARG A 1 4 ? 6.353  -2.111 -2.599 1.00 0.00 ? 8  ARG A CD   7  
ATOM   758  N NE   . ARG A 1 4 ? 6.388  -1.522 -3.967 1.00 0.00 ? 8  ARG A NE   7  
ATOM   759  C CZ   . ARG A 1 4 ? 7.343  -1.725 -4.873 1.00 0.00 ? 8  ARG A CZ   7  
ATOM   760  N NH1  . ARG A 1 4 ? 7.246  -1.113 -6.017 1.00 0.00 ? 8  ARG A NH1  7  
ATOM   761  N NH2  . ARG A 1 4 ? 8.379  -2.504 -4.674 1.00 0.00 ? 8  ARG A NH2  7  
ATOM   762  H H    . ARG A 1 4 ? 2.604  -3.141 -1.039 1.00 0.00 ? 8  ARG A H    7  
ATOM   763  H HA   . ARG A 1 4 ? 3.715  -2.021 1.339  1.00 0.00 ? 8  ARG A HA   7  
ATOM   764  H HB2  . ARG A 1 4 ? 5.785  -1.750 0.142  1.00 0.00 ? 8  ARG A HB2  7  
ATOM   765  H HB3  . ARG A 1 4 ? 5.003  -3.218 -0.408 1.00 0.00 ? 8  ARG A HB3  7  
ATOM   766  H HG2  . ARG A 1 4 ? 4.189  -1.961 -2.488 1.00 0.00 ? 8  ARG A HG2  7  
ATOM   767  H HG3  . ARG A 1 4 ? 5.037  -0.522 -1.920 1.00 0.00 ? 8  ARG A HG3  7  
ATOM   768  H HD2  . ARG A 1 4 ? 7.242  -1.798 -2.011 1.00 0.00 ? 8  ARG A HD2  7  
ATOM   769  H HD3  . ARG A 1 4 ? 6.366  -3.221 -2.640 1.00 0.00 ? 8  ARG A HD3  7  
ATOM   770  H HE   . ARG A 1 4 ? 5.644  -0.889 -4.275 1.00 0.00 ? 8  ARG A HE   7  
ATOM   771  H HH11 . ARG A 1 4 ? 7.988  -1.277 -6.699 1.00 0.00 ? 8  ARG A HH11 7  
ATOM   772  H HH12 . ARG A 1 4 ? 6.441  -0.496 -6.141 1.00 0.00 ? 8  ARG A HH12 7  
ATOM   773  H HH21 . ARG A 1 4 ? 9.067  -2.604 -5.421 1.00 0.00 ? 8  ARG A HH21 7  
ATOM   774  H HH22 . ARG A 1 4 ? 8.394  -2.949 -3.755 1.00 0.00 ? 8  ARG A HH22 7  
ATOM   775  N N    . TRP A 1 5 ? 2.803  0.474  -0.557 1.00 0.00 ? 9  TRP A N    7  
ATOM   776  C CA   . TRP A 1 5 ? 2.438  1.915  -0.642 1.00 0.00 ? 9  TRP A CA   7  
ATOM   777  C C    . TRP A 1 5 ? 1.688  2.556  0.576  1.00 0.00 ? 9  TRP A C    7  
ATOM   778  O O    . TRP A 1 5 ? 1.803  3.764  0.789  1.00 0.00 ? 9  TRP A O    7  
ATOM   779  C CB   . TRP A 1 5 ? 1.598  2.065  -1.940 1.00 0.00 ? 9  TRP A CB   7  
ATOM   780  C CG   . TRP A 1 5 ? 2.306  1.705  -3.261 1.00 0.00 ? 9  TRP A CG   7  
ATOM   781  C CD1  . TRP A 1 5 ? 3.153  2.500  -4.055 1.00 0.00 ? 9  TRP A CD1  7  
ATOM   782  C CD2  . TRP A 1 5 ? 2.293  0.471  -3.856 1.00 0.00 ? 9  TRP A CD2  7  
ATOM   783  N NE1  . TRP A 1 5 ? 3.671  1.771  -5.153 1.00 0.00 ? 9  TRP A NE1  7  
ATOM   784  C CE2  . TRP A 1 5 ? 3.115  0.507  -5.003 1.00 0.00 ? 9  TRP A CE2  7  
ATOM   785  C CE3  . TRP A 1 5 ? 1.655  -0.722 -3.459 1.00 0.00 ? 9  TRP A CE3  7  
ATOM   786  C CZ2  . TRP A 1 5 ? 3.296  -0.666 -5.779 1.00 0.00 ? 9  TRP A CZ2  7  
ATOM   787  C CZ3  . TRP A 1 5 ? 1.855  -1.866 -4.220 1.00 0.00 ? 9  TRP A CZ3  7  
ATOM   788  C CH2  . TRP A 1 5 ? 2.660  -1.844 -5.368 1.00 0.00 ? 9  TRP A CH2  7  
ATOM   789  H H    . TRP A 1 5 ? 2.463  -0.204 -1.244 1.00 0.00 ? 9  TRP A H    7  
ATOM   790  H HA   . TRP A 1 5 ? 3.370  2.489  -0.791 1.00 0.00 ? 9  TRP A HA   7  
ATOM   791  H HB2  . TRP A 1 5 ? 0.661  1.480  -1.851 1.00 0.00 ? 9  TRP A HB2  7  
ATOM   792  H HB3  . TRP A 1 5 ? 1.223  3.085  -2.032 1.00 0.00 ? 9  TRP A HB3  7  
ATOM   793  H HD1  . TRP A 1 5 ? 3.396  3.530  -3.830 1.00 0.00 ? 9  TRP A HD1  7  
ATOM   794  H HE1  . TRP A 1 5 ? 4.225  2.133  -5.938 1.00 0.00 ? 9  TRP A HE1  7  
ATOM   795  H HE3  . TRP A 1 5 ? 1.022  -0.713 -2.579 1.00 0.00 ? 9  TRP A HE3  7  
ATOM   796  H HZ2  . TRP A 1 5 ? 3.904  -0.648 -6.670 1.00 0.00 ? 9  TRP A HZ2  7  
ATOM   797  H HZ3  . TRP A 1 5 ? 1.366  -2.770 -3.896 1.00 0.00 ? 9  TRP A HZ3  7  
ATOM   798  H HH2  . TRP A 1 5 ? 2.784  -2.747 -5.948 1.00 0.00 ? 9  TRP A HH2  7  
ATOM   799  N N    . ASP A 1 6 ? 0.946  1.762  1.373  1.00 0.00 ? 10 ASP A N    7  
ATOM   800  C CA   . ASP A 1 6 ? 0.368  2.217  2.671  1.00 0.00 ? 10 ASP A CA   7  
ATOM   801  C C    . ASP A 1 6 ? 1.390  2.554  3.810  1.00 0.00 ? 10 ASP A C    7  
ATOM   802  O O    . ASP A 1 6 ? 1.134  3.421  4.641  1.00 0.00 ? 10 ASP A O    7  
ATOM   803  C CB   . ASP A 1 6 ? -0.661 1.159  3.174  1.00 0.00 ? 10 ASP A CB   7  
ATOM   804  C CG   . ASP A 1 6 ? -1.851 0.748  2.296  1.00 0.00 ? 10 ASP A CG   7  
ATOM   805  O OD1  . ASP A 1 6 ? -2.142 -0.444 2.205  1.00 0.00 ? 10 ASP A OD1  7  
ATOM   806  H H    . ASP A 1 6 ? 0.992  0.770  1.102  1.00 0.00 ? 10 ASP A H    7  
ATOM   807  H HA   . ASP A 1 6 ? -0.174 3.165  2.491  1.00 0.00 ? 10 ASP A HA   7  
ATOM   808  H HB2  . ASP A 1 6 ? -0.116 0.228  3.425  1.00 0.00 ? 10 ASP A HB2  7  
ATOM   809  H HB3  . ASP A 1 6 ? -1.092 1.495  4.134  1.00 0.00 ? 10 ASP A HB3  7  
HETATM 810  N N    . NH2 A 1 7 ? 2.542  1.921  3.939  1.00 0.00 ? 11 NH2 A N    7  
HETATM 811  H HN1  . NH2 A 1 7 ? 3.131  2.329  4.667  1.00 0.00 ? 11 NH2 A HN1  7  
HETATM 812  H HN2  . NH2 A 1 7 ? 2.841  1.356  3.135  1.00 0.00 ? 11 NH2 A HN2  7  
HETATM 813  N N    . AC5 A 1 1 ? -2.636 1.571  1.575  1.00 0.00 ? 5  AC5 A N    8  
HETATM 814  O O    . AC5 A 1 1 ? -4.899 -0.477 -0.599 1.00 0.00 ? 5  AC5 A O    8  
HETATM 815  C CA   . AC5 A 1 1 ? -3.944 1.282  0.879  1.00 0.00 ? 5  AC5 A CA   8  
HETATM 816  C C    . AC5 A 1 1 ? -3.942 0.262  -0.344 1.00 0.00 ? 5  AC5 A C    8  
HETATM 817  C CB1  . AC5 A 1 1 ? -4.972 0.901  1.962  1.00 0.00 ? 5  AC5 A CB1  8  
HETATM 818  C CB2  . AC5 A 1 1 ? -4.530 2.652  0.445  1.00 0.00 ? 5  AC5 A CB2  8  
HETATM 819  C CG1  . AC5 A 1 1 ? -5.481 2.175  2.656  1.00 0.00 ? 5  AC5 A CG1  8  
HETATM 820  C CG2  . AC5 A 1 1 ? -5.267 3.298  1.636  1.00 0.00 ? 5  AC5 A CG2  8  
HETATM 821  H H    . AC5 A 1 1 ? -2.514 2.481  2.019  1.00 0.00 ? 5  AC5 A H    8  
HETATM 822  H HB11 . AC5 A 1 1 ? -4.538 0.165  2.661  1.00 0.00 ? 5  AC5 A HB11 8  
HETATM 823  H HB12 . AC5 A 1 1 ? -5.822 0.398  1.476  1.00 0.00 ? 5  AC5 A HB12 8  
HETATM 824  H HB21 . AC5 A 1 1 ? -5.269 2.508  -0.368 1.00 0.00 ? 5  AC5 A HB21 8  
HETATM 825  H HB22 . AC5 A 1 1 ? -3.765 3.329  0.015  1.00 0.00 ? 5  AC5 A HB22 8  
HETATM 826  H HG11 . AC5 A 1 1 ? -6.540 2.083  2.966  1.00 0.00 ? 5  AC5 A HG11 8  
HETATM 827  H HG12 . AC5 A 1 1 ? -4.896 2.373  3.576  1.00 0.00 ? 5  AC5 A HG12 8  
HETATM 828  H HG21 . AC5 A 1 1 ? -4.666 4.114  2.080  1.00 0.00 ? 5  AC5 A HG21 8  
HETATM 829  H HG22 . AC5 A 1 1 ? -6.224 3.751  1.318  1.00 0.00 ? 5  AC5 A HG22 8  
ATOM   830  N N    . HIS A 1 2 ? -2.850 0.262  -1.107 1.00 0.00 ? 6  HIS A N    8  
ATOM   831  C CA   . HIS A 1 2 ? -2.603 -0.690 -2.231 1.00 0.00 ? 6  HIS A CA   8  
ATOM   832  C C    . HIS A 1 2 ? -1.650 -1.907 -1.947 1.00 0.00 ? 6  HIS A C    8  
ATOM   833  O O    . HIS A 1 2 ? -1.432 -2.718 -2.850 1.00 0.00 ? 6  HIS A O    8  
ATOM   834  C CB   . HIS A 1 2 ? -2.063 0.175  -3.404 1.00 0.00 ? 6  HIS A CB   8  
ATOM   835  C CG   . HIS A 1 2 ? -3.078 1.076  -4.103 1.00 0.00 ? 6  HIS A CG   8  
ATOM   836  N ND1  . HIS A 1 2 ? -4.078 0.632  -4.944 1.00 0.00 ? 6  HIS A ND1  8  
ATOM   837  C CD2  . HIS A 1 2 ? -3.130 2.470  -3.990 1.00 0.00 ? 6  HIS A CD2  8  
ATOM   838  C CE1  . HIS A 1 2 ? -4.669 1.830  -5.259 1.00 0.00 ? 6  HIS A CE1  8  
ATOM   839  N NE2  . HIS A 1 2 ? -4.173 2.999  -4.738 1.00 0.00 ? 6  HIS A NE2  8  
ATOM   840  H H    . HIS A 1 2 ? -2.136 0.831  -0.653 1.00 0.00 ? 6  HIS A H    8  
ATOM   841  H HA   . HIS A 1 2 ? -3.553 -1.156 -2.550 1.00 0.00 ? 6  HIS A HA   8  
ATOM   842  H HB2  . HIS A 1 2 ? -1.194 0.774  -3.071 1.00 0.00 ? 6  HIS A HB2  8  
ATOM   843  H HB3  . HIS A 1 2 ? -1.633 -0.477 -4.173 1.00 0.00 ? 6  HIS A HB3  8  
ATOM   844  H HD1  . HIS A 1 2 ? -4.326 -0.321 -5.225 1.00 0.00 ? 6  HIS A HD1  8  
ATOM   845  H HD2  . HIS A 1 2 ? -2.441 3.047  -3.393 1.00 0.00 ? 6  HIS A HD2  8  
ATOM   846  H HE1  . HIS A 1 2 ? -5.528 1.860  -5.915 1.00 0.00 ? 6  HIS A HE1  8  
HETATM 847  N N    . DPN A 1 3 ? -1.059 -2.036 -0.746 1.00 0.00 ? 7  DPN A N    8  
HETATM 848  C CA   . DPN A 1 3 ? 0.022  -3.016 -0.452 1.00 0.00 ? 7  DPN A CA   8  
HETATM 849  C C    . DPN A 1 3 ? 1.191  -2.286 0.287  1.00 0.00 ? 7  DPN A C    8  
HETATM 850  O O    . DPN A 1 3 ? 0.988  -1.545 1.256  1.00 0.00 ? 7  DPN A O    8  
HETATM 851  C CB   . DPN A 1 3 ? -0.567 -4.202 0.354  1.00 0.00 ? 7  DPN A CB   8  
HETATM 852  C CG   . DPN A 1 3 ? 0.372  -5.413 0.480  1.00 0.00 ? 7  DPN A CG   8  
HETATM 853  C CD1  . DPN A 1 3 ? 1.178  -5.569 1.613  1.00 0.00 ? 7  DPN A CD1  8  
HETATM 854  C CD2  . DPN A 1 3 ? 0.453  -6.352 -0.555 1.00 0.00 ? 7  DPN A CD2  8  
HETATM 855  C CE1  . DPN A 1 3 ? 2.055  -6.649 1.709  1.00 0.00 ? 7  DPN A CE1  8  
HETATM 856  C CE2  . DPN A 1 3 ? 1.329  -7.433 -0.455 1.00 0.00 ? 7  DPN A CE2  8  
HETATM 857  C CZ   . DPN A 1 3 ? 2.128  -7.579 0.675  1.00 0.00 ? 7  DPN A CZ   8  
HETATM 858  H H    . DPN A 1 3 ? -1.436 -1.391 -0.035 1.00 0.00 ? 7  DPN A H    8  
HETATM 859  H HA   . DPN A 1 3 ? 0.410  -3.427 -1.408 1.00 0.00 ? 7  DPN A HA   8  
HETATM 860  H HB2  . DPN A 1 3 ? -0.872 -3.839 1.351  1.00 0.00 ? 7  DPN A HB2  8  
HETATM 861  H HB3  . DPN A 1 3 ? -1.515 -4.539 -0.113 1.00 0.00 ? 7  DPN A HB3  8  
HETATM 862  H HD1  . DPN A 1 3 ? 1.134  -4.849 2.420  1.00 0.00 ? 7  DPN A HD1  8  
HETATM 863  H HD2  . DPN A 1 3 ? -0.163 -6.247 -1.437 1.00 0.00 ? 7  DPN A HD2  8  
HETATM 864  H HE1  . DPN A 1 3 ? 2.672  -6.766 2.587  1.00 0.00 ? 7  DPN A HE1  8  
HETATM 865  H HE2  . DPN A 1 3 ? 1.383  -8.159 -1.255 1.00 0.00 ? 7  DPN A HE2  8  
HETATM 866  H HZ   . DPN A 1 3 ? 2.803  -8.419 0.754  1.00 0.00 ? 7  DPN A HZ   8  
ATOM   867  N N    . ARG A 1 4 ? 2.427  -2.466 -0.210 1.00 0.00 ? 8  ARG A N    8  
ATOM   868  C CA   . ARG A 1 4 ? 3.633  -1.719 0.287  1.00 0.00 ? 8  ARG A CA   8  
ATOM   869  C C    . ARG A 1 4 ? 3.578  -0.148 0.311  1.00 0.00 ? 8  ARG A C    8  
ATOM   870  O O    . ARG A 1 4 ? 4.067  0.495  1.241  1.00 0.00 ? 8  ARG A O    8  
ATOM   871  C CB   . ARG A 1 4 ? 4.886  -2.286 -0.436 1.00 0.00 ? 8  ARG A CB   8  
ATOM   872  C CG   . ARG A 1 4 ? 5.038  -1.950 -1.945 1.00 0.00 ? 8  ARG A CG   8  
ATOM   873  C CD   . ARG A 1 4 ? 6.254  -2.592 -2.640 1.00 0.00 ? 8  ARG A CD   8  
ATOM   874  N NE   . ARG A 1 4 ? 6.030  -4.047 -2.878 1.00 0.00 ? 8  ARG A NE   8  
ATOM   875  C CZ   . ARG A 1 4 ? 5.656  -4.608 -4.030 1.00 0.00 ? 8  ARG A CZ   8  
ATOM   876  N NH1  . ARG A 1 4 ? 5.512  -5.902 -4.065 1.00 0.00 ? 8  ARG A NH1  8  
ATOM   877  N NH2  . ARG A 1 4 ? 5.422  -3.934 -5.129 1.00 0.00 ? 8  ARG A NH2  8  
ATOM   878  H H    . ARG A 1 4 ? 2.486  -3.203 -0.917 1.00 0.00 ? 8  ARG A H    8  
ATOM   879  H HA   . ARG A 1 4 ? 3.739  -1.988 1.348  1.00 0.00 ? 8  ARG A HA   8  
ATOM   880  H HB2  . ARG A 1 4 ? 5.786  -1.924 0.097  1.00 0.00 ? 8  ARG A HB2  8  
ATOM   881  H HB3  . ARG A 1 4 ? 4.905  -3.383 -0.297 1.00 0.00 ? 8  ARG A HB3  8  
ATOM   882  H HG2  . ARG A 1 4 ? 4.114  -2.221 -2.489 1.00 0.00 ? 8  ARG A HG2  8  
ATOM   883  H HG3  . ARG A 1 4 ? 5.121  -0.851 -2.052 1.00 0.00 ? 8  ARG A HG3  8  
ATOM   884  H HD2  . ARG A 1 4 ? 6.500  -2.038 -3.569 1.00 0.00 ? 8  ARG A HD2  8  
ATOM   885  H HD3  . ARG A 1 4 ? 7.159  -2.454 -2.013 1.00 0.00 ? 8  ARG A HD3  8  
ATOM   886  H HE   . ARG A 1 4 ? 6.126  -4.704 -2.102 1.00 0.00 ? 8  ARG A HE   8  
ATOM   887  H HH11 . ARG A 1 4 ? 5.231  -6.317 -4.956 1.00 0.00 ? 8  ARG A HH11 8  
ATOM   888  H HH12 . ARG A 1 4 ? 5.713  -6.414 -3.204 1.00 0.00 ? 8  ARG A HH12 8  
ATOM   889  H HH21 . ARG A 1 4 ? 5.150  -4.446 -5.968 1.00 0.00 ? 8  ARG A HH21 8  
ATOM   890  H HH22 . ARG A 1 4 ? 5.529  -2.923 -5.030 1.00 0.00 ? 8  ARG A HH22 8  
ATOM   891  N N    . TRP A 1 5 ? 2.920  0.423  -0.702 1.00 0.00 ? 9  TRP A N    8  
ATOM   892  C CA   . TRP A 1 5 ? 2.501  1.850  -0.790 1.00 0.00 ? 9  TRP A CA   8  
ATOM   893  C C    . TRP A 1 5 ? 1.784  2.486  0.451  1.00 0.00 ? 9  TRP A C    8  
ATOM   894  O O    . TRP A 1 5 ? 1.945  3.684  0.695  1.00 0.00 ? 9  TRP A O    8  
ATOM   895  C CB   . TRP A 1 5 ? 1.569  1.965  -2.032 1.00 0.00 ? 9  TRP A CB   8  
ATOM   896  C CG   . TRP A 1 5 ? 2.147  1.548  -3.395 1.00 0.00 ? 9  TRP A CG   8  
ATOM   897  C CD1  . TRP A 1 5 ? 2.928  2.298  -4.294 1.00 0.00 ? 9  TRP A CD1  8  
ATOM   898  C CD2  . TRP A 1 5 ? 2.071  0.289  -3.936 1.00 0.00 ? 9  TRP A CD2  8  
ATOM   899  N NE1  . TRP A 1 5 ? 3.329  1.519  -5.405 1.00 0.00 ? 9  TRP A NE1  8  
ATOM   900  C CE2  . TRP A 1 5 ? 2.786  0.268  -5.150 1.00 0.00 ? 9  TRP A CE2  8  
ATOM   901  C CE3  . TRP A 1 5 ? 1.492  -0.882 -3.415 1.00 0.00 ? 9  TRP A CE3  8  
ATOM   902  C CZ2  . TRP A 1 5 ? 2.912  -0.948 -5.870 1.00 0.00 ? 9  TRP A CZ2  8  
ATOM   903  C CZ3  . TRP A 1 5 ? 1.628  -2.067 -4.126 1.00 0.00 ? 9  TRP A CZ3  8  
ATOM   904  C CH2  . TRP A 1 5 ? 2.319  -2.104 -5.346 1.00 0.00 ? 9  TRP A CH2  8  
ATOM   905  H H    . TRP A 1 5 ? 2.560  -0.276 -1.355 1.00 0.00 ? 9  TRP A H    8  
ATOM   906  H HA   . TRP A 1 5 ? 3.401  2.451  -1.005 1.00 0.00 ? 9  TRP A HA   8  
ATOM   907  H HB2  . TRP A 1 5 ? 0.642  1.392  -1.837 1.00 0.00 ? 9  TRP A HB2  8  
ATOM   908  H HB3  . TRP A 1 5 ? 1.197  2.985  -2.131 1.00 0.00 ? 9  TRP A HB3  8  
ATOM   909  H HD1  . TRP A 1 5 ? 3.222  3.324  -4.122 1.00 0.00 ? 9  TRP A HD1  8  
ATOM   910  H HE1  . TRP A 1 5 ? 3.907  1.806  -6.206 1.00 0.00 ? 9  TRP A HE1  8  
ATOM   911  H HE3  . TRP A 1 5 ? 0.989  -0.834 -2.462 1.00 0.00 ? 9  TRP A HE3  8  
ATOM   912  H HZ2  . TRP A 1 5 ? 3.455  -0.978 -6.805 1.00 0.00 ? 9  TRP A HZ2  8  
ATOM   913  H HZ3  . TRP A 1 5 ? 1.185  -2.951 -3.696 1.00 0.00 ? 9  TRP A HZ3  8  
ATOM   914  H HH2  . TRP A 1 5 ? 2.394  -3.037 -5.883 1.00 0.00 ? 9  TRP A HH2  8  
ATOM   915  N N    . ASP A 1 6 ? 0.999  1.707  1.220  1.00 0.00 ? 10 ASP A N    8  
ATOM   916  C CA   . ASP A 1 6 ? 0.353  2.171  2.482  1.00 0.00 ? 10 ASP A CA   8  
ATOM   917  C C    . ASP A 1 6 ? 1.311  2.566  3.658  1.00 0.00 ? 10 ASP A C    8  
ATOM   918  O O    . ASP A 1 6 ? 0.997  3.447  4.451  1.00 0.00 ? 10 ASP A O    8  
ATOM   919  C CB   . ASP A 1 6 ? -0.660 1.091  2.965  1.00 0.00 ? 10 ASP A CB   8  
ATOM   920  C CG   . ASP A 1 6 ? -1.786 0.634  2.020  1.00 0.00 ? 10 ASP A CG   8  
ATOM   921  O OD1  . ASP A 1 6 ? -1.889 -0.554 1.725  1.00 0.00 ? 10 ASP A OD1  8  
ATOM   922  H H    . ASP A 1 6 ? 0.995  0.716  0.943  1.00 0.00 ? 10 ASP A H    8  
ATOM   923  H HA   . ASP A 1 6 ? -0.212 3.097  2.254  1.00 0.00 ? 10 ASP A HA   8  
ATOM   924  H HB2  . ASP A 1 6 ? -0.100 0.184  3.264  1.00 0.00 ? 10 ASP A HB2  8  
ATOM   925  H HB3  . ASP A 1 6 ? -1.143 1.430  3.900  1.00 0.00 ? 10 ASP A HB3  8  
HETATM 926  N N    . NH2 A 1 7 ? 2.469  1.962  3.856  1.00 0.00 ? 11 NH2 A N    8  
HETATM 927  H HN1  . NH2 A 1 7 ? 3.021  2.408  4.593  1.00 0.00 ? 11 NH2 A HN1  8  
HETATM 928  H HN2  . NH2 A 1 7 ? 2.813  1.383  3.080  1.00 0.00 ? 11 NH2 A HN2  8  
HETATM 929  N N    . AC5 A 1 1 ? -2.653 1.536  1.585  1.00 0.00 ? 5  AC5 A N    9  
HETATM 930  O O    . AC5 A 1 1 ? -4.902 -0.539 -0.585 1.00 0.00 ? 5  AC5 A O    9  
HETATM 931  C CA   . AC5 A 1 1 ? -3.966 1.231  0.905  1.00 0.00 ? 5  AC5 A CA   9  
HETATM 932  C C    . AC5 A 1 1 ? -3.958 0.218  -0.328 1.00 0.00 ? 5  AC5 A C    9  
HETATM 933  C CB1  . AC5 A 1 1 ? -4.979 0.815  1.990  1.00 0.00 ? 5  AC5 A CB1  9  
HETATM 934  C CB2  . AC5 A 1 1 ? -4.591 2.589  0.489  1.00 0.00 ? 5  AC5 A CB2  9  
HETATM 935  C CG1  . AC5 A 1 1 ? -6.367 1.353  1.603  1.00 0.00 ? 5  AC5 A CG1  9  
HETATM 936  C CG2  . AC5 A 1 1 ? -6.116 2.415  0.529  1.00 0.00 ? 5  AC5 A CG2  9  
HETATM 937  H H    . AC5 A 1 1 ? -2.460 2.467  1.962  1.00 0.00 ? 5  AC5 A H    9  
HETATM 938  H HB11 . AC5 A 1 1 ? -4.683 1.241  2.963  1.00 0.00 ? 5  AC5 A HB11 9  
HETATM 939  H HB12 . AC5 A 1 1 ? -4.958 -0.282 2.120  1.00 0.00 ? 5  AC5 A HB12 9  
HETATM 940  H HB21 . AC5 A 1 1 ? -4.237 2.931  -0.504 1.00 0.00 ? 5  AC5 A HB21 9  
HETATM 941  H HB22 . AC5 A 1 1 ? -4.323 3.401  1.194  1.00 0.00 ? 5  AC5 A HB22 9  
HETATM 942  H HG11 . AC5 A 1 1 ? -7.008 0.542  1.205  1.00 0.00 ? 5  AC5 A HG11 9  
HETATM 943  H HG12 . AC5 A 1 1 ? -6.896 1.773  2.481  1.00 0.00 ? 5  AC5 A HG12 9  
HETATM 944  H HG21 . AC5 A 1 1 ? -6.644 3.365  0.734  1.00 0.00 ? 5  AC5 A HG21 9  
HETATM 945  H HG22 . AC5 A 1 1 ? -6.485 2.055  -0.453 1.00 0.00 ? 5  AC5 A HG22 9  
ATOM   946  N N    . HIS A 1 2 ? -2.865 0.245  -1.087 1.00 0.00 ? 6  HIS A N    9  
ATOM   947  C CA   . HIS A 1 2 ? -2.601 -0.693 -2.216 1.00 0.00 ? 6  HIS A CA   9  
ATOM   948  C C    . HIS A 1 2 ? -1.634 -1.901 -1.936 1.00 0.00 ? 6  HIS A C    9  
ATOM   949  O O    . HIS A 1 2 ? -1.418 -2.715 -2.837 1.00 0.00 ? 6  HIS A O    9  
ATOM   950  C CB   . HIS A 1 2 ? -2.066 0.187  -3.383 1.00 0.00 ? 6  HIS A CB   9  
ATOM   951  C CG   . HIS A 1 2 ? -2.988 1.193  -4.076 1.00 0.00 ? 6  HIS A CG   9  
ATOM   952  N ND1  . HIS A 1 2 ? -2.522 2.159  -4.944 1.00 0.00 ? 6  HIS A ND1  9  
ATOM   953  C CD2  . HIS A 1 2 ? -4.382 1.301  -3.957 1.00 0.00 ? 6  HIS A CD2  9  
ATOM   954  C CE1  . HIS A 1 2 ? -3.700 2.778  -5.273 1.00 0.00 ? 6  HIS A CE1  9  
ATOM   955  N NE2  . HIS A 1 2 ? -4.881 2.339  -4.731 1.00 0.00 ? 6  HIS A NE2  9  
ATOM   956  H H    . HIS A 1 2 ? -2.170 0.833  -0.625 1.00 0.00 ? 6  HIS A H    9  
ATOM   957  H HA   . HIS A 1 2 ? -3.540 -1.174 -2.543 1.00 0.00 ? 6  HIS A HA   9  
ATOM   958  H HB2  . HIS A 1 2 ? -1.173 0.734  -3.045 1.00 0.00 ? 6  HIS A HB2  9  
ATOM   959  H HB3  . HIS A 1 2 ? -1.693 -0.480 -4.170 1.00 0.00 ? 6  HIS A HB3  9  
ATOM   960  H HD1  . HIS A 1 2 ? -1.568 2.345  -5.267 1.00 0.00 ? 6  HIS A HD1  9  
ATOM   961  H HD2  . HIS A 1 2 ? -4.970 0.660  -3.321 1.00 0.00 ? 6  HIS A HD2  9  
ATOM   962  H HE1  . HIS A 1 2 ? -3.707 3.612  -5.964 1.00 0.00 ? 6  HIS A HE1  9  
HETATM 963  N N    . DPN A 1 3 ? -1.030 -2.019 -0.741 1.00 0.00 ? 7  DPN A N    9  
HETATM 964  C CA   . DPN A 1 3 ? 0.042  -3.007 -0.443 1.00 0.00 ? 7  DPN A CA   9  
HETATM 965  C C    . DPN A 1 3 ? 1.221  -2.280 0.284  1.00 0.00 ? 7  DPN A C    9  
HETATM 966  O O    . DPN A 1 3 ? 1.028  -1.536 1.252  1.00 0.00 ? 7  DPN A O    9  
HETATM 967  C CB   . DPN A 1 3 ? -0.560 -4.172 0.384  1.00 0.00 ? 7  DPN A CB   9  
HETATM 968  C CG   . DPN A 1 3 ? 0.369  -5.386 0.554  1.00 0.00 ? 7  DPN A CG   9  
HETATM 969  C CD1  . DPN A 1 3 ? 0.459  -6.349 -0.456 1.00 0.00 ? 7  DPN A CD1  9  
HETATM 970  C CD2  . DPN A 1 3 ? 1.149  -5.523 1.708  1.00 0.00 ? 7  DPN A CD2  9  
HETATM 971  C CE1  . DPN A 1 3 ? 1.322  -7.434 -0.316 1.00 0.00 ? 7  DPN A CE1  9  
HETATM 972  C CE2  . DPN A 1 3 ? 2.013  -6.608 1.845  1.00 0.00 ? 7  DPN A CE2  9  
HETATM 973  C CZ   . DPN A 1 3 ? 2.099  -7.561 0.833  1.00 0.00 ? 7  DPN A CZ   9  
HETATM 974  H H    . DPN A 1 3 ? -1.416 -1.385 -0.027 1.00 0.00 ? 7  DPN A H    9  
HETATM 975  H HA   . DPN A 1 3 ? 0.419  -3.437 -1.394 1.00 0.00 ? 7  DPN A HA   9  
HETATM 976  H HB2  . DPN A 1 3 ? -0.875 -3.782 1.369  1.00 0.00 ? 7  DPN A HB2  9  
HETATM 977  H HB3  . DPN A 1 3 ? -1.506 -4.514 -0.084 1.00 0.00 ? 7  DPN A HB3  9  
HETATM 978  H HD1  . DPN A 1 3 ? -0.137 -6.259 -1.353 1.00 0.00 ? 7  DPN A HD1  9  
HETATM 979  H HD2  . DPN A 1 3 ? 1.095  -4.785 2.496  1.00 0.00 ? 7  DPN A HD2  9  
HETATM 980  H HE1  . DPN A 1 3 ? 1.389  -8.177 -1.097 1.00 0.00 ? 7  DPN A HE1  9  
HETATM 981  H HE2  . DPN A 1 3 ? 2.614  -6.709 2.738  1.00 0.00 ? 7  DPN A HE2  9  
HETATM 982  H HZ   . DPN A 1 3 ? 2.766  -8.404 0.943  1.00 0.00 ? 7  DPN A HZ   9  
ATOM   983  N N    . ARG A 1 4 ? 2.450  -2.456 -0.230 1.00 0.00 ? 8  ARG A N    9  
ATOM   984  C CA   . ARG A 1 4 ? 3.659  -1.696 0.235  1.00 0.00 ? 8  ARG A CA   9  
ATOM   985  C C    . ARG A 1 4 ? 3.577  -0.125 0.287  1.00 0.00 ? 8  ARG A C    9  
ATOM   986  O O    . ARG A 1 4 ? 4.081  0.516  1.211  1.00 0.00 ? 8  ARG A O    9  
ATOM   987  C CB   . ARG A 1 4 ? 4.895  -2.216 -0.559 1.00 0.00 ? 8  ARG A CB   9  
ATOM   988  C CG   . ARG A 1 4 ? 4.958  -1.833 -2.059 1.00 0.00 ? 8  ARG A CG   9  
ATOM   989  C CD   . ARG A 1 4 ? 6.168  -2.420 -2.804 1.00 0.00 ? 8  ARG A CD   9  
ATOM   990  N NE   . ARG A 1 4 ? 6.118  -1.949 -4.214 1.00 0.00 ? 8  ARG A NE   9  
ATOM   991  C CZ   . ARG A 1 4 ? 6.993  -2.266 -5.168 1.00 0.00 ? 8  ARG A CZ   9  
ATOM   992  N NH1  . ARG A 1 4 ? 8.016  -3.062 -4.976 1.00 0.00 ? 8  ARG A NH1  9  
ATOM   993  N NH2  . ARG A 1 4 ? 6.825  -1.756 -6.352 1.00 0.00 ? 8  ARG A NH2  9  
ATOM   994  H H    . ARG A 1 4 ? 2.502  -3.208 -0.922 1.00 0.00 ? 8  ARG A H    9  
ATOM   995  H HA   . ARG A 1 4 ? 3.816  -1.982 1.285  1.00 0.00 ? 8  ARG A HA   9  
ATOM   996  H HB2  . ARG A 1 4 ? 5.811  -1.846 -0.056 1.00 0.00 ? 8  ARG A HB2  9  
ATOM   997  H HB3  . ARG A 1 4 ? 4.949  -3.316 -0.455 1.00 0.00 ? 8  ARG A HB3  9  
ATOM   998  H HG2  . ARG A 1 4 ? 4.024  -2.161 -2.552 1.00 0.00 ? 8  ARG A HG2  9  
ATOM   999  H HG3  . ARG A 1 4 ? 4.971  -0.728 -2.146 1.00 0.00 ? 8  ARG A HG3  9  
ATOM   1000 H HD2  . ARG A 1 4 ? 7.108  -2.095 -2.311 1.00 0.00 ? 8  ARG A HD2  9  
ATOM   1001 H HD3  . ARG A 1 4 ? 6.140  -3.529 -2.750 1.00 0.00 ? 8  ARG A HD3  9  
ATOM   1002 H HE   . ARG A 1 4 ? 5.371  -1.317 -4.522 1.00 0.00 ? 8  ARG A HE   9  
ATOM   1003 H HH11 . ARG A 1 4 ? 8.641  -3.255 -5.761 1.00 0.00 ? 8  ARG A HH11 9  
ATOM   1004 H HH12 . ARG A 1 4 ? 8.090  -3.426 -4.025 1.00 0.00 ? 8  ARG A HH12 9  
ATOM   1005 H HH21 . ARG A 1 4 ? 6.032  -1.124 -6.474 1.00 0.00 ? 8  ARG A HH21 9  
ATOM   1006 H HH22 . ARG A 1 4 ? 7.508  -2.006 -7.069 1.00 0.00 ? 8  ARG A HH22 9  
ATOM   1007 N N    . TRP A 1 5 ? 2.885  0.446  -0.702 1.00 0.00 ? 9  TRP A N    9  
ATOM   1008 C CA   . TRP A 1 5 ? 2.479  1.876  -0.786 1.00 0.00 ? 9  TRP A CA   9  
ATOM   1009 C C    . TRP A 1 5 ? 1.749  2.500  0.454  1.00 0.00 ? 9  TRP A C    9  
ATOM   1010 O O    . TRP A 1 5 ? 1.886  3.701  0.697  1.00 0.00 ? 9  TRP A O    9  
ATOM   1011 C CB   . TRP A 1 5 ? 1.568  2.006  -2.039 1.00 0.00 ? 9  TRP A CB   9  
ATOM   1012 C CG   . TRP A 1 5 ? 2.160  1.590  -3.398 1.00 0.00 ? 9  TRP A CG   9  
ATOM   1013 C CD1  . TRP A 1 5 ? 2.955  2.337  -4.289 1.00 0.00 ? 9  TRP A CD1  9  
ATOM   1014 C CD2  . TRP A 1 5 ? 2.073  0.336  -3.947 1.00 0.00 ? 9  TRP A CD2  9  
ATOM   1015 N NE1  . TRP A 1 5 ? 3.356  1.560  -5.401 1.00 0.00 ? 9  TRP A NE1  9  
ATOM   1016 C CE2  . TRP A 1 5 ? 2.795  0.313  -5.159 1.00 0.00 ? 9  TRP A CE2  9  
ATOM   1017 C CE3  . TRP A 1 5 ? 1.476  -0.831 -3.439 1.00 0.00 ? 9  TRP A CE3  9  
ATOM   1018 C CZ2  . TRP A 1 5 ? 2.908  -0.899 -5.889 1.00 0.00 ? 9  TRP A CZ2  9  
ATOM   1019 C CZ3  . TRP A 1 5 ? 1.600  -2.013 -4.157 1.00 0.00 ? 9  TRP A CZ3  9  
ATOM   1020 C CH2  . TRP A 1 5 ? 2.302  -2.051 -5.370 1.00 0.00 ? 9  TRP A CH2  9  
ATOM   1021 H H    . TRP A 1 5 ? 2.508  -0.250 -1.348 1.00 0.00 ? 9  TRP A H    9  
ATOM   1022 H HA   . TRP A 1 5 ? 3.386  2.475  -0.982 1.00 0.00 ? 9  TRP A HA   9  
ATOM   1023 H HB2  . TRP A 1 5 ? 0.633  1.444  -1.861 1.00 0.00 ? 9  TRP A HB2  9  
ATOM   1024 H HB3  . TRP A 1 5 ? 1.208  3.030  -2.136 1.00 0.00 ? 9  TRP A HB3  9  
ATOM   1025 H HD1  . TRP A 1 5 ? 3.250  3.363  -4.110 1.00 0.00 ? 9  TRP A HD1  9  
ATOM   1026 H HE1  . TRP A 1 5 ? 3.894  1.867  -6.221 1.00 0.00 ? 9  TRP A HE1  9  
ATOM   1027 H HE3  . TRP A 1 5 ? 0.965  -0.784 -2.488 1.00 0.00 ? 9  TRP A HE3  9  
ATOM   1028 H HZ2  . TRP A 1 5 ? 3.444  -0.931 -6.826 1.00 0.00 ? 9  TRP A HZ2  9  
ATOM   1029 H HZ3  . TRP A 1 5 ? 1.144  -2.894 -3.735 1.00 0.00 ? 9  TRP A HZ3  9  
ATOM   1030 H HH2  . TRP A 1 5 ? 2.373  -2.985 -5.910 1.00 0.00 ? 9  TRP A HH2  9  
ATOM   1031 N N    . ASP A 1 6 ? 0.977  1.706  1.224  1.00 0.00 ? 10 ASP A N    9  
ATOM   1032 C CA   . ASP A 1 6 ? 0.331  2.158  2.489  1.00 0.00 ? 10 ASP A CA   9  
ATOM   1033 C C    . ASP A 1 6 ? 1.289  2.558  3.663  1.00 0.00 ? 10 ASP A C    9  
ATOM   1034 O O    . ASP A 1 6 ? 0.975  3.441  4.455  1.00 0.00 ? 10 ASP A O    9  
ATOM   1035 C CB   . ASP A 1 6 ? -0.670 1.065  2.970  1.00 0.00 ? 10 ASP A CB   9  
ATOM   1036 C CG   . ASP A 1 6 ? -1.803 0.601  2.040  1.00 0.00 ? 10 ASP A CG   9  
ATOM   1037 O OD1  . ASP A 1 6 ? -1.915 -0.592 1.765  1.00 0.00 ? 10 ASP A OD1  9  
ATOM   1038 H H    . ASP A 1 6 ? 1.011  0.713  0.952  1.00 0.00 ? 10 ASP A H    9  
ATOM   1039 H HA   . ASP A 1 6 ? -0.245 3.077  2.267  1.00 0.00 ? 10 ASP A HA   9  
ATOM   1040 H HB2  . ASP A 1 6 ? -0.098 0.161  3.259  1.00 0.00 ? 10 ASP A HB2  9  
ATOM   1041 H HB3  . ASP A 1 6 ? -1.145 1.391  3.914  1.00 0.00 ? 10 ASP A HB3  9  
HETATM 1042 N N    . NH2 A 1 7 ? 2.449  1.955  3.861  1.00 0.00 ? 11 NH2 A N    9  
HETATM 1043 H HN1  . NH2 A 1 7 ? 2.999  2.401  4.598  1.00 0.00 ? 11 NH2 A HN1  9  
HETATM 1044 H HN2  . NH2 A 1 7 ? 2.791  1.371  3.089  1.00 0.00 ? 11 NH2 A HN2  9  
HETATM 1045 N N    . AC5 A 1 1 ? -2.689 1.646  1.549  1.00 0.00 ? 5  AC5 A N    10 
HETATM 1046 O O    . AC5 A 1 1 ? -4.970 -0.094 -0.923 1.00 0.00 ? 5  AC5 A O    10 
HETATM 1047 C CA   . AC5 A 1 1 ? -3.979 1.368  0.815  1.00 0.00 ? 5  AC5 A CA   10 
HETATM 1048 C C    . AC5 A 1 1 ? -3.953 0.457  -0.492 1.00 0.00 ? 5  AC5 A C    10 
HETATM 1049 C CB1  . AC5 A 1 1 ? -5.011 0.851  1.859  1.00 0.00 ? 5  AC5 A CB1  10 
HETATM 1050 C CB2  . AC5 A 1 1 ? -4.564 2.761  0.432  1.00 0.00 ? 5  AC5 A CB2  10 
HETATM 1051 C CG1  . AC5 A 1 1 ? -6.217 1.795  1.850  1.00 0.00 ? 5  AC5 A CG1  10 
HETATM 1052 C CG2  . AC5 A 1 1 ? -5.598 3.144  1.498  1.00 0.00 ? 5  AC5 A CG2  10 
HETATM 1053 H H    . AC5 A 1 1 ? -2.536 2.555  1.991  1.00 0.00 ? 5  AC5 A H    10 
HETATM 1054 H HB11 . AC5 A 1 1 ? -4.573 0.825  2.874  1.00 0.00 ? 5  AC5 A HB11 10 
HETATM 1055 H HB12 . AC5 A 1 1 ? -5.297 -0.196 1.654  1.00 0.00 ? 5  AC5 A HB12 10 
HETATM 1056 H HB21 . AC5 A 1 1 ? -5.086 2.719  -0.544 1.00 0.00 ? 5  AC5 A HB21 10 
HETATM 1057 H HB22 . AC5 A 1 1 ? -3.791 3.544  0.288  1.00 0.00 ? 5  AC5 A HB22 10 
HETATM 1058 H HG11 . AC5 A 1 1 ? -6.948 1.485  1.075  1.00 0.00 ? 5  AC5 A HG11 10 
HETATM 1059 H HG12 . AC5 A 1 1 ? -6.758 1.810  2.816  1.00 0.00 ? 5  AC5 A HG12 10 
HETATM 1060 H HG21 . AC5 A 1 1 ? -5.108 3.595  2.383  1.00 0.00 ? 5  AC5 A HG21 10 
HETATM 1061 H HG22 . AC5 A 1 1 ? -6.344 3.874  1.129  1.00 0.00 ? 5  AC5 A HG22 10 
ATOM   1062 N N    . HIS A 1 2 ? -2.782 0.354  -1.120 1.00 0.00 ? 6  HIS A N    10 
ATOM   1063 C CA   . HIS A 1 2 ? -2.533 -0.534 -2.299 1.00 0.00 ? 6  HIS A CA   10 
ATOM   1064 C C    . HIS A 1 2 ? -1.583 -1.768 -2.063 1.00 0.00 ? 6  HIS A C    10 
ATOM   1065 O O    . HIS A 1 2 ? -1.341 -2.539 -2.996 1.00 0.00 ? 6  HIS A O    10 
ATOM   1066 C CB   . HIS A 1 2 ? -2.029 0.426  -3.419 1.00 0.00 ? 6  HIS A CB   10 
ATOM   1067 C CG   . HIS A 1 2 ? -2.259 -0.049 -4.846 1.00 0.00 ? 6  HIS A CG   10 
ATOM   1068 N ND1  . HIS A 1 2 ? -1.358 -0.763 -5.607 1.00 0.00 ? 6  HIS A ND1  10 
ATOM   1069 C CD2  . HIS A 1 2 ? -3.401 0.241  -5.598 1.00 0.00 ? 6  HIS A CD2  10 
ATOM   1070 C CE1  . HIS A 1 2 ? -2.069 -0.873 -6.771 1.00 0.00 ? 6  HIS A CE1  10 
ATOM   1071 N NE2  . HIS A 1 2 ? -3.311 -0.295 -6.878 1.00 0.00 ? 6  HIS A NE2  10 
ATOM   1072 H H    . HIS A 1 2 ? -2.075 0.737  -0.485 1.00 0.00 ? 6  HIS A H    10 
ATOM   1073 H HA   . HIS A 1 2 ? -3.486 -0.985 -2.627 1.00 0.00 ? 6  HIS A HA   10 
ATOM   1074 H HB2  . HIS A 1 2 ? -2.515 1.419  -3.338 1.00 0.00 ? 6  HIS A HB2  10 
ATOM   1075 H HB3  . HIS A 1 2 ? -0.961 0.649  -3.285 1.00 0.00 ? 6  HIS A HB3  10 
ATOM   1076 H HD1  . HIS A 1 2 ? -0.481 -1.209 -5.318 1.00 0.00 ? 6  HIS A HD1  10 
ATOM   1077 H HD2  . HIS A 1 2 ? -4.226 0.822  -5.214 1.00 0.00 ? 6  HIS A HD2  10 
ATOM   1078 H HE1  . HIS A 1 2 ? -1.667 -1.429 -7.608 1.00 0.00 ? 6  HIS A HE1  10 
HETATM 1079 N N    . DPN A 1 3 ? -1.028 -1.964 -0.853 1.00 0.00 ? 7  DPN A N    10 
HETATM 1080 C CA   . DPN A 1 3 ? 0.022  -2.979 -0.564 1.00 0.00 ? 7  DPN A CA   10 
HETATM 1081 C C    . DPN A 1 3 ? 1.185  -2.297 0.229  1.00 0.00 ? 7  DPN A C    10 
HETATM 1082 O O    . DPN A 1 3 ? 0.968  -1.573 1.208  1.00 0.00 ? 7  DPN A O    10 
HETATM 1083 C CB   . DPN A 1 3 ? -0.620 -4.173 0.186  1.00 0.00 ? 7  DPN A CB   10 
HETATM 1084 C CG   . DPN A 1 3 ? 0.287  -5.407 0.317  1.00 0.00 ? 7  DPN A CG   10 
HETATM 1085 C CD1  . DPN A 1 3 ? 1.035  -5.615 1.482  1.00 0.00 ? 7  DPN A CD1  10 
HETATM 1086 C CD2  . DPN A 1 3 ? 0.394  -6.319 -0.739 1.00 0.00 ? 7  DPN A CD2  10 
HETATM 1087 C CE1  . DPN A 1 3 ? 1.882  -6.718 1.585  1.00 0.00 ? 7  DPN A CE1  10 
HETATM 1088 C CE2  . DPN A 1 3 ? 1.239  -7.420 -0.634 1.00 0.00 ? 7  DPN A CE2  10 
HETATM 1089 C CZ   . DPN A 1 3 ? 1.983  -7.619 0.528  1.00 0.00 ? 7  DPN A CZ   10 
HETATM 1090 H H    . DPN A 1 3 ? -1.410 -1.339 -0.128 1.00 0.00 ? 7  DPN A H    10 
HETATM 1091 H HA   . DPN A 1 3 ? 0.425  -3.369 -1.523 1.00 0.00 ? 7  DPN A HA   10 
HETATM 1092 H HB2  . DPN A 1 3 ? -0.957 -3.831 1.180  1.00 0.00 ? 7  DPN A HB2  10 
HETATM 1093 H HB3  . DPN A 1 3 ? -1.556 -4.477 -0.323 1.00 0.00 ? 7  DPN A HB3  10 
HETATM 1094 H HD1  . DPN A 1 3 ? 0.971  -4.918 2.305  1.00 0.00 ? 7  DPN A HD1  10 
HETATM 1095 H HD2  . DPN A 1 3 ? -0.178 -6.173 -1.647 1.00 0.00 ? 7  DPN A HD2  10 
HETATM 1096 H HE1  . DPN A 1 3 ? 2.458  -6.874 2.485  1.00 0.00 ? 7  DPN A HE1  10 
HETATM 1097 H HE2  . DPN A 1 3 ? 1.318  -8.123 -1.452 1.00 0.00 ? 7  DPN A HE2  10 
HETATM 1098 H HZ   . DPN A 1 3 ? 2.636  -8.475 0.609  1.00 0.00 ? 7  DPN A HZ   10 
ATOM   1099 N N    . ARG A 1 4 ? 2.430  -2.487 -0.238 1.00 0.00 ? 8  ARG A N    10 
ATOM   1100 C CA   . ARG A 1 4 ? 3.631  -1.739 0.272  1.00 0.00 ? 8  ARG A CA   10 
ATOM   1101 C C    . ARG A 1 4 ? 3.560  -0.168 0.319  1.00 0.00 ? 8  ARG A C    10 
ATOM   1102 O O    . ARG A 1 4 ? 4.039  0.470  1.255  1.00 0.00 ? 8  ARG A O    10 
ATOM   1103 C CB   . ARG A 1 4 ? 4.889  -2.271 -0.480 1.00 0.00 ? 8  ARG A CB   10 
ATOM   1104 C CG   . ARG A 1 4 ? 5.006  -1.885 -1.976 1.00 0.00 ? 8  ARG A CG   10 
ATOM   1105 C CD   . ARG A 1 4 ? 6.230  -2.481 -2.686 1.00 0.00 ? 8  ARG A CD   10 
ATOM   1106 N NE   . ARG A 1 4 ? 6.224  -2.006 -4.096 1.00 0.00 ? 8  ARG A NE   10 
ATOM   1107 C CZ   . ARG A 1 4 ? 7.122  -2.329 -5.026 1.00 0.00 ? 8  ARG A CZ   10 
ATOM   1108 N NH1  . ARG A 1 4 ? 6.994  -1.812 -6.212 1.00 0.00 ? 8  ARG A NH1  10 
ATOM   1109 N NH2  . ARG A 1 4 ? 8.130  -3.139 -4.809 1.00 0.00 ? 8  ARG A NH2  10 
ATOM   1110 H H    . ARG A 1 4 ? 2.499  -3.228 -0.942 1.00 0.00 ? 8  ARG A H    10 
ATOM   1111 H HA   . ARG A 1 4 ? 3.745  -2.025 1.327  1.00 0.00 ? 8  ARG A HA   10 
ATOM   1112 H HB2  . ARG A 1 4 ? 5.789  -1.912 0.054  1.00 0.00 ? 8  ARG A HB2  10 
ATOM   1113 H HB3  . ARG A 1 4 ? 4.926  -3.372 -0.377 1.00 0.00 ? 8  ARG A HB3  10 
ATOM   1114 H HG2  . ARG A 1 4 ? 4.083  -2.200 -2.500 1.00 0.00 ? 8  ARG A HG2  10 
ATOM   1115 H HG3  . ARG A 1 4 ? 5.034  -0.780 -2.058 1.00 0.00 ? 8  ARG A HG3  10 
ATOM   1116 H HD2  . ARG A 1 4 ? 7.157  -2.168 -2.164 1.00 0.00 ? 8  ARG A HD2  10 
ATOM   1117 H HD3  . ARG A 1 4 ? 6.189  -3.591 -2.636 1.00 0.00 ? 8  ARG A HD3  10 
ATOM   1118 H HE   . ARG A 1 4 ? 5.494  -1.363 -4.424 1.00 0.00 ? 8  ARG A HE   10 
ATOM   1119 H HH11 . ARG A 1 4 ? 7.694  -2.066 -6.912 1.00 0.00 ? 8  ARG A HH11 10 
ATOM   1120 H HH12 . ARG A 1 4 ? 6.210  -1.171 -6.354 1.00 0.00 ? 8  ARG A HH12 10 
ATOM   1121 H HH21 . ARG A 1 4 ? 8.174  -3.506 -3.857 1.00 0.00 ? 8  ARG A HH21 10 
ATOM   1122 H HH22 . ARG A 1 4 ? 8.776  -3.334 -5.576 1.00 0.00 ? 8  ARG A HH22 10 
ATOM   1123 N N    . TRP A 1 5 ? 2.904  0.406  -0.694 1.00 0.00 ? 9  TRP A N    10 
ATOM   1124 C CA   . TRP A 1 5 ? 2.518  1.841  -0.801 1.00 0.00 ? 9  TRP A CA   10 
ATOM   1125 C C    . TRP A 1 5 ? 1.774  2.492  0.419  1.00 0.00 ? 9  TRP A C    10 
ATOM   1126 O O    . TRP A 1 5 ? 1.932  3.693  0.648  1.00 0.00 ? 9  TRP A O    10 
ATOM   1127 C CB   . TRP A 1 5 ? 1.633  1.958  -2.074 1.00 0.00 ? 9  TRP A CB   10 
ATOM   1128 C CG   . TRP A 1 5 ? 2.261  1.546  -3.418 1.00 0.00 ? 9  TRP A CG   10 
ATOM   1129 C CD1  . TRP A 1 5 ? 3.055  2.305  -4.297 1.00 0.00 ? 9  TRP A CD1  10 
ATOM   1130 C CD2  . TRP A 1 5 ? 2.197  0.292  -3.972 1.00 0.00 ? 9  TRP A CD2  10 
ATOM   1131 N NE1  . TRP A 1 5 ? 3.480  1.539  -5.408 1.00 0.00 ? 9  TRP A NE1  10 
ATOM   1132 C CE2  . TRP A 1 5 ? 2.930  0.286  -5.178 1.00 0.00 ? 9  TRP A CE2  10 
ATOM   1133 C CE3  . TRP A 1 5 ? 1.598  -0.880 -3.485 1.00 0.00 ? 9  TRP A CE3  10 
ATOM   1134 C CZ2  . TRP A 1 5 ? 3.051  -0.918 -5.921 1.00 0.00 ? 9  TRP A CZ2  10 
ATOM   1135 C CZ3  . TRP A 1 5 ? 1.733  -2.055 -4.214 1.00 0.00 ? 9  TRP A CZ3  10 
ATOM   1136 C CH2  . TRP A 1 5 ? 2.444  -2.077 -5.422 1.00 0.00 ? 9  TRP A CH2  10 
ATOM   1137 H H    . TRP A 1 5 ? 2.539  -0.290 -1.347 1.00 0.00 ? 9  TRP A H    10 
ATOM   1138 H HA   . TRP A 1 5 ? 3.434  2.426  -0.988 1.00 0.00 ? 9  TRP A HA   10 
ATOM   1139 H HB2  . TRP A 1 5 ? 0.696  1.390  -1.913 1.00 0.00 ? 9  TRP A HB2  10 
ATOM   1140 H HB3  . TRP A 1 5 ? 1.266  2.979  -2.182 1.00 0.00 ? 9  TRP A HB3  10 
ATOM   1141 H HD1  . TRP A 1 5 ? 3.328  3.336  -4.116 1.00 0.00 ? 9  TRP A HD1  10 
ATOM   1142 H HE1  . TRP A 1 5 ? 4.014  1.858  -6.226 1.00 0.00 ? 9  TRP A HE1  10 
ATOM   1143 H HE3  . TRP A 1 5 ? 1.070  -0.842 -2.544 1.00 0.00 ? 9  TRP A HE3  10 
ATOM   1144 H HZ2  . TRP A 1 5 ? 3.595  -0.937 -6.855 1.00 0.00 ? 9  TRP A HZ2  10 
ATOM   1145 H HZ3  . TRP A 1 5 ? 1.271  -2.940 -3.809 1.00 0.00 ? 9  TRP A HZ3  10 
ATOM   1146 H HH2  . TRP A 1 5 ? 2.524  -3.005 -5.971 1.00 0.00 ? 9  TRP A HH2  10 
ATOM   1147 N N    . ASP A 1 6 ? 0.977  1.722  1.186  1.00 0.00 ? 10 ASP A N    10 
ATOM   1148 C CA   . ASP A 1 6 ? 0.326  2.203  2.440  1.00 0.00 ? 10 ASP A CA   10 
ATOM   1149 C C    . ASP A 1 6 ? 1.279  2.593  3.621  1.00 0.00 ? 10 ASP A C    10 
ATOM   1150 O O    . ASP A 1 6 ? 0.970  3.485  4.403  1.00 0.00 ? 10 ASP A O    10 
ATOM   1151 C CB   . ASP A 1 6 ? -0.708 1.140  2.922  1.00 0.00 ? 10 ASP A CB   10 
ATOM   1152 C CG   . ASP A 1 6 ? -1.833 0.700  1.971  1.00 0.00 ? 10 ASP A CG   10 
ATOM   1153 O OD1  . ASP A 1 6 ? -1.926 -0.479 1.637  1.00 0.00 ? 10 ASP A OD1  10 
ATOM   1154 H H    . ASP A 1 6 ? 0.982  0.728  0.924  1.00 0.00 ? 10 ASP A H    10 
ATOM   1155 H HA   . ASP A 1 6 ? -0.225 3.133  2.201  1.00 0.00 ? 10 ASP A HA   10 
ATOM   1156 H HB2  . ASP A 1 6 ? -0.162 0.223  3.223  1.00 0.00 ? 10 ASP A HB2  10 
ATOM   1157 H HB3  . ASP A 1 6 ? -1.188 1.486  3.854  1.00 0.00 ? 10 ASP A HB3  10 
HETATM 1158 N N    . NH2 A 1 7 ? 2.424  1.973  3.836  1.00 0.00 ? 11 NH2 A N    10 
HETATM 1159 H HN1  . NH2 A 1 7 ? 2.974  2.414  4.575  1.00 0.00 ? 11 NH2 A HN1  10 
HETATM 1160 H HN2  . NH2 A 1 7 ? 2.766  1.379  3.070  1.00 0.00 ? 11 NH2 A HN2  10 
# 
